data_8TF2
#
_entry.id   8TF2
#
_cell.length_a   1.00
_cell.length_b   1.00
_cell.length_c   1.00
_cell.angle_alpha   90.00
_cell.angle_beta   90.00
_cell.angle_gamma   90.00
#
_symmetry.space_group_name_H-M   'P 1'
#
loop_
_entity.id
_entity.type
_entity.pdbx_description
1 polymer 'Transient receptor potential cation channel subfamily V member 5'
2 non-polymer ERGOSTEROL
3 non-polymer 1-PALMITOYL-2-LINOLEOYL-SN-GLYCERO-3-PHOSPHOCHOLINE
#
_entity_poly.entity_id   1
_entity_poly.type   'polypeptide(L)'
_entity_poly.pdbx_seq_one_letter_code
;MGACPPKAKGPWAQLQKLLISWPVGEQDWEQYRDRVNMLQQERIRDSPLLQAAKENDLRLLKILLLNQSCDFQQRGAVGE
TALHVAALYDNLEAATLLMEAAPELAKEPALCEPFVGQTALHIAVMNQNLNLVRALLARGASVSARATGAAFRRSPHNLI
YYGEHPLSFAACVGSEEIVRLLIEHGADIRAQDSLGNTVLHILILQPNKTFACQMYNLLLSYDEHSDHLQSLELVPNHQG
LTPFKLAGVEGNTVMFQHLMQKRKHVQWTCGPLTSTLYDLTEIDSWGEELSFLELVVSSKKREARQILEQTPVKELVSFK
WKKYGRPYFCVLASLYILYMICFTTCCIYRPLKLRDDNRTDPRDITILQQKLLQEAYVTHQDNIRLVGELVTVTGAVIIL
LLEIPDIFRVGASRYFGQTILGGPFHVIIITYASLVLLTMVMRLTNMNGEVVPLSFALVLGWCSVMYFARGFQMLGPFTI
MIQKMIFGDLMRFCWLMAVVILGFASAFHITFQTEDPNNLGEFSDYPTALFSTFELFLTIIDGPANYSVDLPFMYCITYA
AFAIIATLLMLNLFIAMMGDTHWRVAQERDELWRAQVVATTVMLERKMPRFLWPRSGICGYEYGLGDRWFLRVENHHDQN
PLRVLRYVEAFKCSDKEDGQEQLSEKRPSTVESGMLSRASVAFQTPSLSRTTSQSSNSHRGWEILRRNTLGHLNLGLDLG
EGDGEEVYHFTETSQVAPA
;
_entity_poly.pdbx_strand_id   A,B,C,D
#
# COMPACT_ATOMS: atom_id res chain seq x y z
N ASP A 28 15.35 -41.13 -10.99
CA ASP A 28 15.84 -39.72 -11.00
C ASP A 28 17.12 -39.61 -10.17
N TRP A 29 17.77 -38.45 -10.20
CA TRP A 29 19.03 -38.25 -9.46
C TRP A 29 18.80 -38.33 -7.95
N GLU A 30 17.67 -37.85 -7.42
CA GLU A 30 17.39 -37.85 -6.00
C GLU A 30 17.35 -39.26 -5.42
N GLN A 31 16.56 -40.18 -6.02
CA GLN A 31 16.42 -41.53 -5.50
C GLN A 31 17.70 -42.35 -5.68
N TYR A 32 18.51 -42.06 -6.70
CA TYR A 32 19.84 -42.64 -6.86
C TYR A 32 20.83 -42.15 -5.80
N ARG A 33 20.95 -40.85 -5.59
CA ARG A 33 21.86 -40.29 -4.55
C ARG A 33 21.41 -40.78 -3.18
N ASP A 34 20.11 -40.77 -2.89
CA ASP A 34 19.61 -41.37 -1.66
C ASP A 34 20.05 -42.82 -1.50
N ARG A 35 19.85 -43.68 -2.50
CA ARG A 35 20.31 -45.07 -2.46
C ARG A 35 21.81 -45.21 -2.22
N VAL A 36 22.64 -44.42 -2.90
CA VAL A 36 24.08 -44.36 -2.69
C VAL A 36 24.43 -44.08 -1.23
N ASN A 37 23.75 -43.13 -0.60
CA ASN A 37 23.92 -42.82 0.81
C ASN A 37 23.45 -43.95 1.74
N MET A 38 22.35 -44.62 1.42
CA MET A 38 21.88 -45.77 2.19
C MET A 38 22.85 -46.96 2.11
N LEU A 39 23.33 -47.30 0.91
CA LEU A 39 24.31 -48.37 0.71
C LEU A 39 25.63 -48.08 1.42
N GLN A 40 26.11 -46.83 1.36
CA GLN A 40 27.30 -46.40 2.08
C GLN A 40 27.18 -46.64 3.58
N GLN A 41 26.07 -46.25 4.21
CA GLN A 41 25.86 -46.48 5.64
C GLN A 41 25.71 -47.96 5.97
N GLU A 42 25.02 -48.75 5.15
CA GLU A 42 24.92 -50.19 5.33
C GLU A 42 26.28 -50.88 5.25
N ARG A 43 27.09 -50.59 4.23
CA ARG A 43 28.42 -51.18 4.07
C ARG A 43 29.37 -50.81 5.21
N ILE A 44 29.20 -49.64 5.83
CA ILE A 44 29.89 -49.31 7.07
C ILE A 44 29.38 -50.21 8.21
N ARG A 45 28.07 -50.32 8.45
CA ARG A 45 27.50 -51.19 9.50
C ARG A 45 27.93 -52.66 9.36
N ASP A 46 27.96 -53.16 8.14
CA ASP A 46 28.28 -54.55 7.81
C ASP A 46 29.78 -54.89 7.83
N SER A 47 30.67 -53.91 7.92
CA SER A 47 32.13 -54.13 7.88
C SER A 47 32.77 -53.65 9.19
N PRO A 48 33.30 -54.54 10.06
CA PRO A 48 33.72 -54.15 11.40
C PRO A 48 34.82 -53.09 11.44
N LEU A 49 35.73 -53.07 10.45
CA LEU A 49 36.78 -52.05 10.36
C LEU A 49 36.22 -50.66 10.04
N LEU A 50 35.30 -50.55 9.09
CA LEU A 50 34.66 -49.28 8.74
C LEU A 50 33.75 -48.81 9.87
N GLN A 51 33.03 -49.73 10.51
CA GLN A 51 32.21 -49.43 11.68
C GLN A 51 33.06 -48.85 12.82
N ALA A 52 34.24 -49.43 13.06
CA ALA A 52 35.17 -48.93 14.07
C ALA A 52 35.81 -47.59 13.67
N ALA A 53 36.12 -47.40 12.39
CA ALA A 53 36.58 -46.12 11.85
C ALA A 53 35.52 -45.02 12.00
N LYS A 54 34.23 -45.34 11.93
CA LYS A 54 33.10 -44.43 12.19
C LYS A 54 32.90 -44.14 13.68
N GLU A 55 32.93 -45.16 14.54
CA GLU A 55 32.73 -44.99 15.99
C GLU A 55 33.93 -44.41 16.76
N ASN A 56 35.15 -44.54 16.23
CA ASN A 56 36.41 -44.20 16.91
C ASN A 56 36.71 -45.09 18.14
N ASP A 57 36.15 -46.31 18.23
CA ASP A 57 36.50 -47.25 19.30
C ASP A 57 37.84 -47.93 19.02
N LEU A 58 38.89 -47.24 19.46
CA LEU A 58 40.29 -47.63 19.28
C LEU A 58 40.58 -49.04 19.82
N ARG A 59 39.86 -49.42 20.87
CA ARG A 59 40.00 -50.80 21.39
C ARG A 59 39.78 -51.79 20.26
N LEU A 60 38.57 -51.86 19.72
CA LEU A 60 38.26 -52.81 18.66
C LEU A 60 39.15 -52.58 17.43
N LEU A 61 39.42 -51.33 17.08
CA LEU A 61 40.22 -51.01 15.90
C LEU A 61 41.66 -51.57 16.02
N LYS A 62 42.28 -51.52 17.21
CA LYS A 62 43.56 -52.18 17.50
C LYS A 62 43.48 -53.69 17.29
N ILE A 63 42.48 -54.36 17.86
CA ILE A 63 42.28 -55.81 17.70
C ILE A 63 42.11 -56.21 16.23
N LEU A 64 41.34 -55.44 15.45
CA LEU A 64 41.15 -55.68 14.02
C LEU A 64 42.45 -55.50 13.22
N LEU A 65 43.18 -54.41 13.46
CA LEU A 65 44.41 -54.08 12.73
C LEU A 65 45.62 -54.92 13.14
N LEU A 66 45.63 -55.50 14.34
CA LEU A 66 46.64 -56.45 14.79
C LEU A 66 46.69 -57.71 13.93
N ASN A 67 45.55 -58.15 13.40
CA ASN A 67 45.46 -59.16 12.33
C ASN A 67 44.14 -59.03 11.54
N ASP A 71 41.67 -57.12 6.78
CA ASP A 71 42.02 -56.54 5.47
C ASP A 71 41.93 -55.01 5.48
N PHE A 72 43.07 -54.31 5.36
CA PHE A 72 43.11 -52.85 5.33
C PHE A 72 42.48 -52.24 4.08
N GLN A 73 42.44 -52.97 2.96
CA GLN A 73 41.86 -52.56 1.69
C GLN A 73 40.35 -52.82 1.58
N GLN A 74 39.65 -53.03 2.71
CA GLN A 74 38.19 -53.03 2.76
C GLN A 74 37.62 -51.75 2.15
N ARG A 75 36.63 -51.91 1.27
CA ARG A 75 36.03 -50.74 0.60
C ARG A 75 34.52 -50.65 0.84
N GLY A 76 34.01 -49.49 1.27
CA GLY A 76 32.59 -49.21 1.42
C GLY A 76 31.85 -49.22 0.06
N ALA A 77 30.61 -48.75 0.05
CA ALA A 77 29.74 -48.85 -1.14
C ALA A 77 30.22 -48.07 -2.37
N VAL A 78 31.05 -47.04 -2.18
CA VAL A 78 31.52 -46.16 -3.26
C VAL A 78 33.02 -46.29 -3.52
N GLY A 79 33.64 -47.37 -3.05
CA GLY A 79 35.08 -47.61 -3.17
C GLY A 79 35.92 -46.82 -2.16
N GLU A 80 35.31 -46.20 -1.16
CA GLU A 80 36.00 -45.48 -0.10
C GLU A 80 36.64 -46.44 0.90
N THR A 81 37.78 -46.10 1.48
CA THR A 81 38.51 -46.94 2.44
C THR A 81 38.04 -46.69 3.88
N ALA A 82 38.50 -47.49 4.83
CA ALA A 82 38.31 -47.19 6.26
C ALA A 82 38.90 -45.83 6.65
N LEU A 83 39.96 -45.35 6.00
CA LEU A 83 40.54 -44.03 6.25
C LEU A 83 39.68 -42.88 5.71
N HIS A 84 38.95 -43.07 4.62
CA HIS A 84 37.90 -42.14 4.20
C HIS A 84 36.79 -42.07 5.24
N VAL A 85 36.36 -43.22 5.76
CA VAL A 85 35.33 -43.28 6.82
C VAL A 85 35.81 -42.57 8.08
N ALA A 86 37.05 -42.80 8.51
CA ALA A 86 37.62 -42.08 9.65
C ALA A 86 37.70 -40.56 9.41
N ALA A 87 38.10 -40.13 8.21
CA ALA A 87 38.12 -38.72 7.85
C ALA A 87 36.71 -38.08 7.80
N LEU A 88 35.70 -38.80 7.33
CA LEU A 88 34.31 -38.33 7.24
C LEU A 88 33.73 -38.05 8.62
N TYR A 89 33.92 -38.99 9.55
CA TYR A 89 33.48 -38.84 10.93
C TYR A 89 34.47 -38.04 11.80
N ASP A 90 35.50 -37.47 11.19
CA ASP A 90 36.46 -36.55 11.81
C ASP A 90 37.30 -37.19 12.94
N ASN A 91 37.49 -38.51 12.84
CA ASN A 91 38.09 -39.38 13.85
C ASN A 91 39.61 -39.47 13.66
N LEU A 92 40.35 -38.46 14.11
CA LEU A 92 41.80 -38.37 13.96
C LEU A 92 42.54 -39.56 14.60
N GLU A 93 42.09 -40.05 15.75
CA GLU A 93 42.71 -41.19 16.42
C GLU A 93 42.55 -42.47 15.60
N ALA A 94 41.32 -42.79 15.13
CA ALA A 94 41.12 -43.91 14.22
C ALA A 94 41.91 -43.74 12.91
N ALA A 95 41.95 -42.53 12.35
CA ALA A 95 42.68 -42.25 11.12
C ALA A 95 44.19 -42.49 11.28
N THR A 96 44.79 -41.98 12.36
CA THR A 96 46.22 -42.21 12.64
C THR A 96 46.51 -43.68 12.96
N LEU A 97 45.65 -44.37 13.70
CA LEU A 97 45.77 -45.81 13.94
C LEU A 97 45.66 -46.63 12.64
N LEU A 98 44.74 -46.29 11.74
CA LEU A 98 44.62 -46.89 10.40
C LEU A 98 45.86 -46.62 9.54
N MET A 99 46.36 -45.39 9.53
CA MET A 99 47.55 -45.02 8.77
C MET A 99 48.82 -45.69 9.32
N GLU A 100 48.94 -45.86 10.64
CA GLU A 100 50.06 -46.60 11.23
C GLU A 100 50.05 -48.08 10.83
N ALA A 101 48.87 -48.69 10.68
CA ALA A 101 48.73 -50.07 10.20
C ALA A 101 48.88 -50.21 8.67
N ALA A 102 48.45 -49.20 7.90
CA ALA A 102 48.44 -49.23 6.44
C ALA A 102 48.67 -47.82 5.85
N PRO A 103 49.92 -47.33 5.78
CA PRO A 103 50.23 -45.98 5.31
C PRO A 103 49.75 -45.70 3.88
N GLU A 104 49.64 -46.73 3.05
CA GLU A 104 49.18 -46.63 1.66
C GLU A 104 47.75 -46.07 1.53
N LEU A 105 46.91 -46.19 2.58
CA LEU A 105 45.53 -45.72 2.53
C LEU A 105 45.42 -44.20 2.31
N ALA A 106 46.43 -43.41 2.72
CA ALA A 106 46.45 -41.97 2.49
C ALA A 106 46.42 -41.60 1.00
N LYS A 107 46.92 -42.48 0.13
CA LYS A 107 47.01 -42.30 -1.33
C LYS A 107 45.81 -42.84 -2.10
N GLU A 108 44.81 -43.41 -1.43
CA GLU A 108 43.68 -44.08 -2.08
C GLU A 108 42.56 -43.12 -2.52
N PRO A 109 42.11 -43.14 -3.78
CA PRO A 109 40.85 -42.54 -4.20
C PRO A 109 39.65 -43.47 -3.92
N ALA A 110 38.46 -42.89 -3.80
CA ALA A 110 37.18 -43.60 -3.95
C ALA A 110 36.87 -43.86 -5.44
N LEU A 111 36.04 -44.85 -5.74
CA LEU A 111 36.08 -45.56 -7.04
C LEU A 111 34.75 -45.60 -7.82
N CYS A 112 33.63 -45.21 -7.22
CA CYS A 112 32.30 -45.34 -7.84
C CYS A 112 31.64 -43.97 -8.08
N GLU A 113 30.81 -43.87 -9.11
CA GLU A 113 30.53 -42.64 -9.87
C GLU A 113 30.36 -41.33 -9.09
N PRO A 114 29.53 -41.23 -8.04
CA PRO A 114 29.37 -39.96 -7.34
C PRO A 114 30.65 -39.50 -6.65
N PHE A 115 31.52 -40.41 -6.20
CA PHE A 115 32.69 -40.10 -5.37
C PHE A 115 34.03 -40.40 -6.04
N VAL A 116 34.08 -40.68 -7.35
CA VAL A 116 35.33 -41.03 -8.06
C VAL A 116 36.43 -40.01 -7.79
N GLY A 117 37.60 -40.50 -7.39
CA GLY A 117 38.79 -39.68 -7.18
C GLY A 117 38.87 -38.96 -5.85
N GLN A 118 37.80 -38.98 -5.04
CA GLN A 118 37.82 -38.39 -3.70
C GLN A 118 38.80 -39.17 -2.80
N THR A 119 39.74 -38.48 -2.19
CA THR A 119 40.70 -39.06 -1.25
C THR A 119 40.31 -38.70 0.19
N ALA A 120 40.93 -39.34 1.18
CA ALA A 120 40.78 -38.93 2.58
C ALA A 120 41.24 -37.49 2.82
N LEU A 121 42.18 -36.96 2.02
CA LEU A 121 42.63 -35.57 2.09
C LEU A 121 41.51 -34.59 1.72
N HIS A 122 40.76 -34.84 0.65
CA HIS A 122 39.57 -34.04 0.29
C HIS A 122 38.57 -33.94 1.46
N ILE A 123 38.32 -35.05 2.14
CA ILE A 123 37.38 -35.13 3.25
C ILE A 123 37.91 -34.40 4.49
N ALA A 124 39.18 -34.62 4.85
CA ALA A 124 39.82 -33.93 5.98
C ALA A 124 39.84 -32.42 5.80
N VAL A 125 40.10 -31.95 4.58
CA VAL A 125 40.07 -30.52 4.22
C VAL A 125 38.67 -29.92 4.36
N MET A 126 37.62 -30.61 3.89
CA MET A 126 36.24 -30.17 4.13
C MET A 126 35.88 -30.11 5.61
N ASN A 127 36.29 -31.10 6.39
CA ASN A 127 36.11 -31.10 7.84
C ASN A 127 37.07 -30.15 8.59
N GLN A 128 37.91 -29.37 7.90
CA GLN A 128 38.89 -28.43 8.48
C GLN A 128 39.84 -29.05 9.52
N ASN A 129 40.05 -30.36 9.47
CA ASN A 129 40.90 -31.03 10.44
C ASN A 129 42.37 -30.87 10.04
N LEU A 130 42.98 -29.78 10.51
CA LEU A 130 44.36 -29.43 10.18
C LEU A 130 45.36 -30.52 10.61
N ASN A 131 45.15 -31.14 11.77
CA ASN A 131 46.00 -32.24 12.24
C ASN A 131 45.85 -33.50 11.39
N LEU A 132 44.65 -33.85 10.92
CA LEU A 132 44.46 -34.94 9.97
C LEU A 132 45.05 -34.61 8.60
N VAL A 133 44.93 -33.37 8.12
CA VAL A 133 45.57 -32.91 6.89
C VAL A 133 47.09 -33.04 6.99
N ARG A 134 47.71 -32.58 8.09
CA ARG A 134 49.15 -32.83 8.36
C ARG A 134 49.49 -34.31 8.38
N ALA A 135 48.71 -35.15 9.06
CA ALA A 135 48.96 -36.59 9.16
C ALA A 135 48.87 -37.33 7.81
N LEU A 136 47.99 -36.90 6.91
CA LEU A 136 47.84 -37.43 5.55
C LEU A 136 48.96 -36.94 4.63
N LEU A 137 49.34 -35.66 4.69
CA LEU A 137 50.43 -35.10 3.90
C LEU A 137 51.80 -35.68 4.32
N ALA A 138 52.01 -35.90 5.62
CA ALA A 138 53.17 -36.61 6.16
C ALA A 138 53.33 -38.05 5.63
N ARG A 139 52.26 -38.62 5.06
CA ARG A 139 52.21 -39.96 4.44
C ARG A 139 52.00 -39.94 2.93
N GLY A 140 52.22 -38.78 2.30
CA GLY A 140 52.21 -38.64 0.85
C GLY A 140 50.82 -38.68 0.19
N ALA A 141 49.75 -38.32 0.90
CA ALA A 141 48.47 -38.01 0.25
C ALA A 141 48.68 -36.94 -0.84
N SER A 142 48.17 -37.18 -2.05
CA SER A 142 48.44 -36.29 -3.19
C SER A 142 47.65 -34.99 -3.12
N VAL A 143 48.37 -33.86 -3.03
CA VAL A 143 47.79 -32.51 -3.11
C VAL A 143 47.17 -32.18 -4.47
N SER A 144 47.49 -32.94 -5.53
CA SER A 144 47.00 -32.76 -6.90
C SER A 144 45.90 -33.75 -7.29
N ALA A 145 45.38 -34.55 -6.36
CA ALA A 145 44.30 -35.50 -6.61
C ALA A 145 42.98 -34.81 -7.02
N ARG A 146 42.29 -35.32 -8.03
CA ARG A 146 41.03 -34.75 -8.53
C ARG A 146 39.82 -35.57 -8.12
N ALA A 147 38.91 -34.95 -7.39
CA ALA A 147 37.59 -35.48 -7.06
C ALA A 147 36.67 -35.40 -8.30
N THR A 148 36.95 -36.23 -9.30
CA THR A 148 36.26 -36.29 -10.61
C THR A 148 34.77 -36.64 -10.55
N GLY A 149 34.29 -37.28 -9.47
CA GLY A 149 32.95 -37.84 -9.37
C GLY A 149 31.79 -36.85 -9.45
N ALA A 150 30.58 -37.35 -9.72
CA ALA A 150 29.39 -36.56 -9.95
C ALA A 150 28.95 -35.69 -8.76
N ALA A 151 29.35 -36.01 -7.53
CA ALA A 151 29.04 -35.23 -6.33
C ALA A 151 29.82 -33.91 -6.24
N PHE A 152 30.85 -33.72 -7.05
CA PHE A 152 31.73 -32.55 -7.03
C PHE A 152 31.53 -31.60 -8.21
N ARG A 153 30.68 -31.98 -9.15
CA ARG A 153 30.48 -31.16 -10.36
C ARG A 153 29.51 -30.01 -10.07
N ARG A 154 29.70 -28.88 -10.74
CA ARG A 154 28.77 -27.75 -10.57
C ARG A 154 27.44 -28.21 -11.16
N SER A 155 26.41 -28.28 -10.34
CA SER A 155 25.09 -28.77 -10.75
C SER A 155 24.02 -28.39 -9.74
N PRO A 156 22.74 -28.28 -10.14
CA PRO A 156 21.63 -28.12 -9.19
C PRO A 156 21.45 -29.34 -8.27
N HIS A 157 21.96 -30.51 -8.65
CA HIS A 157 22.00 -31.72 -7.83
C HIS A 157 22.88 -31.58 -6.58
N ASN A 158 23.91 -30.74 -6.61
CA ASN A 158 24.91 -30.61 -5.55
C ASN A 158 24.74 -29.28 -4.82
N LEU A 159 24.68 -29.31 -3.48
CA LEU A 159 24.48 -28.12 -2.66
C LEU A 159 25.70 -27.20 -2.58
N ILE A 160 26.89 -27.71 -2.91
CA ILE A 160 28.16 -26.96 -2.98
C ILE A 160 28.91 -27.28 -4.26
N TYR A 161 29.80 -26.38 -4.64
CA TYR A 161 30.77 -26.60 -5.69
C TYR A 161 32.11 -26.00 -5.30
N TYR A 162 33.06 -26.86 -4.95
CA TYR A 162 34.42 -26.50 -4.54
C TYR A 162 35.48 -26.91 -5.59
N GLY A 163 35.06 -27.19 -6.83
CA GLY A 163 35.94 -27.78 -7.85
C GLY A 163 36.34 -29.20 -7.52
N GLU A 164 37.59 -29.59 -7.81
CA GLU A 164 38.03 -30.99 -7.72
C GLU A 164 39.29 -31.20 -6.87
N HIS A 165 40.01 -30.15 -6.47
CA HIS A 165 41.33 -30.24 -5.86
C HIS A 165 41.30 -29.89 -4.37
N PRO A 166 42.15 -30.49 -3.52
CA PRO A 166 42.22 -30.16 -2.10
C PRO A 166 42.44 -28.67 -1.82
N LEU A 167 43.22 -27.96 -2.65
CA LEU A 167 43.43 -26.51 -2.51
C LEU A 167 42.16 -25.69 -2.74
N SER A 168 41.36 -26.05 -3.74
CA SER A 168 40.06 -25.43 -3.99
C SER A 168 39.09 -25.69 -2.85
N PHE A 169 39.09 -26.91 -2.30
CA PHE A 169 38.27 -27.26 -1.14
C PHE A 169 38.69 -26.40 0.05
N ALA A 170 39.99 -26.32 0.36
CA ALA A 170 40.49 -25.53 1.48
C ALA A 170 40.16 -24.04 1.35
N ALA A 171 40.27 -23.49 0.13
CA ALA A 171 39.91 -22.11 -0.16
C ALA A 171 38.41 -21.83 0.01
N CYS A 172 37.53 -22.69 -0.50
CA CYS A 172 36.08 -22.47 -0.39
C CYS A 172 35.56 -22.67 1.03
N VAL A 173 36.13 -23.63 1.74
CA VAL A 173 35.93 -23.88 3.17
C VAL A 173 36.46 -22.72 4.04
N GLY A 174 37.34 -21.88 3.49
CA GLY A 174 37.82 -20.65 4.12
C GLY A 174 39.01 -20.86 5.07
N SER A 175 39.72 -21.97 4.95
CA SER A 175 40.85 -22.29 5.83
C SER A 175 42.16 -21.77 5.25
N GLU A 176 42.55 -20.57 5.67
CA GLU A 176 43.85 -19.96 5.31
C GLU A 176 45.01 -20.90 5.66
N GLU A 177 44.99 -21.51 6.85
CA GLU A 177 46.09 -22.34 7.31
C GLU A 177 46.22 -23.65 6.54
N ILE A 178 45.10 -24.31 6.20
CA ILE A 178 45.13 -25.48 5.31
C ILE A 178 45.54 -25.06 3.89
N VAL A 179 45.11 -23.90 3.38
CA VAL A 179 45.59 -23.41 2.07
C VAL A 179 47.10 -23.21 2.07
N ARG A 180 47.65 -22.52 3.07
CA ARG A 180 49.12 -22.36 3.12
C ARG A 180 49.78 -23.74 3.20
N LEU A 181 49.33 -24.61 4.10
CA LEU A 181 49.90 -25.95 4.26
C LEU A 181 49.90 -26.75 2.95
N LEU A 182 48.83 -26.69 2.16
CA LEU A 182 48.73 -27.34 0.86
C LEU A 182 49.67 -26.69 -0.18
N ILE A 183 49.79 -25.37 -0.20
CA ILE A 183 50.76 -24.67 -1.05
C ILE A 183 52.20 -25.05 -0.66
N GLU A 184 52.52 -25.13 0.63
CA GLU A 184 53.82 -25.59 1.14
C GLU A 184 54.14 -27.05 0.74
N HIS A 185 53.14 -27.91 0.58
CA HIS A 185 53.28 -29.26 0.01
C HIS A 185 53.16 -29.31 -1.52
N GLY A 186 53.08 -28.16 -2.19
CA GLY A 186 53.18 -28.04 -3.64
C GLY A 186 51.88 -28.22 -4.40
N ALA A 187 50.73 -27.93 -3.79
CA ALA A 187 49.45 -27.86 -4.49
C ALA A 187 49.51 -26.84 -5.64
N ASP A 188 49.24 -27.25 -6.88
CA ASP A 188 49.30 -26.36 -8.03
C ASP A 188 48.13 -25.36 -8.00
N ILE A 189 48.44 -24.10 -7.73
CA ILE A 189 47.44 -23.03 -7.65
C ILE A 189 46.79 -22.72 -9.01
N ARG A 190 47.44 -23.08 -10.12
CA ARG A 190 46.89 -22.94 -11.48
C ARG A 190 45.98 -24.09 -11.89
N ALA A 191 45.81 -25.13 -11.08
CA ALA A 191 45.06 -26.32 -11.44
C ALA A 191 43.60 -26.01 -11.82
N GLN A 192 43.11 -26.64 -12.88
CA GLN A 192 41.77 -26.45 -13.41
C GLN A 192 40.95 -27.73 -13.32
N ASP A 193 39.68 -27.61 -13.00
CA ASP A 193 38.76 -28.75 -12.94
C ASP A 193 38.08 -29.06 -14.29
N SER A 194 37.07 -29.94 -14.31
CA SER A 194 36.35 -30.33 -15.53
C SER A 194 35.55 -29.20 -16.21
N LEU A 195 35.30 -28.06 -15.54
CA LEU A 195 34.73 -26.85 -16.14
C LEU A 195 35.82 -25.87 -16.58
N GLY A 196 37.10 -26.19 -16.38
CA GLY A 196 38.23 -25.32 -16.61
C GLY A 196 38.41 -24.28 -15.51
N ASN A 197 37.66 -24.36 -14.43
CA ASN A 197 37.72 -23.37 -13.37
C ASN A 197 38.97 -23.57 -12.51
N THR A 198 39.73 -22.49 -12.32
CA THR A 198 40.79 -22.39 -11.31
C THR A 198 40.19 -22.05 -9.95
N VAL A 199 40.96 -22.18 -8.87
CA VAL A 199 40.51 -21.79 -7.53
C VAL A 199 39.99 -20.35 -7.45
N LEU A 200 40.49 -19.43 -8.27
CA LEU A 200 39.95 -18.07 -8.34
C LEU A 200 38.53 -18.03 -8.90
N HIS A 201 38.26 -18.72 -10.01
CA HIS A 201 36.89 -18.85 -10.53
C HIS A 201 35.95 -19.49 -9.51
N ILE A 202 36.42 -20.53 -8.82
CA ILE A 202 35.64 -21.25 -7.83
C ILE A 202 35.31 -20.35 -6.64
N LEU A 203 36.23 -19.49 -6.19
CA LEU A 203 35.97 -18.52 -5.12
C LEU A 203 34.94 -17.45 -5.50
N ILE A 204 34.85 -17.03 -6.75
CA ILE A 204 33.80 -16.11 -7.24
C ILE A 204 32.41 -16.74 -7.12
N LEU A 205 32.32 -18.06 -7.19
CA LEU A 205 31.06 -18.81 -7.15
C LEU A 205 30.53 -19.09 -5.74
N GLN A 206 31.30 -18.80 -4.68
CA GLN A 206 30.91 -19.09 -3.29
C GLN A 206 29.96 -18.04 -2.67
N PRO A 207 29.07 -18.41 -1.74
CA PRO A 207 28.20 -17.47 -1.03
C PRO A 207 28.90 -16.55 -0.02
N ASN A 208 30.01 -16.98 0.59
CA ASN A 208 30.71 -16.28 1.67
C ASN A 208 31.63 -15.13 1.18
N LYS A 209 31.09 -14.22 0.36
CA LYS A 209 31.83 -13.29 -0.52
C LYS A 209 32.98 -12.52 0.15
N THR A 210 32.82 -12.06 1.38
CA THR A 210 33.87 -11.32 2.12
C THR A 210 35.03 -12.22 2.54
N PHE A 211 34.77 -13.41 3.08
CA PHE A 211 35.82 -14.41 3.33
C PHE A 211 36.45 -14.87 2.01
N ALA A 212 35.67 -14.98 0.93
CA ALA A 212 36.20 -15.32 -0.38
C ALA A 212 37.17 -14.25 -0.91
N CYS A 213 36.93 -12.96 -0.68
CA CYS A 213 37.87 -11.89 -1.02
C CYS A 213 39.18 -11.98 -0.23
N GLN A 214 39.11 -12.29 1.07
CA GLN A 214 40.30 -12.53 1.89
C GLN A 214 41.12 -13.72 1.36
N MET A 215 40.46 -14.82 1.00
CA MET A 215 41.10 -15.95 0.35
C MET A 215 41.69 -15.61 -1.02
N TYR A 216 41.03 -14.78 -1.81
CA TYR A 216 41.46 -14.37 -3.14
C TYR A 216 42.80 -13.62 -3.08
N ASN A 217 42.98 -12.70 -2.12
CA ASN A 217 44.27 -12.06 -1.88
C ASN A 217 45.38 -13.04 -1.48
N LEU A 218 45.09 -14.01 -0.61
CA LEU A 218 46.05 -15.03 -0.21
C LEU A 218 46.52 -15.83 -1.42
N LEU A 219 45.60 -16.28 -2.27
CA LEU A 219 45.93 -17.06 -3.46
C LEU A 219 46.67 -16.23 -4.53
N LEU A 220 46.27 -14.97 -4.76
CA LEU A 220 47.05 -14.06 -5.62
C LEU A 220 48.47 -13.84 -5.11
N SER A 221 48.70 -13.87 -3.80
CA SER A 221 50.04 -13.72 -3.22
C SER A 221 51.02 -14.85 -3.62
N TYR A 222 50.51 -15.97 -4.10
CA TYR A 222 51.41 -17.12 -4.41
C TYR A 222 51.61 -17.22 -5.92
N ASP A 223 51.17 -16.20 -6.65
CA ASP A 223 51.29 -16.23 -8.12
C ASP A 223 52.50 -15.36 -8.49
N GLU A 224 53.30 -14.99 -7.50
CA GLU A 224 54.50 -14.15 -7.74
C GLU A 224 54.05 -12.78 -8.24
N GLN A 230 49.74 -14.34 -18.52
CA GLN A 230 50.52 -15.23 -17.66
C GLN A 230 49.90 -15.38 -16.26
N SER A 231 49.30 -14.32 -15.71
CA SER A 231 48.68 -14.36 -14.37
C SER A 231 47.49 -15.34 -14.29
N LEU A 232 47.28 -15.89 -13.11
CA LEU A 232 46.12 -16.71 -12.78
C LEU A 232 44.80 -15.95 -12.96
N GLU A 233 44.79 -14.62 -12.82
CA GLU A 233 43.62 -13.78 -13.13
C GLU A 233 43.24 -13.76 -14.61
N LEU A 234 44.13 -14.18 -15.51
CA LEU A 234 43.91 -14.16 -16.96
C LEU A 234 43.56 -15.54 -17.53
N VAL A 235 43.66 -16.60 -16.75
CA VAL A 235 43.32 -17.98 -17.17
C VAL A 235 41.81 -18.09 -17.42
N PRO A 236 41.36 -18.44 -18.63
CA PRO A 236 39.94 -18.64 -18.90
C PRO A 236 39.46 -20.06 -18.50
N ASN A 237 38.21 -20.19 -18.06
CA ASN A 237 37.55 -21.49 -17.94
C ASN A 237 37.04 -21.98 -19.32
N HIS A 238 36.34 -23.11 -19.39
CA HIS A 238 35.87 -23.65 -20.68
C HIS A 238 34.74 -22.84 -21.33
N GLN A 239 34.07 -21.97 -20.59
CA GLN A 239 33.16 -20.96 -21.14
C GLN A 239 33.90 -19.80 -21.81
N GLY A 240 35.22 -19.73 -21.66
CA GLY A 240 36.07 -18.62 -22.13
C GLY A 240 36.18 -17.45 -21.15
N LEU A 241 35.72 -17.62 -19.90
CA LEU A 241 35.63 -16.53 -18.92
C LEU A 241 36.87 -16.53 -18.02
N THR A 242 37.52 -15.39 -17.87
CA THR A 242 38.45 -15.12 -16.77
C THR A 242 37.68 -14.96 -15.46
N PRO A 243 38.34 -15.05 -14.29
CA PRO A 243 37.71 -14.74 -13.00
C PRO A 243 36.99 -13.39 -12.99
N PHE A 244 37.57 -12.35 -13.58
CA PHE A 244 36.95 -11.05 -13.72
C PHE A 244 35.63 -11.07 -14.52
N LYS A 245 35.59 -11.75 -15.67
CA LYS A 245 34.35 -11.90 -16.45
C LYS A 245 33.32 -12.74 -15.72
N LEU A 246 33.73 -13.79 -15.03
CA LEU A 246 32.86 -14.61 -14.21
C LEU A 246 32.23 -13.83 -13.06
N ALA A 247 32.96 -12.92 -12.40
CA ALA A 247 32.40 -12.05 -11.36
C ALA A 247 31.29 -11.14 -11.90
N GLY A 248 31.42 -10.68 -13.16
CA GLY A 248 30.38 -9.93 -13.85
C GLY A 248 29.16 -10.79 -14.20
N VAL A 249 29.37 -11.95 -14.82
CA VAL A 249 28.31 -12.88 -15.21
C VAL A 249 27.49 -13.37 -14.02
N GLU A 250 28.15 -13.71 -12.92
CA GLU A 250 27.53 -14.22 -11.70
C GLU A 250 26.95 -13.12 -10.81
N GLY A 251 27.15 -11.85 -11.14
CA GLY A 251 26.68 -10.73 -10.34
C GLY A 251 27.33 -10.60 -8.97
N ASN A 252 28.57 -11.09 -8.80
CA ASN A 252 29.28 -11.00 -7.55
C ASN A 252 29.86 -9.60 -7.35
N THR A 253 29.03 -8.65 -6.91
CA THR A 253 29.41 -7.24 -6.77
C THR A 253 30.48 -7.02 -5.71
N VAL A 254 30.51 -7.84 -4.67
CA VAL A 254 31.52 -7.81 -3.60
C VAL A 254 32.90 -8.22 -4.13
N MET A 255 32.98 -9.28 -4.93
CA MET A 255 34.23 -9.67 -5.59
C MET A 255 34.61 -8.71 -6.72
N PHE A 256 33.64 -8.15 -7.45
CA PHE A 256 33.90 -7.18 -8.51
C PHE A 256 34.54 -5.90 -7.94
N GLN A 257 33.98 -5.32 -6.89
CA GLN A 257 34.55 -4.13 -6.27
C GLN A 257 35.89 -4.42 -5.57
N HIS A 258 36.12 -5.64 -5.10
CA HIS A 258 37.43 -6.10 -4.65
C HIS A 258 38.46 -6.20 -5.80
N LEU A 259 38.10 -6.81 -6.93
CA LEU A 259 38.95 -6.90 -8.12
C LEU A 259 39.28 -5.52 -8.71
N MET A 260 38.38 -4.54 -8.56
CA MET A 260 38.65 -3.14 -8.92
C MET A 260 39.73 -2.46 -8.08
N GLN A 261 40.04 -2.90 -6.85
CA GLN A 261 41.07 -2.26 -6.02
C GLN A 261 42.48 -2.40 -6.60
N LYS A 262 42.75 -3.44 -7.39
CA LYS A 262 44.00 -3.62 -8.15
C LYS A 262 43.96 -3.04 -9.56
N ARG A 263 42.86 -2.36 -9.92
CA ARG A 263 42.68 -1.77 -11.29
C ARG A 263 42.37 -0.27 -11.19
N LYS A 264 42.44 0.34 -10.02
CA LYS A 264 42.29 1.79 -9.78
C LYS A 264 43.59 2.41 -9.25
N HIS A 265 43.83 3.66 -9.61
CA HIS A 265 44.93 4.50 -9.13
C HIS A 265 44.36 5.81 -8.59
N VAL A 266 44.64 6.17 -7.34
CA VAL A 266 44.25 7.48 -6.80
C VAL A 266 45.24 8.51 -7.29
N GLN A 267 44.80 9.44 -8.15
CA GLN A 267 45.65 10.50 -8.69
C GLN A 267 45.99 11.54 -7.63
N TRP A 268 44.99 12.01 -6.90
CA TRP A 268 45.10 12.97 -5.82
C TRP A 268 43.87 12.94 -4.92
N THR A 269 44.04 13.43 -3.70
CA THR A 269 42.98 13.79 -2.77
C THR A 269 43.24 15.21 -2.28
N CYS A 270 42.21 16.06 -2.23
CA CYS A 270 42.30 17.44 -1.80
C CYS A 270 41.06 17.79 -0.99
N GLY A 271 41.20 17.90 0.33
CA GLY A 271 40.04 18.08 1.22
C GLY A 271 39.00 16.96 1.06
N PRO A 272 37.74 17.27 0.73
CA PRO A 272 36.69 16.26 0.56
C PRO A 272 36.72 15.56 -0.82
N LEU A 273 37.60 15.97 -1.75
CA LEU A 273 37.60 15.49 -3.12
C LEU A 273 38.74 14.51 -3.38
N THR A 274 38.46 13.46 -4.13
CA THR A 274 39.47 12.55 -4.68
C THR A 274 39.27 12.41 -6.17
N SER A 275 40.35 12.37 -6.94
CA SER A 275 40.34 11.93 -8.34
C SER A 275 40.99 10.57 -8.45
N THR A 276 40.30 9.61 -9.04
CA THR A 276 40.77 8.25 -9.26
C THR A 276 40.72 7.91 -10.73
N LEU A 277 41.64 7.08 -11.18
CA LEU A 277 41.75 6.62 -12.55
C LEU A 277 41.55 5.10 -12.55
N TYR A 278 40.55 4.61 -13.28
CA TYR A 278 40.20 3.21 -13.37
C TYR A 278 40.60 2.62 -14.71
N ASP A 279 41.29 1.50 -14.72
CA ASP A 279 41.68 0.78 -15.91
C ASP A 279 40.48 0.10 -16.58
N LEU A 280 40.15 0.52 -17.79
CA LEU A 280 39.01 0.02 -18.53
C LEU A 280 39.25 -1.31 -19.25
N THR A 281 40.46 -1.85 -19.26
CA THR A 281 40.85 -2.96 -20.15
C THR A 281 39.91 -4.17 -20.08
N GLU A 282 39.62 -4.66 -18.87
CA GLU A 282 38.77 -5.82 -18.66
C GLU A 282 37.26 -5.52 -18.64
N ILE A 283 36.85 -4.25 -18.58
CA ILE A 283 35.44 -3.83 -18.65
C ILE A 283 35.04 -3.53 -20.10
N ASP A 284 35.75 -2.63 -20.75
CA ASP A 284 35.39 -2.14 -22.09
C ASP A 284 35.69 -3.19 -23.19
N SER A 285 36.64 -4.11 -22.95
CA SER A 285 36.84 -5.35 -23.72
C SER A 285 37.10 -5.15 -25.22
N TRP A 286 37.96 -4.21 -25.58
CA TRP A 286 38.14 -3.79 -26.97
C TRP A 286 38.56 -4.92 -27.92
N GLY A 287 37.94 -4.95 -29.11
CA GLY A 287 38.25 -5.90 -30.18
C GLY A 287 37.77 -7.34 -29.96
N GLU A 288 37.19 -7.65 -28.79
CA GLU A 288 36.72 -8.99 -28.46
C GLU A 288 35.30 -9.25 -29.00
N GLU A 289 35.02 -10.49 -29.41
CA GLU A 289 33.74 -10.89 -30.01
C GLU A 289 32.58 -10.94 -29.00
N LEU A 290 32.91 -11.06 -27.71
CA LEU A 290 31.97 -11.15 -26.60
C LEU A 290 32.56 -10.43 -25.37
N SER A 291 32.14 -9.17 -25.18
CA SER A 291 32.68 -8.26 -24.16
C SER A 291 32.20 -8.59 -22.75
N PHE A 292 32.87 -8.06 -21.73
CA PHE A 292 32.38 -8.08 -20.35
C PHE A 292 30.99 -7.46 -20.21
N LEU A 293 30.73 -6.29 -20.79
CA LEU A 293 29.42 -5.65 -20.69
C LEU A 293 28.32 -6.48 -21.36
N GLU A 294 28.60 -7.12 -22.49
CA GLU A 294 27.66 -8.05 -23.13
C GLU A 294 27.38 -9.29 -22.27
N LEU A 295 28.41 -9.87 -21.68
CA LEU A 295 28.28 -10.99 -20.75
C LEU A 295 27.46 -10.64 -19.52
N VAL A 296 27.56 -9.41 -19.00
CA VAL A 296 26.73 -8.94 -17.89
C VAL A 296 25.28 -8.72 -18.32
N VAL A 297 24.99 -7.95 -19.38
CA VAL A 297 23.59 -7.67 -19.79
C VAL A 297 22.86 -8.91 -20.33
N SER A 298 23.57 -9.89 -20.88
CA SER A 298 22.97 -11.13 -21.39
C SER A 298 22.94 -12.27 -20.37
N SER A 299 23.51 -12.10 -19.17
CA SER A 299 23.50 -13.13 -18.12
C SER A 299 22.08 -13.43 -17.62
N LYS A 300 21.79 -14.72 -17.37
CA LYS A 300 20.53 -15.18 -16.77
C LYS A 300 20.43 -14.93 -15.26
N LYS A 301 21.56 -14.68 -14.59
CA LYS A 301 21.59 -14.37 -13.15
C LYS A 301 20.98 -13.01 -12.89
N ARG A 302 19.98 -12.89 -12.01
CA ARG A 302 19.31 -11.59 -11.75
C ARG A 302 20.28 -10.63 -11.07
N GLU A 303 21.26 -11.16 -10.35
CA GLU A 303 22.29 -10.36 -9.69
C GLU A 303 23.26 -9.70 -10.66
N ALA A 304 23.41 -10.20 -11.90
CA ALA A 304 24.37 -9.65 -12.86
C ALA A 304 24.10 -8.16 -13.15
N ARG A 305 22.84 -7.75 -13.24
CA ARG A 305 22.47 -6.35 -13.46
C ARG A 305 22.96 -5.40 -12.36
N GLN A 306 23.26 -5.88 -11.17
CA GLN A 306 23.84 -5.06 -10.10
C GLN A 306 25.29 -4.65 -10.39
N ILE A 307 26.04 -5.41 -11.18
CA ILE A 307 27.40 -5.05 -11.62
C ILE A 307 27.39 -3.74 -12.42
N LEU A 308 26.31 -3.48 -13.17
CA LEU A 308 26.14 -2.27 -13.97
C LEU A 308 25.96 -1.00 -13.13
N GLU A 309 25.66 -1.13 -11.85
CA GLU A 309 25.54 -0.02 -10.90
C GLU A 309 26.84 0.26 -10.14
N GLN A 310 27.88 -0.53 -10.42
CA GLN A 310 29.22 -0.27 -9.81
C GLN A 310 29.74 1.05 -10.41
N THR A 311 30.57 1.79 -9.66
CA THR A 311 31.03 3.11 -10.14
C THR A 311 31.69 2.99 -11.52
N PRO A 312 32.65 2.07 -11.76
CA PRO A 312 33.34 2.03 -13.06
C PRO A 312 32.38 1.70 -14.20
N VAL A 313 31.65 0.59 -14.08
CA VAL A 313 30.74 0.15 -15.18
C VAL A 313 29.64 1.21 -15.37
N LYS A 314 29.01 1.65 -14.29
CA LYS A 314 27.89 2.62 -14.39
C LYS A 314 28.39 3.91 -15.07
N GLU A 315 29.50 4.50 -14.65
CA GLU A 315 29.99 5.78 -15.24
C GLU A 315 30.48 5.60 -16.67
N LEU A 316 30.99 4.43 -17.04
CA LEU A 316 31.37 4.20 -18.47
C LEU A 316 30.10 4.08 -19.32
N VAL A 317 29.12 3.29 -18.86
CA VAL A 317 27.90 3.07 -19.65
C VAL A 317 27.00 4.30 -19.65
N SER A 318 27.00 5.10 -18.59
CA SER A 318 26.33 6.40 -18.55
C SER A 318 26.95 7.38 -19.53
N PHE A 319 28.27 7.48 -19.63
CA PHE A 319 28.95 8.29 -20.65
C PHE A 319 28.58 7.84 -22.06
N LYS A 320 28.68 6.54 -22.33
CA LYS A 320 28.34 5.94 -23.64
C LYS A 320 26.91 6.24 -24.05
N TRP A 321 25.96 6.12 -23.12
CA TRP A 321 24.57 6.45 -23.38
C TRP A 321 24.34 7.94 -23.61
N LYS A 322 24.87 8.83 -22.75
CA LYS A 322 24.78 10.28 -22.93
C LYS A 322 25.32 10.75 -24.28
N LYS A 323 26.54 10.36 -24.66
CA LYS A 323 27.21 10.93 -25.83
C LYS A 323 26.82 10.28 -27.16
N TYR A 324 26.56 8.97 -27.19
CA TYR A 324 26.32 8.24 -28.43
C TYR A 324 25.02 7.45 -28.43
N GLY A 325 24.74 6.70 -27.37
CA GLY A 325 23.59 5.81 -27.30
C GLY A 325 22.25 6.52 -27.45
N ARG A 326 21.97 7.54 -26.66
CA ARG A 326 20.64 8.21 -26.74
C ARG A 326 20.52 8.90 -28.09
N PRO A 327 21.46 9.75 -28.57
CA PRO A 327 21.34 10.38 -29.88
C PRO A 327 21.05 9.40 -31.01
N TYR A 328 21.81 8.31 -31.11
CA TYR A 328 21.62 7.32 -32.17
C TYR A 328 20.33 6.51 -31.98
N PHE A 329 19.93 6.19 -30.76
CA PHE A 329 18.68 5.50 -30.52
C PHE A 329 17.46 6.37 -30.85
N CYS A 330 17.51 7.68 -30.62
CA CYS A 330 16.48 8.62 -31.08
C CYS A 330 16.40 8.72 -32.61
N VAL A 331 17.53 8.66 -33.31
CA VAL A 331 17.55 8.61 -34.79
C VAL A 331 16.93 7.30 -35.29
N LEU A 332 17.29 6.16 -34.71
CA LEU A 332 16.71 4.87 -35.08
C LEU A 332 15.21 4.78 -34.76
N ALA A 333 14.76 5.35 -33.64
CA ALA A 333 13.34 5.46 -33.31
C ALA A 333 12.59 6.29 -34.36
N SER A 334 13.16 7.44 -34.76
CA SER A 334 12.60 8.30 -35.79
C SER A 334 12.51 7.62 -37.15
N LEU A 335 13.59 6.99 -37.61
CA LEU A 335 13.62 6.24 -38.88
C LEU A 335 12.65 5.07 -38.87
N TYR A 336 12.54 4.31 -37.78
CA TYR A 336 11.59 3.21 -37.67
C TYR A 336 10.13 3.69 -37.68
N ILE A 337 9.81 4.81 -37.02
CA ILE A 337 8.48 5.42 -37.07
C ILE A 337 8.14 5.91 -38.48
N LEU A 338 9.06 6.58 -39.18
CA LEU A 338 8.86 6.97 -40.57
C LEU A 338 8.63 5.77 -41.49
N TYR A 339 9.39 4.68 -41.29
CA TYR A 339 9.18 3.42 -41.99
C TYR A 339 7.79 2.82 -41.72
N MET A 340 7.31 2.84 -40.49
CA MET A 340 5.95 2.41 -40.15
C MET A 340 4.85 3.30 -40.73
N ILE A 341 5.04 4.61 -40.79
CA ILE A 341 4.13 5.53 -41.48
C ILE A 341 4.10 5.25 -42.98
N CYS A 342 5.24 4.96 -43.60
CA CYS A 342 5.32 4.51 -44.99
C CYS A 342 4.55 3.21 -45.22
N PHE A 343 4.79 2.17 -44.44
CA PHE A 343 4.06 0.91 -44.54
C PHE A 343 2.55 1.08 -44.30
N THR A 344 2.17 1.89 -43.32
CA THR A 344 0.76 2.19 -43.05
C THR A 344 0.12 2.86 -44.24
N THR A 345 0.78 3.84 -44.85
CA THR A 345 0.30 4.51 -46.06
C THR A 345 0.14 3.54 -47.24
N CYS A 346 1.02 2.57 -47.41
CA CYS A 346 0.87 1.52 -48.43
C CYS A 346 -0.34 0.62 -48.19
N CYS A 347 -0.73 0.42 -46.93
CA CYS A 347 -1.96 -0.28 -46.57
C CYS A 347 -3.20 0.61 -46.78
N ILE A 348 -3.15 1.91 -46.50
CA ILE A 348 -4.28 2.82 -46.76
C ILE A 348 -4.56 2.89 -48.27
N TYR A 349 -3.52 2.95 -49.10
CA TYR A 349 -3.62 3.03 -50.56
C TYR A 349 -3.56 1.66 -51.28
N ARG A 350 -3.73 0.57 -50.54
CA ARG A 350 -3.79 -0.82 -51.03
C ARG A 350 -4.73 -0.97 -52.24
N PRO A 351 -4.33 -1.68 -53.32
CA PRO A 351 -5.03 -1.64 -54.60
C PRO A 351 -6.35 -2.45 -54.62
N LEU A 352 -7.49 -1.76 -54.59
CA LEU A 352 -8.83 -2.37 -54.60
C LEU A 352 -9.69 -1.86 -55.76
N LYS A 353 -10.60 -2.70 -56.26
CA LYS A 353 -11.56 -2.41 -57.33
C LYS A 353 -12.97 -2.87 -56.97
N LEU A 354 -13.98 -2.38 -57.68
CA LEU A 354 -15.36 -2.88 -57.54
C LEU A 354 -15.43 -4.39 -57.80
N ARG A 355 -16.12 -5.11 -56.91
CA ARG A 355 -16.34 -6.56 -57.01
C ARG A 355 -17.04 -6.91 -58.33
N ASP A 356 -16.52 -7.92 -59.04
CA ASP A 356 -17.10 -8.42 -60.29
C ASP A 356 -18.31 -9.34 -60.06
N ASP A 357 -18.24 -10.17 -59.02
CA ASP A 357 -19.31 -10.96 -58.44
C ASP A 357 -20.48 -10.09 -57.88
N ASN A 358 -21.64 -10.70 -57.61
CA ASN A 358 -22.84 -10.02 -57.10
C ASN A 358 -23.12 -10.35 -55.62
N ARG A 359 -23.65 -9.34 -54.91
CA ARG A 359 -24.06 -9.56 -53.51
C ARG A 359 -25.47 -10.13 -53.57
N THR A 360 -25.59 -11.41 -53.91
CA THR A 360 -26.86 -12.16 -54.00
C THR A 360 -27.41 -12.55 -52.62
N ASP A 361 -26.55 -12.82 -51.64
CA ASP A 361 -26.92 -13.02 -50.24
C ASP A 361 -27.21 -11.66 -49.57
N PRO A 362 -28.39 -11.43 -48.97
CA PRO A 362 -28.70 -10.16 -48.30
C PRO A 362 -27.79 -9.84 -47.10
N ARG A 363 -27.10 -10.84 -46.52
CA ARG A 363 -26.16 -10.63 -45.40
C ARG A 363 -24.73 -10.30 -45.87
N ASP A 364 -24.45 -10.35 -47.17
CA ASP A 364 -23.14 -10.04 -47.74
C ASP A 364 -22.97 -8.53 -47.98
N ILE A 365 -21.94 -7.94 -47.37
CA ILE A 365 -21.60 -6.51 -47.45
C ILE A 365 -20.32 -6.21 -48.22
N THR A 366 -19.66 -7.20 -48.83
CA THR A 366 -18.42 -6.95 -49.58
C THR A 366 -18.70 -6.30 -50.92
N ILE A 367 -18.21 -5.09 -51.14
CA ILE A 367 -18.41 -4.28 -52.36
C ILE A 367 -17.13 -4.10 -53.19
N LEU A 368 -15.95 -4.11 -52.57
CA LEU A 368 -14.66 -4.08 -53.27
C LEU A 368 -13.93 -5.42 -53.14
N GLN A 369 -12.87 -5.55 -53.92
CA GLN A 369 -12.08 -6.75 -54.14
C GLN A 369 -10.63 -6.35 -54.43
N GLN A 370 -9.65 -7.23 -54.20
CA GLN A 370 -8.27 -6.98 -54.63
C GLN A 370 -8.17 -6.80 -56.16
N LYS A 371 -7.42 -5.80 -56.62
CA LYS A 371 -6.92 -5.76 -57.99
C LYS A 371 -5.93 -6.91 -58.21
N LEU A 372 -5.90 -7.49 -59.41
CA LEU A 372 -4.82 -8.39 -59.82
C LEU A 372 -3.55 -7.57 -60.08
N LEU A 373 -2.38 -8.17 -59.96
CA LEU A 373 -1.07 -7.53 -60.15
C LEU A 373 -0.97 -6.75 -61.48
N GLN A 374 -1.45 -7.35 -62.57
CA GLN A 374 -1.46 -6.77 -63.91
C GLN A 374 -2.38 -5.53 -64.08
N GLU A 375 -3.23 -5.21 -63.10
CA GLU A 375 -4.07 -4.00 -63.07
C GLU A 375 -3.80 -3.12 -61.83
N ALA A 376 -2.96 -3.57 -60.89
CA ALA A 376 -2.62 -2.85 -59.66
C ALA A 376 -1.57 -1.73 -59.84
N TYR A 377 -0.88 -1.67 -60.98
CA TYR A 377 0.20 -0.70 -61.23
C TYR A 377 0.00 -0.01 -62.59
N VAL A 378 -0.82 1.05 -62.60
CA VAL A 378 -1.25 1.74 -63.83
C VAL A 378 -1.11 3.27 -63.71
N THR A 379 -1.62 3.84 -62.62
CA THR A 379 -1.63 5.29 -62.37
C THR A 379 -0.30 5.78 -61.78
N HIS A 380 -0.06 7.10 -61.80
CA HIS A 380 1.06 7.70 -61.10
C HIS A 380 1.00 7.43 -59.58
N GLN A 381 -0.19 7.44 -59.00
CA GLN A 381 -0.44 7.09 -57.60
C GLN A 381 -0.05 5.64 -57.29
N ASP A 382 -0.27 4.69 -58.21
CA ASP A 382 0.24 3.32 -58.04
C ASP A 382 1.76 3.24 -58.08
N ASN A 383 2.43 4.03 -58.92
CA ASN A 383 3.89 4.09 -58.96
C ASN A 383 4.47 4.75 -57.71
N ILE A 384 3.84 5.81 -57.18
CA ILE A 384 4.19 6.39 -55.87
C ILE A 384 4.03 5.34 -54.76
N ARG A 385 3.00 4.51 -54.83
CA ARG A 385 2.82 3.44 -53.82
C ARG A 385 3.84 2.33 -54.01
N LEU A 386 4.19 1.99 -55.25
CA LEU A 386 5.24 1.00 -55.51
C LEU A 386 6.56 1.40 -54.84
N VAL A 387 6.92 2.68 -54.84
CA VAL A 387 8.11 3.16 -54.10
C VAL A 387 7.96 2.91 -52.60
N GLY A 388 6.80 3.21 -52.00
CA GLY A 388 6.51 2.91 -50.60
C GLY A 388 6.48 1.41 -50.28
N GLU A 389 5.98 0.58 -51.19
CA GLU A 389 5.97 -0.87 -51.05
C GLU A 389 7.37 -1.47 -51.17
N LEU A 390 8.22 -0.96 -52.06
CA LEU A 390 9.63 -1.35 -52.17
C LEU A 390 10.44 -0.91 -50.96
N VAL A 391 10.19 0.27 -50.39
CA VAL A 391 10.74 0.69 -49.09
C VAL A 391 10.28 -0.26 -47.98
N THR A 392 8.99 -0.61 -47.95
CA THR A 392 8.42 -1.54 -46.97
C THR A 392 9.12 -2.90 -47.00
N VAL A 393 9.26 -3.50 -48.19
CA VAL A 393 9.97 -4.78 -48.39
C VAL A 393 11.45 -4.67 -48.07
N THR A 394 12.11 -3.57 -48.43
CA THR A 394 13.53 -3.35 -48.13
C THR A 394 13.78 -3.30 -46.63
N GLY A 395 12.98 -2.56 -45.87
CA GLY A 395 13.07 -2.54 -44.41
C GLY A 395 12.71 -3.89 -43.78
N ALA A 396 11.83 -4.69 -44.36
CA ALA A 396 11.56 -6.04 -43.88
C ALA A 396 12.77 -6.97 -44.08
N VAL A 397 13.46 -6.88 -45.21
CA VAL A 397 14.72 -7.59 -45.46
C VAL A 397 15.80 -7.10 -44.48
N ILE A 398 15.97 -5.80 -44.30
CA ILE A 398 16.94 -5.23 -43.35
C ILE A 398 16.67 -5.70 -41.92
N ILE A 399 15.42 -5.73 -41.46
CA ILE A 399 15.08 -6.29 -40.15
C ILE A 399 15.61 -7.71 -40.00
N LEU A 400 15.39 -8.59 -40.97
CA LEU A 400 15.90 -9.96 -40.89
C LEU A 400 17.44 -10.01 -40.94
N LEU A 401 18.10 -9.19 -41.76
CA LEU A 401 19.56 -9.11 -41.79
C LEU A 401 20.16 -8.62 -40.47
N LEU A 402 19.49 -7.73 -39.73
CA LEU A 402 19.92 -7.27 -38.42
C LEU A 402 19.57 -8.27 -37.30
N GLU A 403 18.39 -8.90 -37.34
CA GLU A 403 17.89 -9.80 -36.30
C GLU A 403 18.50 -11.19 -36.32
N ILE A 404 18.46 -11.88 -37.47
CA ILE A 404 18.73 -13.32 -37.52
C ILE A 404 20.15 -13.69 -37.06
N PRO A 405 21.22 -12.97 -37.43
CA PRO A 405 22.56 -13.24 -36.90
C PRO A 405 22.66 -13.13 -35.37
N ASP A 406 21.90 -12.25 -34.73
CA ASP A 406 21.95 -12.12 -33.26
C ASP A 406 21.25 -13.28 -32.53
N ILE A 407 20.27 -13.94 -33.16
CA ILE A 407 19.74 -15.22 -32.66
C ILE A 407 20.88 -16.23 -32.54
N PHE A 408 21.75 -16.32 -33.55
CA PHE A 408 22.85 -17.27 -33.58
C PHE A 408 23.96 -16.94 -32.57
N ARG A 409 24.33 -15.66 -32.42
CA ARG A 409 25.32 -15.23 -31.42
C ARG A 409 24.86 -15.53 -29.99
N VAL A 410 23.64 -15.12 -29.65
CA VAL A 410 23.14 -15.16 -28.27
C VAL A 410 22.56 -16.54 -27.92
N GLY A 411 22.04 -17.27 -28.90
CA GLY A 411 21.24 -18.47 -28.72
C GLY A 411 19.76 -18.12 -28.53
N ALA A 412 18.85 -18.77 -29.25
CA ALA A 412 17.47 -18.33 -29.40
C ALA A 412 16.72 -18.16 -28.07
N SER A 413 16.85 -19.09 -27.14
CA SER A 413 16.16 -19.03 -25.85
C SER A 413 16.63 -17.87 -24.97
N ARG A 414 17.92 -17.51 -25.01
CA ARG A 414 18.43 -16.30 -24.35
C ARG A 414 18.03 -15.04 -25.10
N TYR A 415 18.08 -15.05 -26.44
CA TYR A 415 17.73 -13.91 -27.28
C TYR A 415 16.27 -13.48 -27.12
N PHE A 416 15.32 -14.41 -27.31
CA PHE A 416 13.89 -14.15 -27.17
C PHE A 416 13.38 -14.16 -25.73
N GLY A 417 14.08 -14.82 -24.80
CA GLY A 417 13.65 -14.91 -23.41
C GLY A 417 13.99 -13.71 -22.54
N GLN A 418 15.14 -13.06 -22.77
CA GLN A 418 15.61 -11.97 -21.92
C GLN A 418 14.91 -10.64 -22.19
N THR A 419 14.22 -10.11 -21.17
CA THR A 419 13.64 -8.76 -21.14
C THR A 419 14.69 -7.69 -21.42
N ILE A 420 15.86 -7.79 -20.77
CA ILE A 420 16.95 -6.82 -20.87
C ILE A 420 17.43 -6.62 -22.32
N LEU A 421 17.56 -7.70 -23.08
CA LEU A 421 18.01 -7.65 -24.47
C LEU A 421 16.95 -7.16 -25.46
N GLY A 422 15.66 -7.20 -25.10
CA GLY A 422 14.54 -6.89 -26.00
C GLY A 422 13.72 -8.09 -26.46
N GLY A 423 13.81 -9.23 -25.77
CA GLY A 423 13.30 -10.54 -26.20
C GLY A 423 11.93 -10.57 -26.89
N PRO A 424 10.83 -10.15 -26.25
CA PRO A 424 9.51 -10.14 -26.89
C PRO A 424 9.42 -9.22 -28.12
N PHE A 425 10.14 -8.10 -28.14
CA PHE A 425 10.19 -7.23 -29.31
C PHE A 425 10.92 -7.86 -30.49
N HIS A 426 11.96 -8.67 -30.26
CA HIS A 426 12.61 -9.45 -31.30
C HIS A 426 11.69 -10.48 -31.92
N VAL A 427 10.85 -11.14 -31.13
CA VAL A 427 9.82 -12.05 -31.66
C VAL A 427 8.87 -11.32 -32.59
N ILE A 428 8.29 -10.19 -32.16
CA ILE A 428 7.27 -9.51 -32.97
C ILE A 428 7.86 -8.76 -34.16
N ILE A 429 9.09 -8.24 -34.10
CA ILE A 429 9.72 -7.59 -35.27
C ILE A 429 10.10 -8.60 -36.36
N ILE A 430 10.54 -9.81 -36.00
CA ILE A 430 10.77 -10.89 -36.96
C ILE A 430 9.43 -11.39 -37.53
N THR A 431 8.40 -11.47 -36.71
CA THR A 431 7.05 -11.85 -37.16
C THR A 431 6.50 -10.82 -38.14
N TYR A 432 6.63 -9.52 -37.84
CA TYR A 432 6.30 -8.42 -38.74
C TYR A 432 7.03 -8.55 -40.09
N ALA A 433 8.35 -8.69 -40.10
CA ALA A 433 9.10 -8.82 -41.35
C ALA A 433 8.71 -10.06 -42.15
N SER A 434 8.40 -11.17 -41.48
CA SER A 434 7.89 -12.39 -42.12
C SER A 434 6.52 -12.18 -42.77
N LEU A 435 5.59 -11.49 -42.10
CA LEU A 435 4.27 -11.17 -42.64
C LEU A 435 4.32 -10.19 -43.81
N VAL A 436 5.25 -9.24 -43.80
CA VAL A 436 5.49 -8.33 -44.93
C VAL A 436 5.98 -9.11 -46.15
N LEU A 437 6.97 -9.98 -46.00
CA LEU A 437 7.50 -10.76 -47.12
C LEU A 437 6.50 -11.80 -47.62
N LEU A 438 5.69 -12.41 -46.75
CA LEU A 438 4.53 -13.22 -47.13
C LEU A 438 3.54 -12.42 -47.98
N THR A 439 3.21 -11.19 -47.56
CA THR A 439 2.29 -10.33 -48.31
C THR A 439 2.83 -9.98 -49.69
N MET A 440 4.14 -9.74 -49.82
CA MET A 440 4.78 -9.52 -51.12
C MET A 440 4.63 -10.76 -52.03
N VAL A 441 4.84 -11.97 -51.51
CA VAL A 441 4.60 -13.20 -52.27
C VAL A 441 3.13 -13.31 -52.68
N MET A 442 2.18 -13.01 -51.80
CA MET A 442 0.75 -12.97 -52.14
C MET A 442 0.43 -11.95 -53.24
N ARG A 443 0.99 -10.74 -53.18
CA ARG A 443 0.82 -9.69 -54.20
C ARG A 443 1.32 -10.15 -55.56
N LEU A 444 2.51 -10.75 -55.61
CA LEU A 444 3.14 -11.22 -56.85
C LEU A 444 2.42 -12.44 -57.46
N THR A 445 1.66 -13.19 -56.66
CA THR A 445 0.97 -14.42 -57.08
C THR A 445 -0.55 -14.27 -57.23
N ASN A 446 -1.09 -13.05 -57.17
CA ASN A 446 -2.53 -12.76 -57.22
C ASN A 446 -3.35 -13.50 -56.14
N MET A 447 -2.73 -13.78 -54.99
CA MET A 447 -3.38 -14.52 -53.92
C MET A 447 -4.35 -13.62 -53.13
N ASN A 448 -5.61 -14.04 -53.01
CA ASN A 448 -6.61 -13.30 -52.27
C ASN A 448 -6.37 -13.39 -50.75
N GLY A 449 -6.77 -12.36 -50.00
CA GLY A 449 -6.69 -12.34 -48.55
C GLY A 449 -5.45 -11.65 -47.99
N GLU A 450 -4.87 -10.68 -48.69
CA GLU A 450 -3.74 -9.86 -48.16
C GLU A 450 -4.11 -9.10 -46.88
N VAL A 451 -5.41 -8.84 -46.64
CA VAL A 451 -5.93 -8.25 -45.41
C VAL A 451 -5.43 -8.99 -44.17
N VAL A 452 -5.33 -10.32 -44.22
CA VAL A 452 -4.99 -11.15 -43.07
C VAL A 452 -3.57 -10.86 -42.61
N PRO A 453 -2.49 -11.12 -43.39
CA PRO A 453 -1.15 -10.79 -42.96
C PRO A 453 -0.92 -9.29 -42.78
N LEU A 454 -1.55 -8.41 -43.57
CA LEU A 454 -1.42 -6.97 -43.39
C LEU A 454 -2.01 -6.48 -42.07
N SER A 455 -3.15 -6.99 -41.63
CA SER A 455 -3.74 -6.60 -40.35
C SER A 455 -2.87 -7.01 -39.18
N PHE A 456 -2.33 -8.23 -39.20
CA PHE A 456 -1.33 -8.65 -38.23
C PHE A 456 -0.07 -7.78 -38.30
N ALA A 457 0.47 -7.52 -39.50
CA ALA A 457 1.67 -6.71 -39.65
C ALA A 457 1.48 -5.25 -39.20
N LEU A 458 0.31 -4.64 -39.41
CA LEU A 458 0.01 -3.30 -38.90
C LEU A 458 0.00 -3.26 -37.38
N VAL A 459 -0.61 -4.24 -36.73
CA VAL A 459 -0.61 -4.34 -35.27
C VAL A 459 0.79 -4.61 -34.73
N LEU A 460 1.50 -5.63 -35.22
CA LEU A 460 2.83 -6.01 -34.72
C LEU A 460 3.91 -4.98 -35.08
N GLY A 461 3.83 -4.39 -36.26
CA GLY A 461 4.71 -3.32 -36.69
C GLY A 461 4.57 -2.10 -35.81
N TRP A 462 3.35 -1.61 -35.56
CA TRP A 462 3.15 -0.49 -34.64
C TRP A 462 3.45 -0.86 -33.19
N CYS A 463 3.01 -2.00 -32.66
CA CYS A 463 3.35 -2.38 -31.28
C CYS A 463 4.86 -2.51 -31.07
N SER A 464 5.63 -2.90 -32.08
CA SER A 464 7.10 -2.93 -32.00
C SER A 464 7.76 -1.54 -31.90
N VAL A 465 7.06 -0.43 -32.18
CA VAL A 465 7.55 0.92 -31.85
C VAL A 465 7.75 1.09 -30.34
N MET A 466 7.04 0.33 -29.51
CA MET A 466 7.28 0.31 -28.06
C MET A 466 8.65 -0.24 -27.68
N TYR A 467 9.40 -0.87 -28.59
CA TYR A 467 10.79 -1.21 -28.37
C TYR A 467 11.62 0.01 -27.99
N PHE A 468 11.39 1.14 -28.66
CA PHE A 468 12.12 2.38 -28.45
C PHE A 468 11.74 3.12 -27.18
N ALA A 469 10.68 2.71 -26.49
CA ALA A 469 10.33 3.25 -25.18
C ALA A 469 11.46 3.09 -24.16
N ARG A 470 12.35 2.12 -24.35
CA ARG A 470 13.47 1.85 -23.43
C ARG A 470 14.46 3.02 -23.40
N GLY A 471 14.51 3.85 -24.42
CA GLY A 471 15.41 4.99 -24.51
C GLY A 471 15.03 6.15 -23.60
N PHE A 472 13.84 6.13 -23.01
CA PHE A 472 13.26 7.26 -22.29
C PHE A 472 12.87 6.83 -20.88
N GLN A 473 13.22 7.62 -19.86
CA GLN A 473 12.84 7.33 -18.48
C GLN A 473 11.33 7.39 -18.26
N MET A 474 10.62 8.23 -19.01
CA MET A 474 9.17 8.35 -18.95
C MET A 474 8.43 7.08 -19.40
N LEU A 475 8.95 6.39 -20.42
CA LEU A 475 8.25 5.30 -21.11
C LEU A 475 8.83 3.91 -20.84
N GLY A 476 10.13 3.81 -20.56
CA GLY A 476 10.84 2.56 -20.45
C GLY A 476 10.39 1.68 -19.30
N PRO A 477 10.35 2.17 -18.04
CA PRO A 477 9.83 1.42 -16.90
C PRO A 477 8.37 1.03 -17.07
N PHE A 478 7.53 1.90 -17.62
CA PHE A 478 6.13 1.59 -17.94
C PHE A 478 5.99 0.48 -18.99
N THR A 479 6.84 0.44 -20.00
CA THR A 479 6.86 -0.64 -20.99
C THR A 479 7.28 -1.98 -20.39
N ILE A 480 8.13 -1.98 -19.36
CA ILE A 480 8.42 -3.18 -18.55
C ILE A 480 7.22 -3.61 -17.71
N MET A 481 6.48 -2.70 -17.08
CA MET A 481 5.21 -3.06 -16.43
C MET A 481 4.23 -3.69 -17.40
N ILE A 482 4.03 -3.14 -18.60
CA ILE A 482 3.15 -3.75 -19.61
C ILE A 482 3.55 -5.22 -19.81
N GLN A 483 4.82 -5.52 -20.03
CA GLN A 483 5.31 -6.87 -20.22
C GLN A 483 5.12 -7.78 -19.00
N LYS A 484 5.45 -7.29 -17.79
CA LYS A 484 5.29 -8.06 -16.55
C LYS A 484 3.82 -8.33 -16.22
N MET A 485 2.92 -7.42 -16.59
CA MET A 485 1.47 -7.64 -16.48
C MET A 485 0.91 -8.58 -17.54
N ILE A 486 1.40 -8.56 -18.78
CA ILE A 486 0.97 -9.52 -19.81
C ILE A 486 1.35 -10.95 -19.42
N PHE A 487 2.62 -11.19 -19.05
CA PHE A 487 3.09 -12.53 -18.72
C PHE A 487 2.64 -13.02 -17.34
N GLY A 488 2.25 -12.12 -16.44
CA GLY A 488 1.76 -12.42 -15.11
C GLY A 488 0.25 -12.35 -15.01
N ASP A 489 -0.27 -11.21 -14.55
CA ASP A 489 -1.68 -11.06 -14.19
C ASP A 489 -2.65 -11.27 -15.36
N LEU A 490 -2.33 -10.81 -16.56
CA LEU A 490 -3.20 -11.00 -17.72
C LEU A 490 -3.29 -12.48 -18.10
N MET A 491 -2.20 -13.23 -18.04
CA MET A 491 -2.19 -14.68 -18.28
C MET A 491 -3.12 -15.41 -17.31
N ARG A 492 -2.94 -15.22 -16.02
CA ARG A 492 -3.78 -15.88 -14.99
C ARG A 492 -5.23 -15.51 -15.20
N PHE A 493 -5.52 -14.25 -15.46
CA PHE A 493 -6.87 -13.79 -15.68
C PHE A 493 -7.51 -14.43 -16.90
N CYS A 494 -6.84 -14.41 -18.06
CA CYS A 494 -7.38 -14.97 -19.30
C CYS A 494 -7.67 -16.47 -19.20
N TRP A 495 -6.91 -17.23 -18.41
CA TRP A 495 -7.23 -18.64 -18.16
C TRP A 495 -8.56 -18.84 -17.44
N LEU A 496 -8.85 -18.10 -16.37
CA LEU A 496 -10.10 -18.28 -15.63
C LEU A 496 -11.27 -17.56 -16.32
N MET A 497 -11.02 -16.40 -16.91
CA MET A 497 -11.96 -15.69 -17.80
C MET A 497 -12.45 -16.58 -18.93
N ALA A 498 -11.59 -17.35 -19.61
CA ALA A 498 -11.98 -18.27 -20.68
C ALA A 498 -12.94 -19.36 -20.20
N VAL A 499 -12.68 -19.94 -19.03
CA VAL A 499 -13.56 -20.92 -18.38
C VAL A 499 -14.94 -20.33 -18.06
N VAL A 500 -14.99 -19.10 -17.56
CA VAL A 500 -16.26 -18.40 -17.30
C VAL A 500 -17.00 -18.08 -18.61
N ILE A 501 -16.30 -17.64 -19.66
CA ILE A 501 -16.91 -17.39 -20.97
C ILE A 501 -17.47 -18.66 -21.59
N LEU A 502 -16.79 -19.81 -21.49
CA LEU A 502 -17.30 -21.08 -22.02
C LEU A 502 -18.60 -21.50 -21.34
N GLY A 503 -18.70 -21.39 -20.03
CA GLY A 503 -19.93 -21.69 -19.30
C GLY A 503 -21.08 -20.80 -19.73
N PHE A 504 -20.88 -19.49 -19.65
CA PHE A 504 -21.92 -18.53 -19.93
C PHE A 504 -22.29 -18.41 -21.41
N ALA A 505 -21.35 -18.49 -22.34
CA ALA A 505 -21.67 -18.49 -23.78
C ALA A 505 -22.53 -19.68 -24.16
N SER A 506 -22.26 -20.84 -23.58
CA SER A 506 -23.06 -22.04 -23.82
C SER A 506 -24.46 -21.92 -23.23
N ALA A 507 -24.60 -21.40 -22.01
CA ALA A 507 -25.90 -21.13 -21.42
C ALA A 507 -26.71 -20.08 -22.19
N PHE A 508 -26.11 -18.96 -22.62
CA PHE A 508 -26.76 -17.97 -23.46
C PHE A 508 -27.14 -18.51 -24.82
N HIS A 509 -26.27 -19.28 -25.47
CA HIS A 509 -26.57 -19.89 -26.76
C HIS A 509 -27.77 -20.82 -26.66
N ILE A 510 -27.81 -21.76 -25.72
CA ILE A 510 -28.96 -22.65 -25.62
C ILE A 510 -30.23 -21.95 -25.14
N THR A 511 -30.12 -20.86 -24.39
CA THR A 511 -31.25 -20.00 -24.04
C THR A 511 -31.90 -19.37 -25.28
N PHE A 512 -31.12 -18.97 -26.26
CA PHE A 512 -31.62 -18.33 -27.48
C PHE A 512 -31.87 -19.28 -28.66
N GLN A 513 -31.45 -20.54 -28.61
CA GLN A 513 -31.68 -21.51 -29.69
C GLN A 513 -33.13 -21.59 -30.17
N THR A 514 -34.10 -21.51 -29.25
CA THR A 514 -35.53 -21.59 -29.55
C THR A 514 -36.16 -20.29 -30.05
N GLU A 515 -35.45 -19.18 -29.98
CA GLU A 515 -35.95 -17.84 -30.24
C GLU A 515 -35.51 -17.30 -31.61
N ASP A 516 -36.26 -16.36 -32.16
CA ASP A 516 -36.03 -15.78 -33.47
C ASP A 516 -34.73 -14.95 -33.52
N PRO A 517 -33.71 -15.32 -34.33
CA PRO A 517 -32.43 -14.64 -34.35
C PRO A 517 -32.51 -13.16 -34.76
N ASN A 518 -33.56 -12.75 -35.46
CA ASN A 518 -33.74 -11.37 -35.92
C ASN A 518 -34.14 -10.43 -34.79
N ASN A 519 -34.64 -10.94 -33.66
CA ASN A 519 -35.04 -10.12 -32.51
C ASN A 519 -33.93 -9.96 -31.46
N LEU A 520 -32.99 -10.90 -31.36
CA LEU A 520 -31.78 -10.79 -30.53
C LEU A 520 -30.65 -11.62 -31.18
N GLY A 521 -29.66 -10.93 -31.76
CA GLY A 521 -28.64 -11.54 -32.61
C GLY A 521 -27.39 -12.04 -31.91
N GLU A 522 -27.11 -11.56 -30.69
CA GLU A 522 -25.85 -11.75 -29.96
C GLU A 522 -25.47 -13.21 -29.76
N PHE A 523 -26.43 -14.12 -29.61
CA PHE A 523 -26.20 -15.52 -29.28
C PHE A 523 -26.76 -16.47 -30.34
N SER A 524 -26.92 -15.99 -31.57
CA SER A 524 -27.63 -16.67 -32.66
C SER A 524 -26.93 -17.91 -33.22
N ASP A 525 -25.60 -18.01 -33.11
CA ASP A 525 -24.84 -19.25 -33.26
C ASP A 525 -23.73 -19.32 -32.20
N TYR A 526 -23.11 -20.48 -32.02
CA TYR A 526 -22.17 -20.67 -30.93
C TYR A 526 -20.89 -19.80 -31.02
N PRO A 527 -20.27 -19.61 -32.20
CA PRO A 527 -19.16 -18.65 -32.35
C PRO A 527 -19.57 -17.21 -32.02
N THR A 528 -20.74 -16.74 -32.46
CA THR A 528 -21.25 -15.42 -32.08
C THR A 528 -21.52 -15.36 -30.59
N ALA A 529 -22.08 -16.41 -29.98
CA ALA A 529 -22.32 -16.43 -28.55
C ALA A 529 -21.02 -16.34 -27.73
N LEU A 530 -19.95 -17.02 -28.14
CA LEU A 530 -18.63 -16.88 -27.53
C LEU A 530 -18.12 -15.45 -27.63
N PHE A 531 -18.13 -14.87 -28.82
CA PHE A 531 -17.62 -13.53 -29.05
C PHE A 531 -18.43 -12.47 -28.31
N SER A 532 -19.76 -12.56 -28.35
CA SER A 532 -20.64 -11.69 -27.57
C SER A 532 -20.42 -11.87 -26.08
N THR A 533 -20.28 -13.09 -25.57
CA THR A 533 -19.99 -13.30 -24.15
C THR A 533 -18.64 -12.72 -23.75
N PHE A 534 -17.62 -12.85 -24.59
CA PHE A 534 -16.34 -12.20 -24.40
C PHE A 534 -16.44 -10.66 -24.37
N GLU A 535 -17.17 -10.05 -25.30
CA GLU A 535 -17.40 -8.60 -25.30
C GLU A 535 -18.28 -8.13 -24.14
N LEU A 536 -19.27 -8.92 -23.72
CA LEU A 536 -20.09 -8.67 -22.55
C LEU A 536 -19.31 -8.81 -21.25
N PHE A 537 -18.37 -9.76 -21.15
CA PHE A 537 -17.48 -9.90 -20.01
C PHE A 537 -16.69 -8.62 -19.81
N LEU A 538 -16.14 -8.10 -20.90
CA LEU A 538 -15.30 -6.90 -20.89
C LEU A 538 -16.13 -5.64 -20.91
N THR A 539 -17.44 -5.75 -21.01
CA THR A 539 -18.38 -4.60 -21.04
C THR A 539 -18.10 -3.70 -22.23
N ILE A 540 -17.80 -4.27 -23.39
CA ILE A 540 -17.45 -3.48 -24.59
C ILE A 540 -18.64 -3.52 -25.55
N ILE A 541 -19.64 -4.33 -25.26
CA ILE A 541 -20.92 -4.32 -26.02
C ILE A 541 -22.00 -4.25 -24.94
N ASP A 542 -23.12 -3.60 -25.24
CA ASP A 542 -24.18 -3.42 -24.22
C ASP A 542 -24.91 -4.73 -23.99
N GLY A 543 -25.44 -4.91 -22.79
CA GLY A 543 -26.16 -6.14 -22.44
C GLY A 543 -27.33 -6.26 -23.35
N PRO A 544 -27.62 -7.41 -23.99
CA PRO A 544 -28.64 -7.38 -25.01
C PRO A 544 -30.03 -7.26 -24.41
N ALA A 545 -30.84 -6.41 -25.02
CA ALA A 545 -32.18 -6.09 -24.60
C ALA A 545 -33.03 -5.76 -25.82
N ASN A 546 -34.32 -6.05 -25.76
CA ASN A 546 -35.29 -5.68 -26.76
C ASN A 546 -36.65 -5.59 -26.09
N TYR A 547 -37.01 -4.41 -25.60
CA TYR A 547 -38.23 -4.21 -24.82
C TYR A 547 -39.52 -4.37 -25.65
N SER A 548 -39.41 -4.45 -26.98
CA SER A 548 -40.54 -4.72 -27.87
C SER A 548 -40.95 -6.20 -27.94
N VAL A 549 -40.21 -7.11 -27.32
CA VAL A 549 -40.47 -8.57 -27.28
C VAL A 549 -40.24 -9.15 -25.90
N ASP A 550 -40.79 -10.34 -25.66
CA ASP A 550 -40.51 -11.15 -24.48
C ASP A 550 -39.25 -12.00 -24.68
N LEU A 551 -38.15 -11.63 -24.03
CA LEU A 551 -36.97 -12.48 -23.94
C LEU A 551 -37.23 -13.66 -22.99
N PRO A 552 -36.57 -14.82 -23.18
CA PRO A 552 -36.70 -15.93 -22.26
C PRO A 552 -36.27 -15.53 -20.83
N PHE A 553 -37.02 -15.96 -19.82
CA PHE A 553 -36.76 -15.61 -18.41
C PHE A 553 -35.39 -16.12 -17.94
N MET A 554 -34.95 -17.23 -18.53
CA MET A 554 -33.64 -17.84 -18.26
C MET A 554 -32.48 -16.94 -18.70
N TYR A 555 -32.68 -16.04 -19.66
CA TYR A 555 -31.68 -15.05 -20.03
C TYR A 555 -31.46 -14.04 -18.91
N CYS A 556 -32.51 -13.48 -18.31
CA CYS A 556 -32.38 -12.50 -17.23
C CYS A 556 -31.68 -13.11 -16.00
N ILE A 557 -32.00 -14.36 -15.64
CA ILE A 557 -31.35 -15.09 -14.55
C ILE A 557 -29.87 -15.32 -14.87
N THR A 558 -29.56 -15.85 -16.05
CA THR A 558 -28.18 -16.15 -16.47
C THR A 558 -27.35 -14.88 -16.60
N TYR A 559 -27.91 -13.82 -17.19
CA TYR A 559 -27.23 -12.54 -17.36
C TYR A 559 -27.01 -11.81 -16.04
N ALA A 560 -27.90 -11.92 -15.06
CA ALA A 560 -27.65 -11.38 -13.73
C ALA A 560 -26.48 -12.07 -13.03
N ALA A 561 -26.39 -13.41 -13.07
CA ALA A 561 -25.25 -14.14 -12.53
C ALA A 561 -23.96 -13.81 -13.27
N PHE A 562 -24.00 -13.72 -14.60
CA PHE A 562 -22.86 -13.32 -15.42
C PHE A 562 -22.39 -11.90 -15.10
N ALA A 563 -23.29 -10.95 -15.02
CA ALA A 563 -22.97 -9.58 -14.70
C ALA A 563 -22.29 -9.45 -13.33
N ILE A 564 -22.75 -10.17 -12.31
CA ILE A 564 -22.11 -10.22 -10.99
C ILE A 564 -20.75 -10.91 -11.04
N ILE A 565 -20.61 -12.06 -11.69
CA ILE A 565 -19.36 -12.84 -11.70
C ILE A 565 -18.31 -12.21 -12.62
N ALA A 566 -18.64 -11.95 -13.88
CA ALA A 566 -17.71 -11.39 -14.84
C ALA A 566 -17.46 -9.91 -14.58
N THR A 567 -18.46 -9.06 -14.61
CA THR A 567 -18.17 -7.61 -14.58
C THR A 567 -17.98 -7.07 -13.17
N LEU A 568 -18.84 -7.36 -12.22
CA LEU A 568 -18.63 -6.74 -10.89
C LEU A 568 -17.41 -7.37 -10.25
N LEU A 569 -17.34 -8.69 -10.18
CA LEU A 569 -16.23 -9.29 -9.42
C LEU A 569 -14.95 -9.43 -10.23
N MET A 570 -14.94 -10.22 -11.28
CA MET A 570 -13.65 -10.57 -11.95
C MET A 570 -12.99 -9.40 -12.68
N LEU A 571 -13.76 -8.59 -13.37
CA LEU A 571 -13.18 -7.45 -14.08
C LEU A 571 -12.60 -6.40 -13.12
N ASN A 572 -13.20 -6.20 -11.95
CA ASN A 572 -12.68 -5.30 -10.92
C ASN A 572 -11.59 -5.94 -10.07
N LEU A 573 -11.67 -7.25 -9.81
CA LEU A 573 -10.60 -8.01 -9.18
C LEU A 573 -9.32 -8.01 -10.02
N PHE A 574 -9.41 -7.94 -11.36
CA PHE A 574 -8.25 -7.74 -12.22
C PHE A 574 -7.52 -6.44 -11.91
N ILE A 575 -8.25 -5.33 -11.78
CA ILE A 575 -7.70 -4.02 -11.37
C ILE A 575 -7.04 -4.14 -10.00
N ALA A 576 -7.70 -4.78 -9.03
CA ALA A 576 -7.17 -4.98 -7.70
C ALA A 576 -5.86 -5.79 -7.69
N MET A 577 -5.79 -6.92 -8.40
CA MET A 577 -4.57 -7.71 -8.42
C MET A 577 -3.45 -7.05 -9.21
N MET A 578 -3.76 -6.33 -10.28
CA MET A 578 -2.79 -5.46 -10.95
C MET A 578 -2.26 -4.38 -10.03
N GLY A 579 -3.12 -3.67 -9.28
CA GLY A 579 -2.68 -2.67 -8.31
C GLY A 579 -1.76 -3.27 -7.25
N ASP A 580 -2.06 -4.48 -6.80
CA ASP A 580 -1.27 -5.20 -5.82
C ASP A 580 0.05 -5.79 -6.36
N THR A 581 0.12 -6.12 -7.64
CA THR A 581 1.37 -6.46 -8.33
C THR A 581 2.22 -5.22 -8.57
N HIS A 582 1.61 -4.11 -8.96
CA HIS A 582 2.31 -2.91 -9.39
C HIS A 582 3.26 -2.39 -8.30
N TRP A 583 2.79 -2.26 -7.06
CA TRP A 583 3.64 -1.72 -5.99
C TRP A 583 4.80 -2.66 -5.62
N ARG A 584 4.63 -3.97 -5.76
CA ARG A 584 5.66 -4.99 -5.51
C ARG A 584 6.74 -5.03 -6.58
N VAL A 585 6.31 -4.93 -7.84
CA VAL A 585 7.17 -5.00 -9.02
C VAL A 585 7.93 -3.69 -9.28
N ALA A 586 7.46 -2.55 -8.78
CA ALA A 586 8.00 -1.23 -9.10
C ALA A 586 9.52 -1.08 -8.91
N GLN A 587 10.13 -1.66 -7.88
CA GLN A 587 11.57 -1.57 -7.71
C GLN A 587 12.33 -2.37 -8.77
N GLU A 588 11.93 -3.62 -9.04
CA GLU A 588 12.50 -4.43 -10.11
C GLU A 588 12.29 -3.81 -11.49
N ARG A 589 11.12 -3.22 -11.76
CA ARG A 589 10.83 -2.49 -13.00
C ARG A 589 11.87 -1.42 -13.30
N ASP A 590 12.29 -0.66 -12.31
CA ASP A 590 13.32 0.37 -12.46
C ASP A 590 14.72 -0.21 -12.68
N GLU A 591 15.08 -1.26 -11.94
CA GLU A 591 16.35 -1.97 -12.11
C GLU A 591 16.47 -2.62 -13.49
N LEU A 592 15.38 -3.20 -13.99
CA LEU A 592 15.29 -3.74 -15.35
C LEU A 592 15.38 -2.62 -16.40
N TRP A 593 14.78 -1.47 -16.18
CA TRP A 593 14.90 -0.36 -17.14
C TRP A 593 16.33 0.16 -17.23
N ARG A 594 16.96 0.41 -16.10
CA ARG A 594 18.38 0.85 -16.08
C ARG A 594 19.26 -0.19 -16.77
N ALA A 595 19.05 -1.50 -16.59
CA ALA A 595 19.76 -2.53 -17.33
C ALA A 595 19.42 -2.59 -18.83
N GLN A 596 18.19 -2.32 -19.26
CA GLN A 596 17.82 -2.21 -20.68
C GLN A 596 18.53 -1.07 -21.38
N VAL A 597 18.75 0.06 -20.71
CA VAL A 597 19.52 1.19 -21.26
C VAL A 597 20.96 0.76 -21.53
N VAL A 598 21.58 0.03 -20.62
CA VAL A 598 22.94 -0.50 -20.81
C VAL A 598 22.97 -1.53 -21.93
N ALA A 599 22.03 -2.47 -21.97
CA ALA A 599 21.93 -3.45 -23.05
C ALA A 599 21.74 -2.80 -24.42
N THR A 600 20.97 -1.72 -24.51
CA THR A 600 20.80 -0.93 -25.73
C THR A 600 22.12 -0.30 -26.15
N THR A 601 22.84 0.30 -25.20
CA THR A 601 24.15 0.91 -25.42
C THR A 601 25.17 -0.10 -25.95
N VAL A 602 25.22 -1.28 -25.34
CA VAL A 602 26.10 -2.39 -25.71
C VAL A 602 25.74 -2.93 -27.10
N MET A 603 24.45 -3.09 -27.41
CA MET A 603 23.95 -3.50 -28.71
C MET A 603 24.29 -2.49 -29.81
N LEU A 604 24.04 -1.20 -29.59
CA LEU A 604 24.31 -0.15 -30.57
C LEU A 604 25.81 -0.06 -30.87
N GLU A 605 26.67 -0.06 -29.85
CA GLU A 605 28.11 0.01 -30.08
C GLU A 605 28.65 -1.21 -30.84
N ARG A 606 28.09 -2.40 -30.58
CA ARG A 606 28.42 -3.64 -31.27
C ARG A 606 28.00 -3.62 -32.74
N LYS A 607 26.76 -3.21 -33.02
CA LYS A 607 26.14 -3.31 -34.35
C LYS A 607 26.45 -2.13 -35.27
N MET A 608 26.55 -0.91 -34.77
CA MET A 608 26.81 0.28 -35.59
C MET A 608 28.25 0.34 -36.10
N PRO A 609 28.52 1.09 -37.19
CA PRO A 609 29.89 1.36 -37.66
C PRO A 609 30.78 1.98 -36.58
N ARG A 610 32.01 1.49 -36.45
CA ARG A 610 32.93 1.95 -35.39
C ARG A 610 33.32 3.42 -35.49
N PHE A 611 33.28 4.05 -36.67
CA PHE A 611 33.54 5.49 -36.79
C PHE A 611 32.48 6.35 -36.06
N LEU A 612 31.29 5.82 -35.79
CA LEU A 612 30.25 6.50 -35.00
C LEU A 612 30.43 6.30 -33.49
N TRP A 613 31.27 5.35 -33.07
CA TRP A 613 31.50 4.97 -31.67
C TRP A 613 32.99 5.03 -31.31
N PRO A 614 33.58 6.24 -31.15
CA PRO A 614 34.94 6.40 -30.66
C PRO A 614 35.20 5.65 -29.35
N ARG A 615 36.38 5.06 -29.20
CA ARG A 615 36.75 4.28 -28.02
C ARG A 615 36.57 5.11 -26.75
N SER A 616 35.91 4.52 -25.75
CA SER A 616 35.51 5.22 -24.52
C SER A 616 36.64 5.38 -23.53
N GLY A 617 36.57 6.45 -22.74
CA GLY A 617 37.60 6.77 -21.76
C GLY A 617 38.78 7.53 -22.35
N ILE A 618 39.90 7.42 -21.65
CA ILE A 618 41.11 8.23 -21.77
C ILE A 618 42.24 7.34 -22.28
N CYS A 619 42.84 7.67 -23.41
CA CYS A 619 43.98 6.92 -23.95
C CYS A 619 45.23 7.17 -23.12
N GLY A 620 45.79 6.14 -22.49
CA GLY A 620 47.00 6.25 -21.69
C GLY A 620 48.27 6.59 -22.47
N TYR A 621 48.33 6.27 -23.76
CA TYR A 621 49.48 6.53 -24.61
C TYR A 621 49.76 8.04 -24.76
N GLU A 622 48.72 8.88 -24.70
CA GLU A 622 48.85 10.34 -24.73
C GLU A 622 49.59 10.91 -23.51
N TYR A 623 49.71 10.14 -22.42
CA TYR A 623 50.21 10.59 -21.12
C TYR A 623 51.34 9.72 -20.54
N GLY A 624 51.94 8.86 -21.36
CA GLY A 624 53.03 7.97 -20.95
C GLY A 624 52.61 6.76 -20.11
N LEU A 625 51.31 6.44 -20.05
CA LEU A 625 50.74 5.33 -19.29
C LEU A 625 50.67 3.99 -20.07
N GLY A 626 51.10 4.00 -21.31
CA GLY A 626 51.08 2.74 -22.06
C GLY A 626 49.90 2.63 -22.99
N ASP A 627 49.52 1.41 -23.33
CA ASP A 627 48.43 1.19 -24.31
C ASP A 627 47.10 1.03 -23.59
N ARG A 628 47.05 1.32 -22.31
CA ARG A 628 45.79 1.09 -21.61
C ARG A 628 44.88 2.29 -21.71
N TRP A 629 43.59 2.06 -21.60
CA TRP A 629 42.58 3.10 -21.58
C TRP A 629 41.91 3.16 -20.22
N PHE A 630 41.50 4.36 -19.79
CA PHE A 630 41.06 4.62 -18.43
C PHE A 630 39.77 5.40 -18.35
N LEU A 631 39.08 5.32 -17.23
CA LEU A 631 38.03 6.27 -16.85
C LEU A 631 38.48 7.03 -15.62
N ARG A 632 38.41 8.36 -15.64
CA ARG A 632 38.72 9.16 -14.44
C ARG A 632 37.42 9.49 -13.73
N VAL A 633 37.31 9.08 -12.49
CA VAL A 633 36.16 9.37 -11.64
C VAL A 633 36.63 10.25 -10.50
N GLU A 634 36.04 11.45 -10.40
CA GLU A 634 36.26 12.36 -9.29
C GLU A 634 35.05 12.36 -8.36
N ASN A 635 35.27 12.20 -7.06
CA ASN A 635 34.21 11.97 -6.09
C ASN A 635 34.44 12.75 -4.79
N HIS A 636 33.34 13.01 -4.11
CA HIS A 636 33.26 13.71 -2.83
C HIS A 636 33.05 12.70 -1.70
N HIS A 637 33.79 12.84 -0.60
CA HIS A 637 33.74 11.94 0.56
C HIS A 637 33.88 12.68 1.88
N ASP B 28 -27.60 -18.86 30.50
CA ASP B 28 -26.40 -19.24 29.71
C ASP B 28 -25.27 -19.67 30.66
N TRP B 29 -24.17 -20.19 30.12
CA TRP B 29 -23.05 -20.64 30.95
C TRP B 29 -22.39 -19.48 31.70
N GLU B 30 -22.29 -18.28 31.11
CA GLU B 30 -21.66 -17.14 31.75
C GLU B 30 -22.37 -16.73 33.04
N GLN B 31 -23.69 -16.54 33.01
CA GLN B 31 -24.43 -16.09 34.19
C GLN B 31 -24.50 -17.18 35.27
N TYR B 32 -24.48 -18.46 34.89
CA TYR B 32 -24.34 -19.57 35.83
C TYR B 32 -22.97 -19.62 36.49
N ARG B 33 -21.88 -19.58 35.72
CA ARG B 33 -20.51 -19.58 36.31
C ARG B 33 -20.32 -18.34 37.18
N ASP B 34 -20.77 -17.18 36.73
CA ASP B 34 -20.76 -15.99 37.58
C ASP B 34 -21.48 -16.22 38.90
N ARG B 35 -22.72 -16.73 38.89
CA ARG B 35 -23.46 -17.05 40.12
C ARG B 35 -22.73 -18.03 41.03
N VAL B 36 -22.16 -19.10 40.48
CA VAL B 36 -21.32 -20.07 41.21
C VAL B 36 -20.18 -19.36 41.95
N ASN B 37 -19.49 -18.43 41.29
CA ASN B 37 -18.43 -17.64 41.90
C ASN B 37 -18.95 -16.68 42.98
N MET B 38 -20.10 -16.06 42.79
CA MET B 38 -20.71 -15.21 43.81
C MET B 38 -21.14 -15.99 45.05
N LEU B 39 -21.79 -17.14 44.87
CA LEU B 39 -22.20 -18.01 45.98
C LEU B 39 -20.99 -18.55 46.75
N GLN B 40 -19.93 -18.94 46.05
CA GLN B 40 -18.68 -19.37 46.67
C GLN B 40 -18.10 -18.30 47.59
N GLN B 41 -18.00 -17.05 47.13
CA GLN B 41 -17.49 -15.96 47.96
C GLN B 41 -18.42 -15.64 49.13
N GLU B 42 -19.74 -15.66 48.93
CA GLU B 42 -20.70 -15.45 50.01
C GLU B 42 -20.60 -16.54 51.09
N ARG B 43 -20.56 -17.81 50.71
CA ARG B 43 -20.44 -18.94 51.64
C ARG B 43 -19.13 -18.91 52.42
N ILE B 44 -18.06 -18.38 51.84
CA ILE B 44 -16.83 -18.07 52.59
C ILE B 44 -17.08 -16.96 53.60
N ARG B 45 -17.64 -15.80 53.21
CA ARG B 45 -17.95 -14.68 54.13
C ARG B 45 -18.85 -15.11 55.29
N ASP B 46 -19.86 -15.93 55.01
CA ASP B 46 -20.87 -16.38 55.97
C ASP B 46 -20.39 -17.50 56.91
N SER B 47 -19.23 -18.12 56.67
CA SER B 47 -18.72 -19.25 57.48
C SER B 47 -17.39 -18.89 58.13
N PRO B 48 -17.29 -18.72 59.46
CA PRO B 48 -16.10 -18.14 60.09
C PRO B 48 -14.82 -18.97 59.86
N LEU B 49 -14.92 -20.30 59.74
CA LEU B 49 -13.76 -21.15 59.44
C LEU B 49 -13.21 -20.93 58.02
N LEU B 50 -14.08 -20.86 57.01
CA LEU B 50 -13.69 -20.60 55.63
C LEU B 50 -13.16 -19.17 55.48
N GLN B 51 -13.80 -18.20 56.15
CA GLN B 51 -13.34 -16.83 56.18
C GLN B 51 -11.93 -16.72 56.77
N ALA B 52 -11.65 -17.45 57.85
CA ALA B 52 -10.32 -17.50 58.46
C ALA B 52 -9.30 -18.23 57.58
N ALA B 53 -9.71 -19.31 56.90
CA ALA B 53 -8.89 -20.01 55.92
C ALA B 53 -8.53 -19.12 54.72
N LYS B 54 -9.39 -18.18 54.32
CA LYS B 54 -9.14 -17.16 53.29
C LYS B 54 -8.23 -16.03 53.79
N GLU B 55 -8.47 -15.49 54.99
CA GLU B 55 -7.67 -14.38 55.55
C GLU B 55 -6.29 -14.80 56.09
N ASN B 56 -6.09 -16.07 56.46
CA ASN B 56 -4.90 -16.58 57.15
C ASN B 56 -4.72 -16.01 58.58
N ASP B 57 -5.79 -15.52 59.24
CA ASP B 57 -5.71 -15.08 60.63
C ASP B 57 -5.71 -16.28 61.59
N LEU B 58 -4.51 -16.79 61.82
CA LEU B 58 -4.22 -17.97 62.64
C LEU B 58 -4.78 -17.84 64.06
N ARG B 59 -4.82 -16.61 64.56
CA ARG B 59 -5.44 -16.36 65.88
C ARG B 59 -6.84 -16.95 65.89
N LEU B 60 -7.75 -16.39 65.10
CA LEU B 60 -9.14 -16.84 65.06
C LEU B 60 -9.23 -18.31 64.67
N LEU B 61 -8.41 -18.75 63.70
CA LEU B 61 -8.44 -20.13 63.22
C LEU B 61 -8.10 -21.14 64.33
N LYS B 62 -7.13 -20.83 65.21
CA LYS B 62 -6.84 -21.62 66.43
C LYS B 62 -8.05 -21.69 67.36
N ILE B 63 -8.69 -20.56 67.68
CA ILE B 63 -9.88 -20.51 68.55
C ILE B 63 -11.02 -21.36 67.96
N LEU B 64 -11.27 -21.28 66.65
CA LEU B 64 -12.30 -22.07 65.97
C LEU B 64 -11.99 -23.58 66.01
N LEU B 65 -10.76 -23.97 65.70
CA LEU B 65 -10.34 -25.38 65.63
C LEU B 65 -10.15 -26.03 67.00
N LEU B 66 -9.90 -25.24 68.06
CA LEU B 66 -9.85 -25.73 69.45
C LEU B 66 -11.19 -26.33 69.90
N ASN B 67 -12.32 -25.81 69.41
CA ASN B 67 -13.64 -26.43 69.52
C ASN B 67 -14.59 -25.96 68.40
N ASP B 71 -16.96 -27.20 63.38
CA ASP B 71 -17.10 -28.31 62.45
C ASP B 71 -16.07 -28.25 61.31
N PHE B 72 -15.11 -29.19 61.27
CA PHE B 72 -14.07 -29.23 60.24
C PHE B 72 -14.62 -29.57 58.83
N GLN B 73 -15.75 -30.27 58.76
CA GLN B 73 -16.42 -30.67 57.52
C GLN B 73 -17.36 -29.59 56.96
N GLN B 74 -17.23 -28.33 57.39
CA GLN B 74 -17.88 -27.18 56.75
C GLN B 74 -17.58 -27.15 55.24
N ARG B 75 -18.63 -26.97 54.44
CA ARG B 75 -18.45 -26.96 52.97
C ARG B 75 -18.95 -25.67 52.35
N GLY B 76 -18.16 -25.00 51.51
CA GLY B 76 -18.55 -23.82 50.73
C GLY B 76 -19.61 -24.14 49.69
N ALA B 77 -19.87 -23.21 48.78
CA ALA B 77 -20.99 -23.33 47.83
C ALA B 77 -20.88 -24.49 46.84
N VAL B 78 -19.67 -25.01 46.58
CA VAL B 78 -19.42 -26.07 45.59
C VAL B 78 -18.95 -27.38 46.23
N GLY B 79 -19.16 -27.53 47.54
CA GLY B 79 -18.73 -28.69 48.30
C GLY B 79 -17.24 -28.67 48.66
N GLU B 80 -16.55 -27.56 48.47
CA GLU B 80 -15.15 -27.38 48.84
C GLU B 80 -14.99 -27.21 50.35
N THR B 81 -13.90 -27.71 50.94
CA THR B 81 -13.64 -27.62 52.38
C THR B 81 -12.91 -26.33 52.75
N ALA B 82 -12.73 -26.05 54.04
CA ALA B 82 -11.85 -24.99 54.49
C ALA B 82 -10.40 -25.17 54.00
N LEU B 83 -9.93 -26.40 53.80
CA LEU B 83 -8.59 -26.66 53.27
C LEU B 83 -8.48 -26.37 51.76
N HIS B 84 -9.55 -26.53 50.97
CA HIS B 84 -9.60 -26.00 49.61
C HIS B 84 -9.51 -24.48 49.61
N VAL B 85 -10.24 -23.81 50.51
CA VAL B 85 -10.20 -22.36 50.64
C VAL B 85 -8.79 -21.89 51.03
N ALA B 86 -8.14 -22.54 51.99
CA ALA B 86 -6.76 -22.24 52.34
C ALA B 86 -5.78 -22.45 51.17
N ALA B 87 -5.94 -23.53 50.40
CA ALA B 87 -5.14 -23.78 49.21
C ALA B 87 -5.37 -22.75 48.09
N LEU B 88 -6.61 -22.29 47.88
CA LEU B 88 -6.97 -21.30 46.87
C LEU B 88 -6.30 -19.95 47.14
N TYR B 89 -6.37 -19.49 48.39
CA TYR B 89 -5.72 -18.25 48.82
C TYR B 89 -4.24 -18.44 49.16
N ASP B 90 -3.68 -19.62 48.90
CA ASP B 90 -2.25 -19.94 49.01
C ASP B 90 -1.71 -19.82 50.46
N ASN B 91 -2.59 -20.04 51.44
CA ASN B 91 -2.38 -19.84 52.87
C ASN B 91 -1.84 -21.12 53.53
N LEU B 92 -0.54 -21.38 53.38
CA LEU B 92 0.12 -22.57 53.90
C LEU B 92 -0.02 -22.72 55.42
N GLU B 93 0.04 -21.63 56.18
CA GLU B 93 -0.12 -21.66 57.63
C GLU B 93 -1.53 -22.08 58.03
N ALA B 94 -2.57 -21.45 57.46
CA ALA B 94 -3.95 -21.90 57.67
C ALA B 94 -4.16 -23.34 57.22
N ALA B 95 -3.60 -23.74 56.08
CA ALA B 95 -3.72 -25.10 55.56
C ALA B 95 -3.10 -26.13 56.50
N THR B 96 -1.88 -25.89 56.99
CA THR B 96 -1.22 -26.78 57.96
C THR B 96 -1.95 -26.80 59.30
N LEU B 97 -2.43 -25.67 59.80
CA LEU B 97 -3.25 -25.60 61.01
C LEU B 97 -4.58 -26.37 60.85
N LEU B 98 -5.26 -26.26 59.71
CA LEU B 98 -6.46 -27.05 59.37
C LEU B 98 -6.16 -28.54 59.29
N MET B 99 -5.07 -28.93 58.63
CA MET B 99 -4.66 -30.32 58.51
C MET B 99 -4.24 -30.92 59.85
N GLU B 100 -3.59 -30.16 60.74
CA GLU B 100 -3.27 -30.61 62.10
C GLU B 100 -4.53 -30.88 62.93
N ALA B 101 -5.59 -30.09 62.74
CA ALA B 101 -6.88 -30.30 63.41
C ALA B 101 -7.73 -31.41 62.77
N ALA B 102 -7.64 -31.58 61.44
CA ALA B 102 -8.45 -32.54 60.68
C ALA B 102 -7.67 -33.09 59.47
N PRO B 103 -6.78 -34.08 59.66
CA PRO B 103 -5.94 -34.62 58.58
C PRO B 103 -6.74 -35.19 57.41
N GLU B 104 -7.96 -35.66 57.63
CA GLU B 104 -8.86 -36.21 56.62
C GLU B 104 -9.20 -35.22 55.50
N LEU B 105 -9.12 -33.90 55.76
CA LEU B 105 -9.44 -32.87 54.76
C LEU B 105 -8.55 -32.93 53.52
N ALA B 106 -7.31 -33.43 53.64
CA ALA B 106 -6.41 -33.58 52.50
C ALA B 106 -6.97 -34.55 51.42
N LYS B 107 -7.83 -35.49 51.82
CA LYS B 107 -8.44 -36.52 50.96
C LYS B 107 -9.80 -36.11 50.38
N GLU B 108 -10.31 -34.92 50.68
CA GLU B 108 -11.66 -34.50 50.30
C GLU B 108 -11.73 -33.93 48.87
N PRO B 109 -12.63 -34.41 48.01
CA PRO B 109 -13.04 -33.72 46.78
C PRO B 109 -14.10 -32.64 47.04
N ALA B 110 -14.18 -31.66 46.14
CA ALA B 110 -15.35 -30.79 45.99
C ALA B 110 -16.47 -31.52 45.24
N LEU B 111 -17.73 -31.10 45.41
CA LEU B 111 -18.90 -31.98 45.24
C LEU B 111 -19.97 -31.48 44.25
N CYS B 112 -19.91 -30.25 43.77
CA CYS B 112 -20.95 -29.65 42.92
C CYS B 112 -20.42 -29.30 41.53
N GLU B 113 -21.30 -29.35 40.53
CA GLU B 113 -20.98 -29.62 39.12
C GLU B 113 -19.71 -28.99 38.52
N PRO B 114 -19.47 -27.67 38.62
CA PRO B 114 -18.28 -27.08 38.02
C PRO B 114 -16.98 -27.61 38.65
N PHE B 115 -16.97 -27.96 39.94
CA PHE B 115 -15.76 -28.31 40.67
C PHE B 115 -15.69 -29.77 41.15
N VAL B 116 -16.58 -30.66 40.69
CA VAL B 116 -16.63 -32.07 41.11
C VAL B 116 -15.25 -32.72 41.05
N GLY B 117 -14.83 -33.35 42.15
CA GLY B 117 -13.59 -34.12 42.22
C GLY B 117 -12.33 -33.29 42.44
N GLN B 118 -12.41 -31.96 42.40
CA GLN B 118 -11.27 -31.11 42.70
C GLN B 118 -10.88 -31.26 44.18
N THR B 119 -9.62 -31.57 44.45
CA THR B 119 -9.07 -31.67 45.80
C THR B 119 -8.21 -30.45 46.13
N ALA B 120 -7.85 -30.27 47.40
CA ALA B 120 -6.89 -29.23 47.78
C ALA B 120 -5.52 -29.43 47.09
N LEU B 121 -5.15 -30.66 46.73
CA LEU B 121 -3.93 -30.95 45.98
C LEU B 121 -3.96 -30.34 44.57
N HIS B 122 -5.07 -30.47 43.83
CA HIS B 122 -5.24 -29.81 42.53
C HIS B 122 -5.02 -28.30 42.62
N ILE B 123 -5.55 -27.66 43.65
CA ILE B 123 -5.44 -26.22 43.88
C ILE B 123 -4.01 -25.82 44.25
N ALA B 124 -3.38 -26.53 45.18
CA ALA B 124 -2.00 -26.28 45.58
C ALA B 124 -1.01 -26.41 44.42
N VAL B 125 -1.22 -27.40 43.54
CA VAL B 125 -0.44 -27.62 42.33
C VAL B 125 -0.60 -26.46 41.34
N MET B 126 -1.82 -25.97 41.10
CA MET B 126 -2.03 -24.77 40.28
C MET B 126 -1.35 -23.53 40.86
N ASN B 127 -1.43 -23.33 42.17
CA ASN B 127 -0.73 -22.25 42.86
C ASN B 127 0.79 -22.48 43.02
N GLN B 128 1.35 -23.57 42.48
CA GLN B 128 2.77 -23.94 42.56
C GLN B 128 3.35 -23.97 43.99
N ASN B 129 2.50 -24.17 45.01
CA ASN B 129 2.95 -24.17 46.39
C ASN B 129 3.54 -25.54 46.73
N LEU B 130 4.84 -25.71 46.48
CA LEU B 130 5.55 -26.97 46.69
C LEU B 130 5.48 -27.45 48.14
N ASN B 131 5.57 -26.53 49.12
CA ASN B 131 5.45 -26.85 50.53
C ASN B 131 4.05 -27.32 50.92
N LEU B 132 2.99 -26.71 50.37
CA LEU B 132 1.62 -27.19 50.55
C LEU B 132 1.39 -28.54 49.86
N VAL B 133 1.94 -28.75 48.67
CA VAL B 133 1.90 -30.04 47.98
C VAL B 133 2.58 -31.12 48.82
N ARG B 134 3.78 -30.87 49.36
CA ARG B 134 4.42 -31.78 50.33
C ARG B 134 3.55 -32.04 51.56
N ALA B 135 2.97 -30.99 52.16
CA ALA B 135 2.12 -31.13 53.35
C ALA B 135 0.83 -31.95 53.12
N LEU B 136 0.24 -31.86 51.93
CA LEU B 136 -0.93 -32.64 51.53
C LEU B 136 -0.56 -34.09 51.20
N LEU B 137 0.54 -34.33 50.49
CA LEU B 137 1.02 -35.68 50.17
C LEU B 137 1.48 -36.43 51.43
N ALA B 138 2.12 -35.75 52.38
CA ALA B 138 2.46 -36.27 53.70
C ALA B 138 1.23 -36.74 54.51
N ARG B 139 0.03 -36.30 54.13
CA ARG B 139 -1.26 -36.68 54.74
C ARG B 139 -2.16 -37.51 53.82
N GLY B 140 -1.59 -38.07 52.75
CA GLY B 140 -2.28 -39.02 51.88
C GLY B 140 -3.30 -38.40 50.93
N ALA B 141 -3.17 -37.12 50.56
CA ALA B 141 -3.90 -36.58 49.40
C ALA B 141 -3.65 -37.44 48.16
N SER B 142 -4.70 -37.86 47.45
CA SER B 142 -4.56 -38.81 46.34
C SER B 142 -3.97 -38.16 45.09
N VAL B 143 -2.81 -38.64 44.65
CA VAL B 143 -2.17 -38.25 43.38
C VAL B 143 -2.97 -38.68 42.14
N SER B 144 -3.91 -39.61 42.28
CA SER B 144 -4.75 -40.13 41.18
C SER B 144 -6.18 -39.56 41.18
N ALA B 145 -6.47 -38.55 42.02
CA ALA B 145 -7.78 -37.90 42.06
C ALA B 145 -8.12 -37.18 40.74
N ARG B 146 -9.36 -37.30 40.25
CA ARG B 146 -9.82 -36.68 39.00
C ARG B 146 -10.73 -35.50 39.27
N ALA B 147 -10.33 -34.33 38.79
CA ALA B 147 -11.14 -33.12 38.74
C ALA B 147 -12.18 -33.24 37.59
N THR B 148 -13.18 -34.10 37.78
CA THR B 148 -14.24 -34.44 36.83
C THR B 148 -15.14 -33.26 36.42
N GLY B 149 -15.24 -32.20 37.23
CA GLY B 149 -16.21 -31.12 37.07
C GLY B 149 -16.09 -30.29 35.78
N ALA B 150 -17.16 -29.57 35.46
CA ALA B 150 -17.28 -28.80 34.21
C ALA B 150 -16.24 -27.69 34.02
N ALA B 151 -15.62 -27.18 35.10
CA ALA B 151 -14.56 -26.17 35.04
C ALA B 151 -13.23 -26.70 34.49
N PHE B 152 -13.06 -28.02 34.40
CA PHE B 152 -11.80 -28.66 33.98
C PHE B 152 -11.86 -29.29 32.59
N ARG B 153 -13.04 -29.25 31.97
CA ARG B 153 -13.22 -29.88 30.65
C ARG B 153 -12.69 -28.96 29.55
N ARG B 154 -12.18 -29.54 28.47
CA ARG B 154 -11.72 -28.72 27.32
C ARG B 154 -12.99 -28.11 26.73
N SER B 155 -13.08 -26.80 26.75
CA SER B 155 -14.26 -26.06 26.28
C SER B 155 -13.95 -24.58 26.06
N PRO B 156 -14.68 -23.88 25.18
CA PRO B 156 -14.57 -22.42 25.06
C PRO B 156 -15.02 -21.68 26.33
N HIS B 157 -15.81 -22.32 27.20
CA HIS B 157 -16.20 -21.82 28.52
C HIS B 157 -15.02 -21.67 29.49
N ASN B 158 -13.96 -22.47 29.34
CA ASN B 158 -12.83 -22.53 30.27
C ASN B 158 -11.59 -21.92 29.63
N LEU B 159 -10.92 -21.00 30.33
CA LEU B 159 -9.73 -20.31 29.83
C LEU B 159 -8.47 -21.18 29.78
N ILE B 160 -8.45 -22.31 30.51
CA ILE B 160 -7.37 -23.30 30.53
C ILE B 160 -7.94 -24.70 30.40
N TYR B 161 -7.09 -25.63 29.98
CA TYR B 161 -7.36 -27.06 30.01
C TYR B 161 -6.09 -27.81 30.41
N TYR B 162 -6.07 -28.30 31.65
CA TYR B 162 -4.96 -29.06 32.23
C TYR B 162 -5.33 -30.54 32.44
N GLY B 163 -6.37 -31.05 31.79
CA GLY B 163 -6.93 -32.37 32.06
C GLY B 163 -7.56 -32.46 33.45
N GLU B 164 -7.42 -33.60 34.13
CA GLU B 164 -8.14 -33.87 35.39
C GLU B 164 -7.24 -34.29 36.57
N HIS B 165 -5.96 -34.55 36.36
CA HIS B 165 -5.08 -35.16 37.36
C HIS B 165 -4.03 -34.16 37.87
N PRO B 166 -3.61 -34.25 39.15
CA PRO B 166 -2.57 -33.38 39.71
C PRO B 166 -1.27 -33.35 38.88
N LEU B 167 -0.87 -34.48 38.29
CA LEU B 167 0.33 -34.56 37.44
C LEU B 167 0.19 -33.74 36.16
N SER B 168 -0.98 -33.80 35.50
CA SER B 168 -1.28 -32.96 34.34
C SER B 168 -1.30 -31.49 34.69
N PHE B 169 -1.87 -31.13 35.84
CA PHE B 169 -1.87 -29.75 36.34
C PHE B 169 -0.43 -29.29 36.54
N ALA B 170 0.40 -30.06 37.26
CA ALA B 170 1.79 -29.71 37.51
C ALA B 170 2.61 -29.55 36.23
N ALA B 171 2.39 -30.42 35.24
CA ALA B 171 3.04 -30.34 33.94
C ALA B 171 2.63 -29.09 33.15
N CYS B 172 1.34 -28.76 33.07
CA CYS B 172 0.87 -27.59 32.32
C CYS B 172 1.25 -26.27 32.98
N VAL B 173 1.23 -26.24 34.30
CA VAL B 173 1.73 -25.15 35.14
C VAL B 173 3.26 -24.99 35.03
N GLY B 174 3.96 -26.01 34.54
CA GLY B 174 5.39 -25.97 34.22
C GLY B 174 6.30 -26.23 35.41
N SER B 175 5.80 -26.86 36.47
CA SER B 175 6.57 -27.14 37.68
C SER B 175 7.24 -28.51 37.60
N GLU B 176 8.49 -28.54 37.15
CA GLU B 176 9.33 -29.75 37.12
C GLU B 176 9.40 -30.39 38.50
N GLU B 177 9.60 -29.60 39.55
CA GLU B 177 9.79 -30.13 40.91
C GLU B 177 8.51 -30.74 41.48
N ILE B 178 7.34 -30.11 41.26
CA ILE B 178 6.06 -30.72 41.64
C ILE B 178 5.78 -31.96 40.78
N VAL B 179 6.11 -31.98 39.48
CA VAL B 179 5.97 -33.18 38.65
C VAL B 179 6.83 -34.32 39.20
N ARG B 180 8.10 -34.09 39.49
CA ARG B 180 8.92 -35.17 40.08
C ARG B 180 8.31 -35.63 41.40
N LEU B 181 7.97 -34.69 42.30
CA LEU B 181 7.38 -35.03 43.59
C LEU B 181 6.12 -35.88 43.47
N LEU B 182 5.23 -35.58 42.51
CA LEU B 182 4.04 -36.37 42.25
C LEU B 182 4.36 -37.75 41.66
N ILE B 183 5.34 -37.85 40.77
CA ILE B 183 5.82 -39.14 40.26
C ILE B 183 6.44 -39.97 41.39
N GLU B 184 7.23 -39.37 42.28
CA GLU B 184 7.78 -40.02 43.47
C GLU B 184 6.70 -40.53 44.46
N HIS B 185 5.54 -39.87 44.53
CA HIS B 185 4.36 -40.36 45.25
C HIS B 185 3.44 -41.26 44.41
N GLY B 186 3.86 -41.65 43.19
CA GLY B 186 3.21 -42.68 42.39
C GLY B 186 2.05 -42.19 41.51
N ALA B 187 2.05 -40.91 41.10
CA ALA B 187 1.11 -40.41 40.10
C ALA B 187 1.25 -41.20 38.79
N ASP B 188 0.17 -41.80 38.30
CA ASP B 188 0.19 -42.60 37.08
C ASP B 188 0.38 -41.70 35.85
N ILE B 189 1.56 -41.74 35.23
CA ILE B 189 1.87 -40.94 34.05
C ILE B 189 1.06 -41.33 32.81
N ARG B 190 0.50 -42.55 32.77
CA ARG B 190 -0.38 -43.03 31.71
C ARG B 190 -1.84 -42.60 31.88
N ALA B 191 -2.20 -41.94 32.99
CA ALA B 191 -3.59 -41.62 33.30
C ALA B 191 -4.25 -40.76 32.21
N GLN B 192 -5.49 -41.09 31.86
CA GLN B 192 -6.27 -40.42 30.82
C GLN B 192 -7.51 -39.74 31.43
N ASP B 193 -7.85 -38.56 30.92
CA ASP B 193 -9.05 -37.83 31.34
C ASP B 193 -10.31 -38.20 30.54
N SER B 194 -11.40 -37.45 30.69
CA SER B 194 -12.67 -37.70 29.99
C SER B 194 -12.62 -37.54 28.46
N LEU B 195 -11.58 -36.92 27.90
CA LEU B 195 -11.32 -36.88 26.45
C LEU B 195 -10.36 -37.99 26.01
N GLY B 196 -9.88 -38.82 26.94
CA GLY B 196 -8.86 -39.83 26.71
C GLY B 196 -7.45 -39.25 26.64
N ASN B 197 -7.27 -37.97 26.93
CA ASN B 197 -5.98 -37.32 26.81
C ASN B 197 -5.07 -37.70 27.98
N THR B 198 -3.86 -38.15 27.66
CA THR B 198 -2.76 -38.30 28.61
C THR B 198 -2.07 -36.95 28.82
N VAL B 199 -1.22 -36.83 29.84
CA VAL B 199 -0.43 -35.61 30.07
C VAL B 199 0.37 -35.16 28.84
N LEU B 200 0.81 -36.07 27.98
CA LEU B 200 1.49 -35.72 26.73
C LEU B 200 0.55 -35.01 25.75
N HIS B 201 -0.67 -35.52 25.54
CA HIS B 201 -1.68 -34.83 24.73
C HIS B 201 -2.01 -33.45 25.29
N ILE B 202 -2.14 -33.36 26.61
CA ILE B 202 -2.49 -32.12 27.28
C ILE B 202 -1.36 -31.09 27.13
N LEU B 203 -0.09 -31.50 27.18
CA LEU B 203 1.04 -30.59 26.93
C LEU B 203 1.11 -30.06 25.49
N ILE B 204 0.68 -30.81 24.49
CA ILE B 204 0.58 -30.33 23.11
C ILE B 204 -0.45 -29.21 22.97
N LEU B 205 -1.46 -29.19 23.84
CA LEU B 205 -2.54 -28.21 23.82
C LEU B 205 -2.23 -26.88 24.53
N GLN B 206 -1.10 -26.77 25.23
CA GLN B 206 -0.74 -25.57 26.00
C GLN B 206 -0.11 -24.45 25.15
N PRO B 207 -0.28 -23.16 25.51
CA PRO B 207 0.36 -22.04 24.81
C PRO B 207 1.87 -21.90 25.01
N ASN B 208 2.41 -22.35 26.14
CA ASN B 208 3.82 -22.18 26.55
C ASN B 208 4.79 -23.18 25.88
N LYS B 209 4.73 -23.31 24.56
CA LYS B 209 5.26 -24.45 23.77
C LYS B 209 6.69 -24.87 24.09
N THR B 210 7.61 -23.95 24.35
CA THR B 210 9.01 -24.26 24.69
C THR B 210 9.15 -24.86 26.09
N PHE B 211 8.49 -24.32 27.11
CA PHE B 211 8.41 -24.95 28.43
C PHE B 211 7.67 -26.30 28.35
N ALA B 212 6.65 -26.41 27.50
CA ALA B 212 5.95 -27.66 27.28
C ALA B 212 6.86 -28.74 26.69
N CYS B 213 7.78 -28.41 25.78
CA CYS B 213 8.80 -29.34 25.26
C CYS B 213 9.76 -29.82 26.34
N GLN B 214 10.21 -28.92 27.22
CA GLN B 214 11.04 -29.27 28.38
C GLN B 214 10.31 -30.25 29.31
N MET B 215 9.03 -30.00 29.61
CA MET B 215 8.18 -30.91 30.37
C MET B 215 7.96 -32.25 29.66
N TYR B 216 7.81 -32.25 28.34
CA TYR B 216 7.58 -33.45 27.55
C TYR B 216 8.76 -34.42 27.66
N ASN B 217 10.01 -33.93 27.60
CA ASN B 217 11.20 -34.76 27.86
C ASN B 217 11.24 -35.33 29.28
N LEU B 218 10.89 -34.53 30.29
CA LEU B 218 10.84 -35.01 31.67
C LEU B 218 9.84 -36.16 31.81
N LEU B 219 8.64 -36.02 31.26
CA LEU B 219 7.61 -37.05 31.33
C LEU B 219 7.97 -38.30 30.51
N LEU B 220 8.54 -38.16 29.32
CA LEU B 220 9.07 -39.30 28.57
C LEU B 220 10.17 -40.05 29.33
N SER B 221 10.97 -39.35 30.14
CA SER B 221 12.01 -39.99 30.97
C SER B 221 11.45 -40.99 32.00
N TYR B 222 10.17 -40.94 32.32
CA TYR B 222 9.61 -41.81 33.38
C TYR B 222 8.83 -42.95 32.74
N ASP B 223 8.94 -43.09 31.42
CA ASP B 223 8.19 -44.15 30.72
C ASP B 223 9.16 -45.30 30.46
N GLU B 224 10.33 -45.26 31.08
CA GLU B 224 11.35 -46.32 30.91
C GLU B 224 11.83 -46.30 29.45
N GLN B 230 3.18 -49.77 23.14
CA GLN B 230 3.39 -49.80 24.58
C GLN B 230 3.74 -48.41 25.15
N SER B 231 4.50 -47.59 24.42
CA SER B 231 4.91 -46.26 24.86
C SER B 231 3.72 -45.31 25.07
N LEU B 232 3.86 -44.38 26.00
CA LEU B 232 2.93 -43.29 26.23
C LEU B 232 2.74 -42.40 24.98
N GLU B 233 3.75 -42.30 24.10
CA GLU B 233 3.63 -41.61 22.81
C GLU B 233 2.66 -42.29 21.82
N LEU B 234 2.30 -43.56 22.06
CA LEU B 234 1.43 -44.34 21.17
C LEU B 234 -0.01 -44.45 21.69
N VAL B 235 -0.29 -44.01 22.92
CA VAL B 235 -1.63 -44.04 23.52
C VAL B 235 -2.56 -43.06 22.76
N PRO B 236 -3.67 -43.50 22.17
CA PRO B 236 -4.61 -42.61 21.52
C PRO B 236 -5.60 -41.98 22.52
N ASN B 237 -6.06 -40.75 22.27
CA ASN B 237 -7.21 -40.18 22.96
C ASN B 237 -8.52 -40.69 22.34
N HIS B 238 -9.69 -40.21 22.79
CA HIS B 238 -10.98 -40.70 22.28
C HIS B 238 -11.29 -40.27 20.84
N GLN B 239 -10.58 -39.26 20.30
CA GLN B 239 -10.61 -38.95 18.87
C GLN B 239 -9.81 -39.94 18.02
N GLY B 240 -9.06 -40.85 18.66
CA GLY B 240 -8.15 -41.78 18.01
C GLY B 240 -6.75 -41.22 17.76
N LEU B 241 -6.41 -40.06 18.32
CA LEU B 241 -5.15 -39.36 18.03
C LEU B 241 -4.09 -39.70 19.08
N THR B 242 -2.91 -40.10 18.64
CA THR B 242 -1.70 -40.09 19.46
C THR B 242 -1.23 -38.64 19.70
N PRO B 243 -0.36 -38.37 20.67
CA PRO B 243 0.26 -37.06 20.85
C PRO B 243 0.87 -36.50 19.55
N PHE B 244 1.56 -37.33 18.78
CA PHE B 244 2.11 -36.94 17.49
C PHE B 244 1.05 -36.47 16.49
N LYS B 245 -0.06 -37.20 16.34
CA LYS B 245 -1.17 -36.77 15.46
C LYS B 245 -1.85 -35.51 15.97
N LEU B 246 -2.01 -35.37 17.28
CA LEU B 246 -2.57 -34.18 17.89
C LEU B 246 -1.69 -32.94 17.65
N ALA B 247 -0.35 -33.07 17.70
CA ALA B 247 0.54 -31.96 17.37
C ALA B 247 0.38 -31.48 15.92
N GLY B 248 0.10 -32.39 14.99
CA GLY B 248 -0.25 -32.05 13.61
C GLY B 248 -1.61 -31.37 13.48
N VAL B 249 -2.65 -31.93 14.08
CA VAL B 249 -4.02 -31.38 14.04
C VAL B 249 -4.10 -29.99 14.66
N GLU B 250 -3.44 -29.77 15.78
CA GLU B 250 -3.43 -28.50 16.51
C GLU B 250 -2.44 -27.48 15.94
N GLY B 251 -1.63 -27.85 14.95
CA GLY B 251 -0.64 -26.96 14.36
C GLY B 251 0.49 -26.56 15.30
N ASN B 252 0.81 -27.39 16.29
CA ASN B 252 1.89 -27.10 17.24
C ASN B 252 3.25 -27.41 16.60
N THR B 253 3.76 -26.48 15.78
CA THR B 253 5.01 -26.69 15.02
C THR B 253 6.23 -26.81 15.92
N VAL B 254 6.23 -26.15 17.07
CA VAL B 254 7.30 -26.22 18.08
C VAL B 254 7.37 -27.61 18.72
N MET B 255 6.23 -28.19 19.09
CA MET B 255 6.19 -29.57 19.58
C MET B 255 6.43 -30.59 18.48
N PHE B 256 5.97 -30.34 17.25
CA PHE B 256 6.22 -31.22 16.10
C PHE B 256 7.71 -31.34 15.78
N GLN B 257 8.42 -30.22 15.68
CA GLN B 257 9.86 -30.25 15.41
C GLN B 257 10.66 -30.80 16.60
N HIS B 258 10.17 -30.67 17.83
CA HIS B 258 10.69 -31.38 19.01
C HIS B 258 10.47 -32.90 18.93
N LEU B 259 9.27 -33.36 18.61
CA LEU B 259 8.97 -34.80 18.41
C LEU B 259 9.77 -35.42 17.28
N MET B 260 10.13 -34.65 16.26
CA MET B 260 11.03 -35.08 15.19
C MET B 260 12.47 -35.35 15.65
N GLN B 261 12.97 -34.77 16.75
CA GLN B 261 14.34 -35.00 17.21
C GLN B 261 14.60 -36.46 17.64
N LYS B 262 13.56 -37.19 18.09
CA LYS B 262 13.62 -38.63 18.38
C LYS B 262 13.24 -39.52 17.19
N ARG B 263 13.01 -38.92 16.01
CA ARG B 263 12.60 -39.66 14.80
C ARG B 263 13.57 -39.38 13.62
N LYS B 264 14.66 -38.67 13.85
CA LYS B 264 15.73 -38.40 12.88
C LYS B 264 17.05 -39.01 13.32
N HIS B 265 17.85 -39.44 12.34
CA HIS B 265 19.21 -39.94 12.51
C HIS B 265 20.15 -39.17 11.60
N VAL B 266 21.21 -38.56 12.13
CA VAL B 266 22.24 -37.91 11.31
C VAL B 266 23.17 -38.99 10.76
N GLN B 267 23.14 -39.21 9.44
CA GLN B 267 23.99 -40.21 8.78
C GLN B 267 25.45 -39.77 8.77
N TRP B 268 25.70 -38.53 8.35
CA TRP B 268 27.03 -37.91 8.30
C TRP B 268 26.90 -36.39 8.24
N THR B 269 27.99 -35.72 8.62
CA THR B 269 28.24 -34.30 8.37
C THR B 269 29.62 -34.18 7.73
N CYS B 270 29.76 -33.37 6.69
CA CYS B 270 31.00 -33.16 5.97
C CYS B 270 31.11 -31.69 5.59
N GLY B 271 31.96 -30.92 6.25
CA GLY B 271 32.04 -29.47 6.09
C GLY B 271 30.68 -28.79 6.33
N PRO B 272 30.12 -28.05 5.35
CA PRO B 272 28.84 -27.37 5.50
C PRO B 272 27.62 -28.29 5.27
N LEU B 273 27.81 -29.55 4.90
CA LEU B 273 26.73 -30.47 4.51
C LEU B 273 26.44 -31.50 5.58
N THR B 274 25.17 -31.78 5.81
CA THR B 274 24.71 -32.90 6.63
C THR B 274 23.71 -33.73 5.85
N SER B 275 23.77 -35.05 5.97
CA SER B 275 22.71 -35.95 5.52
C SER B 275 22.00 -36.53 6.74
N THR B 276 20.69 -36.39 6.78
CA THR B 276 19.83 -36.89 7.85
C THR B 276 18.77 -37.82 7.29
N LEU B 277 18.38 -38.81 8.07
CA LEU B 277 17.37 -39.78 7.72
C LEU B 277 16.21 -39.64 8.71
N TYR B 278 15.01 -39.36 8.21
CA TYR B 278 13.82 -39.15 9.01
C TYR B 278 12.88 -40.34 8.89
N ASP B 279 12.40 -40.85 10.01
CA ASP B 279 11.43 -41.94 10.07
C ASP B 279 10.04 -41.47 9.64
N LEU B 280 9.53 -42.01 8.54
CA LEU B 280 8.23 -41.62 7.99
C LEU B 280 7.03 -42.27 8.66
N THR B 281 7.21 -43.21 9.60
CA THR B 281 6.15 -44.09 10.09
C THR B 281 4.90 -43.34 10.56
N GLU B 282 5.07 -42.33 11.42
CA GLU B 282 3.95 -41.54 11.97
C GLU B 282 3.49 -40.39 11.07
N ILE B 283 4.21 -40.03 10.02
CA ILE B 283 3.81 -39.01 9.04
C ILE B 283 3.05 -39.66 7.86
N ASP B 284 3.67 -40.62 7.19
CA ASP B 284 3.12 -41.22 5.98
C ASP B 284 1.94 -42.17 6.27
N SER B 285 1.86 -42.72 7.49
CA SER B 285 0.68 -43.39 8.06
C SER B 285 0.12 -44.55 7.24
N TRP B 286 0.99 -45.44 6.77
CA TRP B 286 0.63 -46.49 5.82
C TRP B 286 -0.49 -47.44 6.31
N GLY B 287 -1.44 -47.73 5.42
CA GLY B 287 -2.54 -48.68 5.66
C GLY B 287 -3.65 -48.17 6.59
N GLU B 288 -3.50 -46.98 7.16
CA GLU B 288 -4.50 -46.40 8.08
C GLU B 288 -5.64 -45.69 7.33
N GLU B 289 -6.86 -45.75 7.87
CA GLU B 289 -8.05 -45.17 7.24
C GLU B 289 -8.09 -43.62 7.29
N LEU B 290 -7.32 -43.02 8.20
CA LEU B 290 -7.22 -41.58 8.43
C LEU B 290 -5.78 -41.23 8.84
N SER B 291 -4.99 -40.80 7.86
CA SER B 291 -3.55 -40.52 8.00
C SER B 291 -3.25 -39.24 8.76
N PHE B 292 -2.02 -39.09 9.24
CA PHE B 292 -1.50 -37.82 9.76
C PHE B 292 -1.65 -36.67 8.76
N LEU B 293 -1.26 -36.85 7.49
CA LEU B 293 -1.37 -35.80 6.49
C LEU B 293 -2.83 -35.40 6.23
N GLU B 294 -3.77 -36.36 6.20
CA GLU B 294 -5.18 -36.06 6.09
C GLU B 294 -5.73 -35.29 7.31
N LEU B 295 -5.34 -35.69 8.52
CA LEU B 295 -5.69 -34.99 9.75
C LEU B 295 -5.15 -33.56 9.77
N VAL B 296 -3.97 -33.29 9.21
CA VAL B 296 -3.43 -31.94 9.09
C VAL B 296 -4.19 -31.11 8.04
N VAL B 297 -4.35 -31.58 6.80
CA VAL B 297 -5.03 -30.79 5.75
C VAL B 297 -6.52 -30.60 6.01
N SER B 298 -7.18 -31.49 6.74
CA SER B 298 -8.60 -31.38 7.08
C SER B 298 -8.87 -30.69 8.42
N SER B 299 -7.84 -30.34 9.20
CA SER B 299 -8.00 -29.65 10.48
C SER B 299 -8.61 -28.25 10.31
N LYS B 300 -9.51 -27.87 11.23
CA LYS B 300 -10.10 -26.52 11.30
C LYS B 300 -9.16 -25.46 11.88
N LYS B 301 -8.09 -25.86 12.57
CA LYS B 301 -7.08 -24.96 13.14
C LYS B 301 -6.27 -24.32 12.02
N ARG B 302 -6.18 -22.99 11.95
CA ARG B 302 -5.44 -22.31 10.84
C ARG B 302 -3.95 -22.59 10.97
N GLU B 303 -3.48 -22.87 12.17
CA GLU B 303 -2.08 -23.21 12.44
C GLU B 303 -1.69 -24.59 11.89
N ALA B 304 -2.64 -25.51 11.66
CA ALA B 304 -2.32 -26.86 11.19
C ALA B 304 -1.56 -26.85 9.86
N ARG B 305 -1.90 -25.94 8.95
CA ARG B 305 -1.21 -25.82 7.66
C ARG B 305 0.28 -25.46 7.78
N GLN B 306 0.72 -24.91 8.90
CA GLN B 306 2.14 -24.65 9.15
C GLN B 306 2.95 -25.93 9.37
N ILE B 307 2.33 -27.03 9.83
CA ILE B 307 2.99 -28.34 9.96
C ILE B 307 3.48 -28.85 8.60
N LEU B 308 2.75 -28.52 7.53
CA LEU B 308 3.08 -28.91 6.16
C LEU B 308 4.34 -28.23 5.62
N GLU B 309 4.80 -27.16 6.26
CA GLU B 309 6.03 -26.44 5.91
C GLU B 309 7.25 -26.94 6.71
N GLN B 310 7.03 -27.91 7.60
CA GLN B 310 8.17 -28.51 8.34
C GLN B 310 9.01 -29.30 7.33
N THR B 311 10.32 -29.43 7.58
CA THR B 311 11.21 -30.10 6.59
C THR B 311 10.69 -31.50 6.25
N PRO B 312 10.36 -32.39 7.21
CA PRO B 312 9.96 -33.76 6.87
C PRO B 312 8.66 -33.78 6.06
N VAL B 313 7.60 -33.16 6.58
CA VAL B 313 6.28 -33.17 5.90
C VAL B 313 6.41 -32.48 4.54
N LYS B 314 7.01 -31.28 4.51
CA LYS B 314 7.11 -30.51 3.25
C LYS B 314 7.87 -31.32 2.20
N GLU B 315 9.03 -31.88 2.49
CA GLU B 315 9.84 -32.63 1.50
C GLU B 315 9.18 -33.95 1.09
N LEU B 316 8.39 -34.58 1.96
CA LEU B 316 7.65 -35.79 1.55
C LEU B 316 6.51 -35.39 0.59
N VAL B 317 5.75 -34.36 0.95
CA VAL B 317 4.59 -33.95 0.14
C VAL B 317 5.03 -33.27 -1.16
N SER B 318 6.17 -32.57 -1.16
CA SER B 318 6.78 -32.04 -2.37
C SER B 318 7.24 -33.15 -3.33
N PHE B 319 7.87 -34.21 -2.83
CA PHE B 319 8.21 -35.39 -3.64
C PHE B 319 6.96 -36.04 -4.23
N LYS B 320 5.94 -36.29 -3.41
CA LYS B 320 4.67 -36.89 -3.83
C LYS B 320 3.99 -36.07 -4.93
N TRP B 321 3.95 -34.75 -4.78
CA TRP B 321 3.40 -33.85 -5.78
C TRP B 321 4.23 -33.83 -7.07
N LYS B 322 5.55 -33.68 -7.00
CA LYS B 322 6.44 -33.73 -8.18
C LYS B 322 6.28 -35.00 -8.99
N LYS B 323 6.37 -36.18 -8.34
CA LYS B 323 6.46 -37.45 -9.06
C LYS B 323 5.11 -38.03 -9.49
N TYR B 324 4.05 -37.86 -8.69
CA TYR B 324 2.75 -38.49 -8.94
C TYR B 324 1.59 -37.51 -8.97
N GLY B 325 1.51 -36.60 -8.00
CA GLY B 325 0.38 -35.69 -7.85
C GLY B 325 0.17 -34.76 -9.05
N ARG B 326 1.19 -34.03 -9.50
CA ARG B 326 0.98 -33.09 -10.62
C ARG B 326 0.69 -33.87 -11.88
N PRO B 327 1.47 -34.89 -12.31
CA PRO B 327 1.15 -35.66 -13.51
C PRO B 327 -0.28 -36.19 -13.55
N TYR B 328 -0.75 -36.82 -12.48
CA TYR B 328 -2.10 -37.36 -12.42
C TYR B 328 -3.18 -36.28 -12.34
N PHE B 329 -2.92 -35.17 -11.64
CA PHE B 329 -3.86 -34.06 -11.60
C PHE B 329 -4.00 -33.35 -12.95
N CYS B 330 -2.93 -33.24 -13.74
CA CYS B 330 -2.99 -32.77 -15.13
C CYS B 330 -3.79 -33.71 -16.04
N VAL B 331 -3.67 -35.03 -15.86
CA VAL B 331 -4.50 -36.00 -16.60
C VAL B 331 -5.98 -35.87 -16.21
N LEU B 332 -6.31 -35.76 -14.92
CA LEU B 332 -7.68 -35.56 -14.47
C LEU B 332 -8.27 -34.22 -14.92
N ALA B 333 -7.48 -33.14 -14.93
CA ALA B 333 -7.88 -31.86 -15.49
C ALA B 333 -8.21 -31.98 -16.98
N SER B 334 -7.37 -32.66 -17.76
CA SER B 334 -7.58 -32.92 -19.18
C SER B 334 -8.83 -33.74 -19.45
N LEU B 335 -9.02 -34.85 -18.75
CA LEU B 335 -10.20 -35.70 -18.88
C LEU B 335 -11.49 -34.96 -18.48
N TYR B 336 -11.47 -34.18 -17.41
CA TYR B 336 -12.63 -33.38 -17.01
C TYR B 336 -12.98 -32.28 -18.02
N ILE B 337 -11.99 -31.61 -18.61
CA ILE B 337 -12.21 -30.63 -19.68
C ILE B 337 -12.78 -31.30 -20.94
N LEU B 338 -12.25 -32.45 -21.37
CA LEU B 338 -12.83 -33.20 -22.49
C LEU B 338 -14.27 -33.63 -22.21
N TYR B 339 -14.57 -34.08 -20.99
CA TYR B 339 -15.93 -34.39 -20.56
C TYR B 339 -16.86 -33.16 -20.62
N MET B 340 -16.40 -31.98 -20.20
CA MET B 340 -17.16 -30.74 -20.34
C MET B 340 -17.36 -30.28 -21.78
N ILE B 341 -16.37 -30.47 -22.67
CA ILE B 341 -16.52 -30.22 -24.10
C ILE B 341 -17.56 -31.18 -24.71
N CYS B 342 -17.56 -32.45 -24.31
CA CYS B 342 -18.58 -33.42 -24.70
C CYS B 342 -19.98 -32.99 -24.25
N PHE B 343 -20.18 -32.67 -22.97
CA PHE B 343 -21.46 -32.18 -22.47
C PHE B 343 -21.91 -30.88 -23.16
N THR B 344 -21.00 -29.95 -23.38
CA THR B 344 -21.29 -28.70 -24.09
C THR B 344 -21.78 -29.00 -25.50
N THR B 345 -21.10 -29.90 -26.22
CA THR B 345 -21.51 -30.32 -27.56
C THR B 345 -22.89 -30.97 -27.58
N CYS B 346 -23.25 -31.75 -26.56
CA CYS B 346 -24.60 -32.31 -26.43
C CYS B 346 -25.67 -31.24 -26.21
N CYS B 347 -25.32 -30.12 -25.58
CA CYS B 347 -26.19 -28.95 -25.46
C CYS B 347 -26.26 -28.15 -26.77
N ILE B 348 -25.17 -28.00 -27.52
CA ILE B 348 -25.21 -27.31 -28.82
C ILE B 348 -26.09 -28.09 -29.81
N TYR B 349 -26.02 -29.41 -29.82
CA TYR B 349 -26.81 -30.30 -30.69
C TYR B 349 -28.11 -30.81 -30.07
N ARG B 350 -28.56 -30.21 -28.98
CA ARG B 350 -29.83 -30.49 -28.29
C ARG B 350 -31.03 -30.57 -29.25
N PRO B 351 -31.91 -31.56 -29.12
CA PRO B 351 -32.91 -31.88 -30.15
C PRO B 351 -34.10 -30.90 -30.19
N LEU B 352 -34.15 -30.01 -31.19
CA LEU B 352 -35.18 -28.99 -31.38
C LEU B 352 -35.86 -29.11 -32.75
N LYS B 353 -37.15 -28.76 -32.82
CA LYS B 353 -37.97 -28.73 -34.04
C LYS B 353 -38.75 -27.42 -34.17
N LEU B 354 -39.28 -27.11 -35.36
CA LEU B 354 -40.18 -25.98 -35.56
C LEU B 354 -41.41 -26.11 -34.65
N ARG B 355 -41.76 -25.01 -33.98
CA ARG B 355 -42.93 -24.91 -33.11
C ARG B 355 -44.21 -25.24 -33.88
N ASP B 356 -45.06 -26.09 -33.31
CA ASP B 356 -46.36 -26.48 -33.87
C ASP B 356 -47.45 -25.42 -33.64
N ASP B 357 -47.43 -24.79 -32.48
CA ASP B 357 -48.18 -23.60 -32.09
C ASP B 357 -47.81 -22.35 -32.95
N ASN B 358 -48.63 -21.30 -32.90
CA ASN B 358 -48.45 -20.05 -33.66
C ASN B 358 -48.01 -18.88 -32.77
N ARG B 359 -47.16 -18.01 -33.35
CA ARG B 359 -46.75 -16.77 -32.64
C ARG B 359 -47.85 -15.75 -32.91
N THR B 360 -48.99 -15.89 -32.25
CA THR B 360 -50.16 -14.98 -32.32
C THR B 360 -49.94 -13.67 -31.56
N ASP B 361 -49.20 -13.68 -30.46
CA ASP B 361 -48.75 -12.49 -29.74
C ASP B 361 -47.58 -11.82 -30.49
N PRO B 362 -47.64 -10.54 -30.88
CA PRO B 362 -46.54 -9.87 -31.56
C PRO B 362 -45.25 -9.77 -30.73
N ARG B 363 -45.30 -9.91 -29.41
CA ARG B 363 -44.12 -9.90 -28.52
C ARG B 363 -43.47 -11.27 -28.36
N ASP B 364 -44.08 -12.34 -28.87
CA ASP B 364 -43.55 -13.70 -28.81
C ASP B 364 -42.54 -13.99 -29.94
N ILE B 365 -41.32 -14.37 -29.56
CA ILE B 365 -40.21 -14.67 -30.46
C ILE B 365 -39.81 -16.15 -30.50
N THR B 366 -40.52 -17.05 -29.83
CA THR B 366 -40.17 -18.47 -29.83
C THR B 366 -40.58 -19.14 -31.14
N ILE B 367 -39.61 -19.66 -31.89
CA ILE B 367 -39.80 -20.30 -33.20
C ILE B 367 -39.51 -21.81 -33.20
N LEU B 368 -38.65 -22.29 -32.31
CA LEU B 368 -38.40 -23.73 -32.11
C LEU B 368 -38.92 -24.20 -30.76
N GLN B 369 -38.93 -25.52 -30.60
CA GLN B 369 -39.54 -26.25 -29.50
C GLN B 369 -38.74 -27.55 -29.27
N GLN B 370 -38.78 -28.14 -28.08
CA GLN B 370 -38.19 -29.46 -27.84
C GLN B 370 -38.83 -30.53 -28.74
N LYS B 371 -38.02 -31.40 -29.36
CA LYS B 371 -38.50 -32.68 -29.88
C LYS B 371 -38.96 -33.57 -28.73
N LEU B 372 -40.01 -34.37 -28.94
CA LEU B 372 -40.35 -35.46 -28.03
C LEU B 372 -39.33 -36.59 -28.17
N LEU B 373 -39.13 -37.41 -27.14
CA LEU B 373 -38.18 -38.51 -27.10
C LEU B 373 -38.30 -39.46 -28.31
N GLN B 374 -39.53 -39.81 -28.69
CA GLN B 374 -39.85 -40.68 -29.83
C GLN B 374 -39.51 -40.09 -31.22
N GLU B 375 -39.15 -38.81 -31.31
CA GLU B 375 -38.67 -38.15 -32.53
C GLU B 375 -37.26 -37.54 -32.38
N ALA B 376 -36.67 -37.56 -31.18
CA ALA B 376 -35.35 -37.01 -30.88
C ALA B 376 -34.18 -37.93 -31.30
N TYR B 377 -34.42 -39.19 -31.63
CA TYR B 377 -33.38 -40.17 -31.97
C TYR B 377 -33.72 -40.90 -33.27
N VAL B 378 -33.36 -40.30 -34.40
CA VAL B 378 -33.74 -40.77 -35.75
C VAL B 378 -32.55 -40.79 -36.70
N THR B 379 -31.79 -39.70 -36.77
CA THR B 379 -30.64 -39.53 -37.67
C THR B 379 -29.36 -40.14 -37.10
N HIS B 380 -28.34 -40.33 -37.94
CA HIS B 380 -27.00 -40.72 -37.48
C HIS B 380 -26.41 -39.68 -36.52
N GLN B 381 -26.65 -38.39 -36.75
CA GLN B 381 -26.25 -37.31 -35.87
C GLN B 381 -26.93 -37.40 -34.50
N ASP B 382 -28.18 -37.83 -34.41
CA ASP B 382 -28.82 -38.10 -33.11
C ASP B 382 -28.19 -39.29 -32.38
N ASN B 383 -27.77 -40.34 -33.09
CA ASN B 383 -27.08 -41.46 -32.48
C ASN B 383 -25.66 -41.09 -32.02
N ILE B 384 -24.93 -40.27 -32.78
CA ILE B 384 -23.66 -39.66 -32.34
C ILE B 384 -23.86 -38.83 -31.07
N ARG B 385 -24.97 -38.09 -31.00
CA ARG B 385 -25.26 -37.30 -29.78
C ARG B 385 -25.67 -38.20 -28.62
N LEU B 386 -26.41 -39.28 -28.88
CA LEU B 386 -26.75 -40.24 -27.82
C LEU B 386 -25.50 -40.80 -27.14
N VAL B 387 -24.42 -41.08 -27.89
CA VAL B 387 -23.14 -41.49 -27.30
C VAL B 387 -22.57 -40.39 -26.40
N GLY B 388 -22.58 -39.13 -26.83
CA GLY B 388 -22.16 -37.99 -26.00
C GLY B 388 -23.06 -37.76 -24.77
N GLU B 389 -24.36 -37.97 -24.89
CA GLU B 389 -25.32 -37.88 -23.78
C GLU B 389 -25.15 -39.02 -22.78
N LEU B 390 -24.88 -40.25 -23.23
CA LEU B 390 -24.55 -41.39 -22.36
C LEU B 390 -23.21 -41.20 -21.65
N VAL B 391 -22.20 -40.64 -22.33
CA VAL B 391 -20.95 -40.21 -21.68
C VAL B 391 -21.23 -39.13 -20.63
N THR B 392 -22.07 -38.15 -20.94
CA THR B 392 -22.45 -37.08 -20.02
C THR B 392 -23.09 -37.62 -18.75
N VAL B 393 -24.08 -38.51 -18.88
CA VAL B 393 -24.76 -39.18 -17.76
C VAL B 393 -23.82 -40.09 -16.99
N THR B 394 -22.94 -40.83 -17.66
CA THR B 394 -21.96 -41.70 -17.00
C THR B 394 -21.00 -40.91 -16.12
N GLY B 395 -20.44 -39.80 -16.63
CA GLY B 395 -19.61 -38.92 -15.82
C GLY B 395 -20.36 -38.23 -14.68
N ALA B 396 -21.67 -37.95 -14.83
CA ALA B 396 -22.48 -37.44 -13.72
C ALA B 396 -22.67 -38.49 -12.62
N VAL B 397 -22.90 -39.75 -12.98
CA VAL B 397 -22.93 -40.86 -12.02
C VAL B 397 -21.57 -41.04 -11.36
N ILE B 398 -20.47 -41.05 -12.10
CA ILE B 398 -19.11 -41.17 -11.56
C ILE B 398 -18.79 -40.02 -10.59
N ILE B 399 -19.16 -38.77 -10.89
CA ILE B 399 -18.99 -37.66 -9.96
C ILE B 399 -19.67 -37.98 -8.63
N LEU B 400 -20.92 -38.44 -8.62
CA LEU B 400 -21.58 -38.78 -7.36
C LEU B 400 -20.93 -39.97 -6.64
N LEU B 401 -20.49 -41.00 -7.36
CA LEU B 401 -19.77 -42.12 -6.77
C LEU B 401 -18.42 -41.72 -6.15
N LEU B 402 -17.73 -40.73 -6.70
CA LEU B 402 -16.49 -40.19 -6.12
C LEU B 402 -16.75 -39.20 -4.99
N GLU B 403 -17.77 -38.34 -5.09
CA GLU B 403 -18.06 -37.28 -4.13
C GLU B 403 -18.77 -37.76 -2.87
N ILE B 404 -19.89 -38.48 -3.00
CA ILE B 404 -20.81 -38.71 -1.87
C ILE B 404 -20.16 -39.49 -0.71
N PRO B 405 -19.35 -40.55 -0.93
CA PRO B 405 -18.63 -41.21 0.15
C PRO B 405 -17.68 -40.29 0.94
N ASP B 406 -17.08 -39.28 0.30
CA ASP B 406 -16.18 -38.37 1.00
C ASP B 406 -16.92 -37.37 1.89
N ILE B 407 -18.17 -37.04 1.59
CA ILE B 407 -19.06 -36.31 2.51
C ILE B 407 -19.16 -37.09 3.83
N PHE B 408 -19.36 -38.41 3.75
CA PHE B 408 -19.53 -39.26 4.92
C PHE B 408 -18.24 -39.45 5.71
N ARG B 409 -17.09 -39.62 5.05
CA ARG B 409 -15.78 -39.71 5.74
C ARG B 409 -15.44 -38.44 6.51
N VAL B 410 -15.54 -37.30 5.84
CA VAL B 410 -15.06 -36.01 6.37
C VAL B 410 -16.10 -35.34 7.27
N GLY B 411 -17.39 -35.59 7.04
CA GLY B 411 -18.52 -34.86 7.61
C GLY B 411 -18.85 -33.62 6.79
N ALA B 412 -20.13 -33.42 6.46
CA ALA B 412 -20.54 -32.47 5.43
C ALA B 412 -20.06 -31.02 5.67
N SER B 413 -20.14 -30.52 6.89
CA SER B 413 -19.73 -29.15 7.23
C SER B 413 -18.22 -28.93 7.08
N ARG B 414 -17.39 -29.93 7.38
CA ARG B 414 -15.94 -29.90 7.11
C ARG B 414 -15.64 -30.08 5.63
N TYR B 415 -16.35 -30.98 4.95
CA TYR B 415 -16.16 -31.27 3.52
C TYR B 415 -16.48 -30.06 2.64
N PHE B 416 -17.67 -29.47 2.77
CA PHE B 416 -18.08 -28.30 2.00
C PHE B 416 -17.55 -26.96 2.54
N GLY B 417 -17.18 -26.88 3.81
CA GLY B 417 -16.70 -25.65 4.44
C GLY B 417 -15.22 -25.35 4.19
N GLN B 418 -14.36 -26.36 4.14
CA GLN B 418 -12.91 -26.16 4.02
C GLN B 418 -12.46 -25.79 2.60
N THR B 419 -11.85 -24.62 2.46
CA THR B 419 -11.16 -24.15 1.24
C THR B 419 -10.07 -25.13 0.82
N ILE B 420 -9.25 -25.58 1.76
CA ILE B 420 -8.10 -26.48 1.52
C ILE B 420 -8.52 -27.78 0.84
N LEU B 421 -9.63 -28.38 1.25
CA LEU B 421 -10.13 -29.64 0.69
C LEU B 421 -10.83 -29.47 -0.68
N GLY B 422 -11.26 -28.26 -1.04
CA GLY B 422 -12.05 -28.01 -2.25
C GLY B 422 -13.52 -27.70 -2.02
N GLY B 423 -13.91 -27.31 -0.81
CA GLY B 423 -15.29 -27.21 -0.34
C GLY B 423 -16.33 -26.62 -1.30
N PRO B 424 -16.20 -25.37 -1.76
CA PRO B 424 -17.15 -24.79 -2.72
C PRO B 424 -17.22 -25.52 -4.06
N PHE B 425 -16.11 -26.08 -4.54
CA PHE B 425 -16.10 -26.87 -5.75
C PHE B 425 -16.84 -28.21 -5.60
N HIS B 426 -16.79 -28.83 -4.43
CA HIS B 426 -17.60 -30.02 -4.13
C HIS B 426 -19.10 -29.73 -4.15
N VAL B 427 -19.52 -28.57 -3.65
CA VAL B 427 -20.92 -28.14 -3.74
C VAL B 427 -21.35 -28.03 -5.21
N ILE B 428 -20.60 -27.31 -6.03
CA ILE B 428 -21.03 -27.06 -7.42
C ILE B 428 -20.87 -28.29 -8.31
N ILE B 429 -19.90 -29.18 -8.10
CA ILE B 429 -19.78 -30.41 -8.89
C ILE B 429 -20.90 -31.42 -8.57
N ILE B 430 -21.34 -31.52 -7.33
CA ILE B 430 -22.52 -32.32 -6.97
C ILE B 430 -23.79 -31.69 -7.52
N THR B 431 -23.89 -30.36 -7.49
CA THR B 431 -25.04 -29.65 -8.08
C THR B 431 -25.10 -29.86 -9.59
N TYR B 432 -23.97 -29.76 -10.29
CA TYR B 432 -23.83 -30.11 -11.70
C TYR B 432 -24.31 -31.53 -12.01
N ALA B 433 -23.80 -32.54 -11.30
CA ALA B 433 -24.20 -33.92 -11.53
C ALA B 433 -25.70 -34.16 -11.25
N SER B 434 -26.26 -33.48 -10.25
CA SER B 434 -27.69 -33.52 -9.95
C SER B 434 -28.54 -32.90 -11.07
N LEU B 435 -28.13 -31.76 -11.64
CA LEU B 435 -28.82 -31.11 -12.75
C LEU B 435 -28.73 -31.92 -14.05
N VAL B 436 -27.62 -32.62 -14.29
CA VAL B 436 -27.48 -33.54 -15.43
C VAL B 436 -28.45 -34.70 -15.31
N LEU B 437 -28.52 -35.35 -14.14
CA LEU B 437 -29.42 -36.49 -13.94
C LEU B 437 -30.90 -36.07 -13.93
N LEU B 438 -31.23 -34.89 -13.41
CA LEU B 438 -32.53 -34.26 -13.56
C LEU B 438 -32.89 -34.06 -15.04
N THR B 439 -31.98 -33.54 -15.84
CA THR B 439 -32.20 -33.32 -17.27
C THR B 439 -32.43 -34.64 -18.01
N MET B 440 -31.73 -35.70 -17.66
CA MET B 440 -31.98 -37.04 -18.20
C MET B 440 -33.40 -37.53 -17.87
N VAL B 441 -33.88 -37.35 -16.64
CA VAL B 441 -35.26 -37.66 -16.27
C VAL B 441 -36.26 -36.83 -17.08
N MET B 442 -36.01 -35.53 -17.27
CA MET B 442 -36.83 -34.67 -18.13
C MET B 442 -36.86 -35.14 -19.59
N ARG B 443 -35.72 -35.53 -20.16
CA ARG B 443 -35.61 -36.06 -21.52
C ARG B 443 -36.43 -37.33 -21.70
N LEU B 444 -36.32 -38.26 -20.75
CA LEU B 444 -37.02 -39.55 -20.79
C LEU B 444 -38.53 -39.40 -20.57
N THR B 445 -39.00 -38.31 -19.96
CA THR B 445 -40.42 -38.07 -19.62
C THR B 445 -41.09 -37.01 -20.50
N ASN B 446 -40.45 -36.56 -21.59
CA ASN B 446 -40.95 -35.50 -22.48
C ASN B 446 -41.26 -34.18 -21.75
N MET B 447 -40.56 -33.90 -20.65
CA MET B 447 -40.80 -32.70 -19.85
C MET B 447 -40.21 -31.46 -20.53
N ASN B 448 -41.02 -30.43 -20.73
CA ASN B 448 -40.57 -29.18 -21.33
C ASN B 448 -39.70 -28.36 -20.34
N GLY B 449 -38.76 -27.58 -20.87
CA GLY B 449 -37.92 -26.68 -20.08
C GLY B 449 -36.55 -27.25 -19.70
N GLU B 450 -35.98 -28.15 -20.50
CA GLU B 450 -34.61 -28.66 -20.29
C GLU B 450 -33.55 -27.54 -20.31
N VAL B 451 -33.84 -26.41 -20.98
CA VAL B 451 -33.01 -25.20 -20.97
C VAL B 451 -32.63 -24.77 -19.57
N VAL B 452 -33.55 -24.88 -18.61
CA VAL B 452 -33.34 -24.39 -17.24
C VAL B 452 -32.23 -25.17 -16.54
N PRO B 453 -32.33 -26.49 -16.29
CA PRO B 453 -31.24 -27.23 -15.68
C PRO B 453 -29.99 -27.28 -16.54
N LEU B 454 -30.09 -27.31 -17.88
CA LEU B 454 -28.91 -27.30 -18.75
C LEU B 454 -28.14 -25.99 -18.68
N SER B 455 -28.80 -24.83 -18.58
CA SER B 455 -28.10 -23.55 -18.46
C SER B 455 -27.36 -23.44 -17.15
N PHE B 456 -27.97 -23.87 -16.04
CA PHE B 456 -27.27 -23.99 -14.77
C PHE B 456 -26.12 -24.99 -14.85
N ALA B 457 -26.32 -26.18 -15.42
CA ALA B 457 -25.29 -27.19 -15.54
C ALA B 457 -24.12 -26.75 -16.42
N LEU B 458 -24.34 -26.00 -17.49
CA LEU B 458 -23.26 -25.44 -18.32
C LEU B 458 -22.41 -24.44 -17.55
N VAL B 459 -23.04 -23.55 -16.78
CA VAL B 459 -22.32 -22.59 -15.93
C VAL B 459 -21.57 -23.31 -14.81
N LEU B 460 -22.22 -24.16 -14.02
CA LEU B 460 -21.59 -24.85 -12.88
C LEU B 460 -20.56 -25.89 -13.30
N GLY B 461 -20.82 -26.60 -14.39
CA GLY B 461 -19.90 -27.56 -14.98
C GLY B 461 -18.62 -26.87 -15.45
N TRP B 462 -18.72 -25.78 -16.22
CA TRP B 462 -17.53 -25.03 -16.62
C TRP B 462 -16.87 -24.31 -15.46
N CYS B 463 -17.59 -23.62 -14.57
CA CYS B 463 -16.96 -22.98 -13.40
C CYS B 463 -16.23 -23.99 -12.50
N SER B 464 -16.68 -25.23 -12.40
CA SER B 464 -15.97 -26.29 -11.68
C SER B 464 -14.64 -26.72 -12.31
N VAL B 465 -14.34 -26.38 -13.57
CA VAL B 465 -12.99 -26.53 -14.14
C VAL B 465 -11.96 -25.70 -13.35
N MET B 466 -12.37 -24.61 -12.70
CA MET B 466 -11.50 -23.84 -11.82
C MET B 466 -11.04 -24.63 -10.58
N TYR B 467 -11.62 -25.79 -10.28
CA TYR B 467 -11.09 -26.71 -9.28
C TYR B 467 -9.64 -27.08 -9.57
N PHE B 468 -9.32 -27.35 -10.83
CA PHE B 468 -8.00 -27.77 -11.27
C PHE B 468 -6.97 -26.64 -11.30
N ALA B 469 -7.37 -25.38 -11.12
CA ALA B 469 -6.46 -24.26 -10.97
C ALA B 469 -5.49 -24.45 -9.80
N ARG B 470 -5.87 -25.25 -8.80
CA ARG B 470 -5.03 -25.51 -7.61
C ARG B 470 -3.73 -26.22 -7.97
N GLY B 471 -3.68 -26.94 -9.10
CA GLY B 471 -2.50 -27.66 -9.54
C GLY B 471 -1.38 -26.78 -10.06
N PHE B 472 -1.63 -25.49 -10.27
CA PHE B 472 -0.72 -24.58 -10.96
C PHE B 472 -0.45 -23.37 -10.08
N GLN B 473 0.81 -22.96 -9.95
CA GLN B 473 1.18 -21.78 -9.17
C GLN B 473 0.64 -20.49 -9.79
N MET B 474 0.49 -20.45 -11.12
CA MET B 474 -0.07 -19.31 -11.83
C MET B 474 -1.55 -19.05 -11.50
N LEU B 475 -2.34 -20.10 -11.31
CA LEU B 475 -3.80 -20.04 -11.22
C LEU B 475 -4.35 -20.30 -9.83
N GLY B 476 -3.66 -21.09 -9.01
CA GLY B 476 -4.16 -21.57 -7.72
C GLY B 476 -4.37 -20.46 -6.70
N PRO B 477 -3.37 -19.61 -6.41
CA PRO B 477 -3.52 -18.49 -5.49
C PRO B 477 -4.57 -17.48 -5.98
N PHE B 478 -4.64 -17.22 -7.28
CA PHE B 478 -5.68 -16.36 -7.86
C PHE B 478 -7.09 -16.93 -7.70
N THR B 479 -7.27 -18.25 -7.82
CA THR B 479 -8.56 -18.90 -7.57
C THR B 479 -8.97 -18.83 -6.09
N ILE B 480 -8.02 -18.80 -5.16
CA ILE B 480 -8.29 -18.51 -3.74
C ILE B 480 -8.70 -17.05 -3.53
N MET B 481 -8.08 -16.07 -4.20
CA MET B 481 -8.57 -14.69 -4.17
C MET B 481 -9.99 -14.57 -4.69
N ILE B 482 -10.34 -15.21 -5.80
CA ILE B 482 -11.72 -15.21 -6.31
C ILE B 482 -12.68 -15.64 -5.18
N GLN B 483 -12.41 -16.75 -4.51
CA GLN B 483 -13.23 -17.25 -3.41
C GLN B 483 -13.30 -16.30 -2.21
N LYS B 484 -12.16 -15.76 -1.77
CA LYS B 484 -12.11 -14.82 -0.63
C LYS B 484 -12.79 -13.51 -0.94
N MET B 485 -12.78 -13.05 -2.19
CA MET B 485 -13.55 -11.90 -2.64
C MET B 485 -15.04 -12.17 -2.79
N ILE B 486 -15.47 -13.35 -3.24
CA ILE B 486 -16.90 -13.70 -3.30
C ILE B 486 -17.51 -13.72 -1.90
N PHE B 487 -16.88 -14.44 -0.96
CA PHE B 487 -17.43 -14.60 0.40
C PHE B 487 -17.24 -13.35 1.28
N GLY B 488 -16.31 -12.47 0.93
CA GLY B 488 -16.03 -11.23 1.63
C GLY B 488 -16.63 -10.02 0.94
N ASP B 489 -15.83 -9.32 0.13
CA ASP B 489 -16.19 -8.02 -0.43
C ASP B 489 -17.41 -8.05 -1.34
N LEU B 490 -17.58 -9.07 -2.17
CA LEU B 490 -18.76 -9.17 -3.04
C LEU B 490 -20.04 -9.36 -2.23
N MET B 491 -20.02 -10.16 -1.16
CA MET B 491 -21.16 -10.31 -0.26
C MET B 491 -21.59 -8.98 0.36
N ARG B 492 -20.68 -8.26 0.99
CA ARG B 492 -20.98 -6.97 1.62
C ARG B 492 -21.51 -6.00 0.58
N PHE B 493 -20.90 -5.95 -0.58
CA PHE B 493 -21.33 -5.07 -1.65
C PHE B 493 -22.73 -5.38 -2.13
N CYS B 494 -23.03 -6.64 -2.46
CA CYS B 494 -24.34 -7.05 -2.97
C CYS B 494 -25.47 -6.77 -1.97
N TRP B 495 -25.23 -6.83 -0.66
CA TRP B 495 -26.22 -6.42 0.33
C TRP B 495 -26.60 -4.95 0.24
N LEU B 496 -25.65 -4.03 0.15
CA LEU B 496 -25.96 -2.60 0.10
C LEU B 496 -26.37 -2.17 -1.32
N MET B 497 -25.76 -2.73 -2.35
CA MET B 497 -26.17 -2.60 -3.75
C MET B 497 -27.64 -2.97 -3.94
N ALA B 498 -28.13 -4.08 -3.35
CA ALA B 498 -29.53 -4.47 -3.46
C ALA B 498 -30.50 -3.44 -2.85
N VAL B 499 -30.16 -2.88 -1.70
CA VAL B 499 -30.91 -1.79 -1.06
C VAL B 499 -30.96 -0.54 -1.94
N VAL B 500 -29.86 -0.16 -2.57
CA VAL B 500 -29.82 0.96 -3.52
C VAL B 500 -30.64 0.68 -4.78
N ILE B 501 -30.57 -0.53 -5.34
CA ILE B 501 -31.38 -0.94 -6.48
C ILE B 501 -32.87 -0.92 -6.17
N LEU B 502 -33.31 -1.38 -4.99
CA LEU B 502 -34.72 -1.33 -4.60
C LEU B 502 -35.26 0.10 -4.53
N GLY B 503 -34.52 1.03 -3.95
CA GLY B 503 -34.91 2.44 -3.92
C GLY B 503 -35.06 3.03 -5.30
N PHE B 504 -34.00 2.93 -6.10
CA PHE B 504 -33.97 3.54 -7.42
C PHE B 504 -34.85 2.85 -8.45
N ALA B 505 -34.97 1.53 -8.47
CA ALA B 505 -35.89 0.83 -9.36
C ALA B 505 -37.33 1.24 -9.13
N SER B 506 -37.71 1.40 -7.87
CA SER B 506 -39.05 1.85 -7.49
C SER B 506 -39.30 3.29 -7.92
N ALA B 507 -38.35 4.19 -7.70
CA ALA B 507 -38.45 5.57 -8.18
C ALA B 507 -38.51 5.68 -9.71
N PHE B 508 -37.67 4.95 -10.44
CA PHE B 508 -37.72 4.90 -11.90
C PHE B 508 -39.03 4.28 -12.42
N HIS B 509 -39.50 3.19 -11.81
CA HIS B 509 -40.76 2.59 -12.20
C HIS B 509 -41.93 3.56 -12.04
N ILE B 510 -42.09 4.20 -10.89
CA ILE B 510 -43.21 5.14 -10.72
C ILE B 510 -43.05 6.42 -11.55
N THR B 511 -41.83 6.82 -11.87
CA THR B 511 -41.57 7.91 -12.82
C THR B 511 -42.08 7.59 -14.22
N PHE B 512 -41.97 6.35 -14.68
CA PHE B 512 -42.43 5.94 -16.01
C PHE B 512 -43.84 5.35 -16.08
N GLN B 513 -44.50 5.07 -14.96
CA GLN B 513 -45.87 4.54 -14.94
C GLN B 513 -46.86 5.32 -15.81
N THR B 514 -46.76 6.66 -15.82
CA THR B 514 -47.65 7.54 -16.58
C THR B 514 -47.29 7.69 -18.06
N GLU B 515 -46.14 7.20 -18.48
CA GLU B 515 -45.58 7.42 -19.81
C GLU B 515 -45.74 6.19 -20.72
N ASP B 516 -45.72 6.40 -22.03
CA ASP B 516 -45.91 5.36 -23.03
C ASP B 516 -44.75 4.35 -23.04
N PRO B 517 -44.97 3.05 -22.75
CA PRO B 517 -43.89 2.07 -22.67
C PRO B 517 -43.13 1.86 -23.97
N ASN B 518 -43.71 2.20 -25.12
CA ASN B 518 -43.07 2.03 -26.42
C ASN B 518 -41.98 3.08 -26.69
N ASN B 519 -41.97 4.20 -25.95
CA ASN B 519 -40.97 5.25 -26.10
C ASN B 519 -39.78 5.10 -25.15
N LEU B 520 -39.94 4.45 -23.99
CA LEU B 520 -38.86 4.08 -23.08
C LEU B 520 -39.24 2.80 -22.31
N GLY B 521 -38.62 1.68 -22.65
CA GLY B 521 -39.03 0.35 -22.22
C GLY B 521 -38.42 -0.14 -20.91
N GLU B 522 -37.29 0.44 -20.48
CA GLU B 522 -36.45 -0.04 -19.38
C GLU B 522 -37.19 -0.21 -18.05
N PHE B 523 -38.19 0.63 -17.77
CA PHE B 523 -38.89 0.67 -16.49
C PHE B 523 -40.39 0.40 -16.63
N SER B 524 -40.79 -0.29 -17.70
CA SER B 524 -42.18 -0.46 -18.12
C SER B 524 -43.03 -1.36 -17.21
N ASP B 525 -42.42 -2.29 -16.47
CA ASP B 525 -43.01 -2.97 -15.32
C ASP B 525 -41.97 -3.11 -14.21
N TYR B 526 -42.39 -3.47 -13.00
CA TYR B 526 -41.51 -3.47 -11.85
C TYR B 526 -40.35 -4.50 -11.94
N PRO B 527 -40.56 -5.74 -12.41
CA PRO B 527 -39.45 -6.67 -12.67
C PRO B 527 -38.45 -6.15 -13.71
N THR B 528 -38.90 -5.54 -14.81
CA THR B 528 -38.01 -4.91 -15.78
C THR B 528 -37.30 -3.73 -15.15
N ALA B 529 -37.97 -2.90 -14.34
CA ALA B 529 -37.32 -1.79 -13.68
C ALA B 529 -36.21 -2.24 -12.71
N LEU B 530 -36.41 -3.33 -11.96
CA LEU B 530 -35.36 -3.92 -11.12
C LEU B 530 -34.17 -4.37 -11.96
N PHE B 531 -34.42 -5.14 -13.02
CA PHE B 531 -33.36 -5.68 -13.86
C PHE B 531 -32.60 -4.57 -14.59
N SER B 532 -33.30 -3.59 -15.16
CA SER B 532 -32.69 -2.43 -15.76
C SER B 532 -31.91 -1.61 -14.75
N THR B 533 -32.42 -1.39 -13.54
CA THR B 533 -31.67 -0.67 -12.51
C THR B 533 -30.42 -1.43 -12.09
N PHE B 534 -30.48 -2.75 -11.98
CA PHE B 534 -29.33 -3.61 -11.75
C PHE B 534 -28.28 -3.50 -12.88
N GLU B 535 -28.69 -3.56 -14.14
CA GLU B 535 -27.79 -3.38 -15.28
C GLU B 535 -27.24 -1.95 -15.40
N LEU B 536 -28.03 -0.93 -15.07
CA LEU B 536 -27.61 0.45 -15.00
C LEU B 536 -26.64 0.71 -13.85
N PHE B 537 -26.81 0.07 -12.70
CA PHE B 537 -25.89 0.14 -11.57
C PHE B 537 -24.50 -0.33 -12.02
N LEU B 538 -24.47 -1.46 -12.71
CA LEU B 538 -23.23 -2.08 -13.18
C LEU B 538 -22.75 -1.46 -14.47
N THR B 539 -23.49 -0.54 -15.05
CA THR B 539 -23.14 0.16 -16.31
C THR B 539 -23.03 -0.83 -17.46
N ILE B 540 -23.90 -1.82 -17.53
CA ILE B 540 -23.84 -2.87 -18.57
C ILE B 540 -24.92 -2.59 -19.61
N ILE B 541 -25.81 -1.65 -19.32
CA ILE B 541 -26.81 -1.18 -20.31
C ILE B 541 -26.69 0.35 -20.30
N ASP B 542 -26.92 1.00 -21.43
CA ASP B 542 -26.73 2.46 -21.50
C ASP B 542 -27.86 3.17 -20.79
N GLY B 543 -27.60 4.35 -20.26
CA GLY B 543 -28.61 5.12 -19.52
C GLY B 543 -29.73 5.42 -20.46
N PRO B 544 -31.02 5.21 -20.10
CA PRO B 544 -32.02 5.32 -21.14
C PRO B 544 -32.26 6.77 -21.54
N ALA B 545 -32.37 6.98 -22.84
CA ALA B 545 -32.55 8.27 -23.46
C ALA B 545 -33.37 8.11 -24.74
N ASN B 546 -34.13 9.13 -25.07
CA ASN B 546 -34.87 9.21 -26.32
C ASN B 546 -35.09 10.68 -26.66
N TYR B 547 -34.16 11.27 -27.39
CA TYR B 547 -34.17 12.71 -27.69
C TYR B 547 -35.33 13.14 -28.60
N SER B 548 -36.04 12.20 -29.20
CA SER B 548 -37.25 12.45 -29.99
C SER B 548 -38.52 12.72 -29.17
N VAL B 549 -38.47 12.56 -27.84
CA VAL B 549 -39.59 12.79 -26.92
C VAL B 549 -39.15 13.51 -25.65
N ASP B 550 -40.11 14.09 -24.93
CA ASP B 550 -39.92 14.64 -23.60
C ASP B 550 -40.04 13.56 -22.53
N LEU B 551 -38.91 13.15 -21.95
CA LEU B 551 -38.90 12.32 -20.74
C LEU B 551 -39.35 13.14 -19.52
N PRO B 552 -39.95 12.51 -18.50
CA PRO B 552 -40.29 13.21 -17.26
C PRO B 552 -39.05 13.81 -16.60
N PHE B 553 -39.15 15.03 -16.10
CA PHE B 553 -38.03 15.77 -15.48
C PHE B 553 -37.49 15.04 -14.24
N MET B 554 -38.37 14.31 -13.55
CA MET B 554 -38.06 13.50 -12.39
C MET B 554 -37.11 12.33 -12.72
N TYR B 555 -37.10 11.85 -13.97
CA TYR B 555 -36.13 10.86 -14.42
C TYR B 555 -34.72 11.43 -14.44
N CYS B 556 -34.50 12.62 -15.00
CA CYS B 556 -33.16 13.23 -15.06
C CYS B 556 -32.61 13.50 -13.65
N ILE B 557 -33.44 13.97 -12.72
CA ILE B 557 -33.06 14.19 -11.33
C ILE B 557 -32.69 12.86 -10.65
N THR B 558 -33.56 11.85 -10.75
CA THR B 558 -33.35 10.54 -10.13
C THR B 558 -32.15 9.83 -10.74
N TYR B 559 -31.98 9.87 -12.06
CA TYR B 559 -30.86 9.23 -12.74
C TYR B 559 -29.53 9.94 -12.47
N ALA B 560 -29.50 11.26 -12.27
CA ALA B 560 -28.28 11.94 -11.84
C ALA B 560 -27.83 11.51 -10.43
N ALA B 561 -28.76 11.41 -9.46
CA ALA B 561 -28.46 10.90 -8.14
C ALA B 561 -28.02 9.44 -8.17
N PHE B 562 -28.70 8.60 -8.96
CA PHE B 562 -28.32 7.21 -9.16
C PHE B 562 -26.93 7.05 -9.78
N ALA B 563 -26.64 7.80 -10.84
CA ALA B 563 -25.36 7.77 -11.49
C ALA B 563 -24.21 8.15 -10.55
N ILE B 564 -24.39 9.17 -9.70
CA ILE B 564 -23.41 9.54 -8.68
C ILE B 564 -23.28 8.47 -7.58
N ILE B 565 -24.37 7.93 -7.05
CA ILE B 565 -24.34 6.98 -5.92
C ILE B 565 -23.90 5.60 -6.38
N ALA B 566 -24.56 5.02 -7.39
CA ALA B 566 -24.25 3.68 -7.87
C ALA B 566 -22.96 3.67 -8.68
N THR B 567 -22.85 4.40 -9.75
CA THR B 567 -21.67 4.22 -10.64
C THR B 567 -20.44 4.98 -10.18
N LEU B 568 -20.54 6.26 -9.87
CA LEU B 568 -19.28 6.97 -9.51
C LEU B 568 -18.82 6.47 -8.16
N LEU B 569 -19.68 6.45 -7.15
CA LEU B 569 -19.17 6.11 -5.81
C LEU B 569 -19.11 4.62 -5.55
N MET B 570 -20.22 3.92 -5.55
CA MET B 570 -20.22 2.51 -5.06
C MET B 570 -19.49 1.54 -5.98
N LEU B 571 -19.65 1.67 -7.28
CA LEU B 571 -18.97 0.76 -8.20
C LEU B 571 -17.45 0.95 -8.18
N ASN B 572 -16.95 2.18 -7.97
CA ASN B 572 -15.52 2.45 -7.83
C ASN B 572 -15.00 2.18 -6.42
N LEU B 573 -15.81 2.41 -5.39
CA LEU B 573 -15.51 2.01 -4.02
C LEU B 573 -15.37 0.49 -3.88
N PHE B 574 -16.08 -0.31 -4.68
CA PHE B 574 -15.86 -1.75 -4.75
C PHE B 574 -14.43 -2.10 -5.18
N ILE B 575 -13.93 -1.47 -6.25
CA ILE B 575 -12.54 -1.60 -6.69
C ILE B 575 -11.57 -1.21 -5.58
N ALA B 576 -11.81 -0.08 -4.91
CA ALA B 576 -10.98 0.40 -3.81
C ALA B 576 -10.94 -0.59 -2.64
N MET B 577 -12.08 -1.11 -2.18
CA MET B 577 -12.08 -2.05 -1.07
C MET B 577 -11.52 -3.42 -1.45
N MET B 578 -11.73 -3.89 -2.67
CA MET B 578 -11.03 -5.04 -3.21
C MET B 578 -9.52 -4.84 -3.24
N GLY B 579 -9.03 -3.72 -3.74
CA GLY B 579 -7.60 -3.40 -3.74
C GLY B 579 -7.01 -3.41 -2.33
N ASP B 580 -7.76 -2.90 -1.36
CA ASP B 580 -7.37 -2.84 0.04
C ASP B 580 -7.46 -4.20 0.77
N THR B 581 -8.35 -5.09 0.36
CA THR B 581 -8.38 -6.49 0.80
C THR B 581 -7.24 -7.29 0.19
N HIS B 582 -6.96 -7.08 -1.10
CA HIS B 582 -6.02 -7.88 -1.86
C HIS B 582 -4.63 -7.89 -1.22
N TRP B 583 -4.08 -6.73 -0.86
CA TRP B 583 -2.73 -6.67 -0.29
C TRP B 583 -2.65 -7.30 1.10
N ARG B 584 -3.73 -7.28 1.89
CA ARG B 584 -3.82 -7.89 3.22
C ARG B 584 -3.92 -9.41 3.17
N VAL B 585 -4.73 -9.91 2.24
CA VAL B 585 -5.02 -11.33 2.06
C VAL B 585 -3.89 -12.07 1.33
N ALA B 586 -3.03 -11.39 0.57
CA ALA B 586 -2.03 -12.00 -0.30
C ALA B 586 -1.10 -13.03 0.38
N GLN B 587 -0.68 -12.81 1.63
CA GLN B 587 0.15 -13.79 2.32
C GLN B 587 -0.63 -15.07 2.68
N GLU B 588 -1.84 -14.94 3.24
CA GLU B 588 -2.72 -16.08 3.51
C GLU B 588 -3.12 -16.81 2.23
N ARG B 589 -3.41 -16.11 1.13
CA ARG B 589 -3.70 -16.69 -0.18
C ARG B 589 -2.63 -17.68 -0.63
N ASP B 590 -1.36 -17.35 -0.44
CA ASP B 590 -0.23 -18.23 -0.79
C ASP B 590 -0.11 -19.42 0.15
N GLU B 591 -0.28 -19.22 1.46
CA GLU B 591 -0.28 -20.29 2.45
C GLU B 591 -1.42 -21.29 2.23
N LEU B 592 -2.60 -20.79 1.89
CA LEU B 592 -3.75 -21.61 1.51
C LEU B 592 -3.49 -22.36 0.20
N TRP B 593 -2.84 -21.76 -0.79
CA TRP B 593 -2.53 -22.47 -2.03
C TRP B 593 -1.54 -23.62 -1.80
N ARG B 594 -0.47 -23.36 -1.09
CA ARG B 594 0.50 -24.40 -0.74
C ARG B 594 -0.19 -25.53 0.03
N ALA B 595 -1.10 -25.25 0.96
CA ALA B 595 -1.89 -26.28 1.64
C ALA B 595 -2.90 -27.01 0.72
N GLN B 596 -3.51 -26.35 -0.25
CA GLN B 596 -4.37 -26.99 -1.25
C GLN B 596 -3.60 -27.99 -2.12
N VAL B 597 -2.36 -27.71 -2.48
CA VAL B 597 -1.51 -28.66 -3.21
C VAL B 597 -1.28 -29.93 -2.40
N VAL B 598 -1.01 -29.79 -1.10
CA VAL B 598 -0.86 -30.95 -0.21
C VAL B 598 -2.17 -31.71 -0.06
N ALA B 599 -3.29 -31.03 0.17
CA ALA B 599 -4.60 -31.66 0.24
C ALA B 599 -4.97 -32.42 -1.04
N THR B 600 -4.61 -31.88 -2.21
CA THR B 600 -4.80 -32.56 -3.49
C THR B 600 -3.97 -33.82 -3.56
N THR B 601 -2.70 -33.75 -3.15
CA THR B 601 -1.77 -34.88 -3.11
C THR B 601 -2.29 -36.01 -2.21
N VAL B 602 -2.77 -35.64 -1.02
CA VAL B 602 -3.35 -36.56 -0.02
C VAL B 602 -4.64 -37.20 -0.54
N MET B 603 -5.51 -36.42 -1.18
CA MET B 603 -6.74 -36.89 -1.82
C MET B 603 -6.47 -37.86 -2.96
N LEU B 604 -5.56 -37.52 -3.88
CA LEU B 604 -5.22 -38.38 -5.01
C LEU B 604 -4.62 -39.71 -4.55
N GLU B 605 -3.67 -39.69 -3.63
CA GLU B 605 -3.07 -40.92 -3.14
C GLU B 605 -4.08 -41.83 -2.43
N ARG B 606 -5.03 -41.24 -1.70
CA ARG B 606 -6.12 -41.95 -1.02
C ARG B 606 -7.10 -42.59 -2.00
N LYS B 607 -7.55 -41.84 -3.02
CA LYS B 607 -8.62 -42.25 -3.93
C LYS B 607 -8.15 -43.07 -5.14
N MET B 608 -6.96 -42.82 -5.68
CA MET B 608 -6.45 -43.55 -6.85
C MET B 608 -6.02 -44.98 -6.51
N PRO B 609 -5.95 -45.90 -7.49
CA PRO B 609 -5.39 -47.23 -7.31
C PRO B 609 -3.95 -47.20 -6.78
N ARG B 610 -3.63 -48.04 -5.79
CA ARG B 610 -2.32 -48.05 -5.12
C ARG B 610 -1.16 -48.40 -6.06
N PHE B 611 -1.38 -49.15 -7.14
CA PHE B 611 -0.31 -49.41 -8.13
C PHE B 611 0.20 -48.14 -8.83
N LEU B 612 -0.59 -47.06 -8.86
CA LEU B 612 -0.17 -45.76 -9.39
C LEU B 612 0.58 -44.90 -8.37
N TRP B 613 0.53 -45.27 -7.08
CA TRP B 613 1.13 -44.52 -5.97
C TRP B 613 2.07 -45.41 -5.13
N PRO B 614 3.27 -45.75 -5.64
CA PRO B 614 4.29 -46.46 -4.88
C PRO B 614 4.58 -45.80 -3.53
N ARG B 615 4.81 -46.61 -2.48
CA ARG B 615 5.06 -46.12 -1.13
C ARG B 615 6.25 -45.14 -1.12
N SER B 616 6.07 -43.99 -0.49
CA SER B 616 7.03 -42.89 -0.52
C SER B 616 8.21 -43.10 0.42
N GLY B 617 9.35 -42.52 0.06
CA GLY B 617 10.59 -42.65 0.81
C GLY B 617 11.35 -43.93 0.50
N ILE B 618 12.17 -44.32 1.46
CA ILE B 618 13.23 -45.32 1.37
C ILE B 618 12.86 -46.51 2.25
N CYS B 619 12.77 -47.71 1.70
CA CYS B 619 12.48 -48.91 2.46
C CYS B 619 13.70 -49.33 3.30
N GLY B 620 13.56 -49.35 4.62
CA GLY B 620 14.64 -49.73 5.53
C GLY B 620 15.05 -51.20 5.44
N TYR B 621 14.15 -52.08 5.02
CA TYR B 621 14.43 -53.52 4.90
C TYR B 621 15.53 -53.82 3.87
N GLU B 622 15.67 -52.99 2.84
CA GLU B 622 16.73 -53.12 1.85
C GLU B 622 18.14 -52.86 2.41
N TYR B 623 18.25 -52.25 3.60
CA TYR B 623 19.49 -51.77 4.21
C TYR B 623 19.72 -52.26 5.64
N GLY B 624 18.96 -53.25 6.09
CA GLY B 624 19.06 -53.81 7.45
C GLY B 624 18.47 -52.94 8.57
N LEU B 625 17.66 -51.93 8.23
CA LEU B 625 17.03 -51.00 9.17
C LEU B 625 15.65 -51.45 9.67
N GLY B 626 15.18 -52.59 9.21
CA GLY B 626 13.88 -53.07 9.69
C GLY B 626 12.76 -52.79 8.73
N ASP B 627 11.54 -52.72 9.25
CA ASP B 627 10.34 -52.54 8.39
C ASP B 627 9.99 -51.06 8.28
N ARG B 628 10.87 -50.18 8.73
CA ARG B 628 10.50 -48.76 8.70
C ARG B 628 10.86 -48.14 7.35
N TRP B 629 10.15 -47.10 7.00
CA TRP B 629 10.42 -46.32 5.80
C TRP B 629 10.90 -44.92 6.18
N PHE B 630 11.77 -44.34 5.36
CA PHE B 630 12.48 -43.11 5.70
C PHE B 630 12.46 -42.08 4.59
N LEU B 631 12.70 -40.82 4.94
CA LEU B 631 13.07 -39.78 3.98
C LEU B 631 14.48 -39.31 4.30
N ARG B 632 15.37 -39.27 3.31
CA ARG B 632 16.72 -38.72 3.51
C ARG B 632 16.72 -37.27 3.07
N VAL B 633 17.07 -36.37 3.96
CA VAL B 633 17.18 -34.94 3.69
C VAL B 633 18.64 -34.56 3.86
N GLU B 634 19.25 -34.04 2.81
CA GLU B 634 20.59 -33.49 2.85
C GLU B 634 20.53 -31.96 2.79
N ASN B 635 21.22 -31.29 3.69
CA ASN B 635 21.09 -29.85 3.89
C ASN B 635 22.44 -29.17 4.13
N HIS B 636 22.47 -27.88 3.80
CA HIS B 636 23.61 -26.99 3.95
C HIS B 636 23.42 -26.10 5.17
N HIS B 637 24.46 -25.94 6.00
CA HIS B 637 24.42 -25.14 7.22
C HIS B 637 25.73 -24.37 7.47
N ASP C 28 -9.69 40.78 17.02
CA ASP C 28 -9.82 39.37 17.43
C ASP C 28 -9.09 39.13 18.76
N TRP C 29 -9.23 37.93 19.34
CA TRP C 29 -8.57 37.63 20.62
C TRP C 29 -7.05 37.64 20.50
N GLU C 30 -6.48 37.18 19.37
CA GLU C 30 -5.04 37.12 19.18
C GLU C 30 -4.39 38.50 19.26
N GLN C 31 -4.88 39.48 18.49
CA GLN C 31 -4.28 40.81 18.47
C GLN C 31 -4.49 41.57 19.78
N TYR C 32 -5.59 41.30 20.51
CA TYR C 32 -5.80 41.81 21.86
C TYR C 32 -4.83 41.20 22.87
N ARG C 33 -4.70 39.88 22.93
CA ARG C 33 -3.76 39.21 23.87
C ARG C 33 -2.33 39.65 23.53
N ASP C 34 -1.97 39.70 22.26
CA ASP C 34 -0.67 40.25 21.88
C ASP C 34 -0.46 41.65 22.41
N ARG C 35 -1.40 42.59 22.20
CA ARG C 35 -1.30 43.95 22.74
C ARG C 35 -1.17 43.99 24.26
N VAL C 36 -1.94 43.19 24.98
CA VAL C 36 -1.83 43.04 26.45
C VAL C 36 -0.41 42.66 26.86
N ASN C 37 0.21 41.71 26.17
CA ASN C 37 1.59 41.31 26.41
C ASN C 37 2.59 42.40 26.07
N MET C 38 2.39 43.16 24.99
CA MET C 38 3.25 44.29 24.65
C MET C 38 3.18 45.41 25.67
N LEU C 39 1.97 45.80 26.10
CA LEU C 39 1.76 46.83 27.12
C LEU C 39 2.37 46.42 28.46
N GLN C 40 2.21 45.16 28.86
CA GLN C 40 2.82 44.61 30.07
C GLN C 40 4.35 44.78 30.06
N GLN C 41 5.02 44.41 28.97
CA GLN C 41 6.47 44.56 28.87
C GLN C 41 6.89 46.03 28.83
N GLU C 42 6.16 46.90 28.13
CA GLU C 42 6.43 48.33 28.12
C GLU C 42 6.30 48.96 29.51
N ARG C 43 5.21 48.68 30.24
CA ARG C 43 4.99 49.20 31.59
C ARG C 43 6.03 48.72 32.59
N ILE C 44 6.60 47.53 32.39
CA ILE C 44 7.79 47.08 33.13
C ILE C 44 9.00 47.94 32.76
N ARG C 45 9.34 48.11 31.47
CA ARG C 45 10.47 48.95 31.02
C ARG C 45 10.38 50.39 31.53
N ASP C 46 9.18 50.96 31.50
CA ASP C 46 8.91 52.35 31.88
C ASP C 46 8.86 52.61 33.40
N SER C 47 8.83 51.57 34.24
CA SER C 47 8.71 51.71 35.71
C SER C 47 9.94 51.13 36.40
N PRO C 48 10.82 51.93 37.03
CA PRO C 48 12.11 51.44 37.51
C PRO C 48 12.01 50.32 38.55
N LEU C 49 10.97 50.31 39.40
CA LEU C 49 10.76 49.24 40.37
C LEU C 49 10.40 47.89 39.71
N LEU C 50 9.50 47.89 38.73
CA LEU C 50 9.12 46.69 37.99
C LEU C 50 10.29 46.20 37.13
N GLN C 51 11.03 47.12 36.50
CA GLN C 51 12.22 46.80 35.75
C GLN C 51 13.27 46.11 36.63
N ALA C 52 13.48 46.61 37.85
CA ALA C 52 14.39 46.00 38.82
C ALA C 52 13.88 44.65 39.34
N ALA C 53 12.57 44.52 39.57
CA ALA C 53 11.93 43.25 39.91
C ALA C 53 12.08 42.19 38.81
N LYS C 54 12.12 42.59 37.54
CA LYS C 54 12.40 41.73 36.37
C LYS C 54 13.88 41.37 36.25
N GLU C 55 14.80 42.33 36.40
CA GLU C 55 16.25 42.10 36.27
C GLU C 55 16.89 41.40 37.48
N ASN C 56 16.29 41.49 38.68
CA ASN C 56 16.86 41.04 39.95
C ASN C 56 18.11 41.84 40.38
N ASP C 57 18.31 43.08 39.90
CA ASP C 57 19.41 43.94 40.36
C ASP C 57 19.09 44.56 41.73
N LEU C 58 19.41 43.79 42.77
CA LEU C 58 19.16 44.11 44.17
C LEU C 58 19.76 45.47 44.58
N ARG C 59 20.88 45.83 43.95
CA ARG C 59 21.47 47.16 44.20
C ARG C 59 20.40 48.23 43.97
N LEU C 60 19.95 48.40 42.74
CA LEU C 60 18.96 49.43 42.40
C LEU C 60 17.67 49.22 43.20
N LEU C 61 17.23 47.98 43.37
CA LEU C 61 15.99 47.68 44.09
C LEU C 61 16.04 48.16 45.55
N LYS C 62 17.18 48.00 46.24
CA LYS C 62 17.42 48.57 47.59
C LYS C 62 17.31 50.10 47.58
N ILE C 63 17.97 50.79 46.65
CA ILE C 63 17.92 52.25 46.53
C ILE C 63 16.48 52.74 46.30
N LEU C 64 15.71 52.06 45.44
CA LEU C 64 14.31 52.40 45.17
C LEU C 64 13.41 52.19 46.40
N LEU C 65 13.55 51.05 47.09
CA LEU C 65 12.72 50.69 48.24
C LEU C 65 13.09 51.44 49.53
N LEU C 66 14.33 51.95 49.63
CA LEU C 66 14.76 52.82 50.74
C LEU C 66 13.95 54.12 50.80
N ASN C 67 13.53 54.66 49.65
CA ASN C 67 12.52 55.73 49.55
C ASN C 67 11.82 55.72 48.19
N ASP C 71 7.14 54.22 45.31
CA ASP C 71 5.79 53.72 45.55
C ASP C 71 5.70 52.19 45.37
N PHE C 72 5.47 51.44 46.45
CA PHE C 72 5.37 49.97 46.41
C PHE C 72 4.12 49.48 45.66
N GLN C 73 3.06 50.28 45.60
CA GLN C 73 1.80 49.97 44.92
C GLN C 73 1.81 50.33 43.42
N GLN C 74 2.99 50.51 42.81
CA GLN C 74 3.15 50.59 41.35
C GLN C 74 2.50 49.37 40.67
N ARG C 75 1.70 49.64 39.64
CA ARG C 75 1.00 48.54 38.93
C ARG C 75 1.34 48.52 37.44
N GLY C 76 1.73 47.38 36.89
CA GLY C 76 1.96 47.15 35.46
C GLY C 76 0.67 47.29 34.64
N ALA C 77 0.71 46.89 33.37
CA ALA C 77 -0.40 47.12 32.44
C ALA C 77 -1.70 46.38 32.80
N VAL C 78 -1.64 45.30 33.58
CA VAL C 78 -2.80 44.46 33.92
C VAL C 78 -3.15 44.52 35.41
N GLY C 79 -2.65 45.54 36.12
CA GLY C 79 -2.85 45.70 37.56
C GLY C 79 -1.95 44.81 38.41
N GLU C 80 -0.96 44.16 37.83
CA GLU C 80 0.02 43.34 38.54
C GLU C 80 1.04 44.22 39.30
N THR C 81 1.51 43.76 40.46
CA THR C 81 2.48 44.52 41.29
C THR C 81 3.91 44.20 40.90
N ALA C 82 4.89 44.92 41.46
CA ALA C 82 6.29 44.55 41.35
C ALA C 82 6.58 43.12 41.88
N LEU C 83 5.82 42.63 42.87
CA LEU C 83 5.97 41.27 43.38
C LEU C 83 5.42 40.21 42.43
N HIS C 84 4.38 40.51 41.64
CA HIS C 84 4.00 39.65 40.51
C HIS C 84 5.11 39.59 39.47
N VAL C 85 5.72 40.73 39.14
CA VAL C 85 6.83 40.79 38.19
C VAL C 85 8.02 39.98 38.70
N ALA C 86 8.39 40.11 39.97
CA ALA C 86 9.43 39.29 40.58
C ALA C 86 9.11 37.79 40.56
N ALA C 87 7.87 37.41 40.85
CA ALA C 87 7.42 36.02 40.76
C ALA C 87 7.43 35.47 39.32
N LEU C 88 7.06 36.27 38.31
CA LEU C 88 7.05 35.89 36.90
C LEU C 88 8.45 35.55 36.40
N TYR C 89 9.42 36.41 36.69
CA TYR C 89 10.82 36.22 36.34
C TYR C 89 11.56 35.32 37.33
N ASP C 90 10.86 34.72 38.29
CA ASP C 90 11.36 33.72 39.23
C ASP C 90 12.47 34.25 40.17
N ASN C 91 12.44 35.56 40.44
CA ASN C 91 13.44 36.33 41.16
C ASN C 91 13.16 36.35 42.66
N LEU C 92 13.51 35.27 43.36
CA LEU C 92 13.25 35.11 44.79
C LEU C 92 13.90 36.22 45.65
N GLU C 93 15.11 36.66 45.30
CA GLU C 93 15.79 37.72 46.02
C GLU C 93 15.05 39.06 45.88
N ALA C 94 14.70 39.47 44.66
CA ALA C 94 13.86 40.65 44.45
C ALA C 94 12.50 40.52 45.15
N ALA C 95 11.87 39.35 45.08
CA ALA C 95 10.58 39.10 45.72
C ALA C 95 10.65 39.25 47.24
N THR C 96 11.65 38.63 47.89
CA THR C 96 11.86 38.77 49.34
C THR C 96 12.22 40.20 49.73
N LEU C 97 13.07 40.89 48.97
CA LEU C 97 13.38 42.31 49.19
C LEU C 97 12.14 43.21 49.04
N LEU C 98 11.29 42.97 48.05
CA LEU C 98 9.99 43.66 47.89
C LEU C 98 9.04 43.37 49.04
N MET C 99 8.92 42.12 49.47
CA MET C 99 8.07 41.73 50.58
C MET C 99 8.57 42.29 51.91
N GLU C 100 9.88 42.38 52.14
CA GLU C 100 10.45 43.02 53.33
C GLU C 100 10.12 44.52 53.39
N ALA C 101 10.08 45.20 52.24
CA ALA C 101 9.69 46.60 52.15
C ALA C 101 8.17 46.83 52.21
N ALA C 102 7.37 45.90 51.67
CA ALA C 102 5.91 46.01 51.58
C ALA C 102 5.24 44.63 51.68
N PRO C 103 5.06 44.08 52.90
CA PRO C 103 4.50 42.74 53.09
C PRO C 103 3.09 42.56 52.51
N GLU C 104 2.32 43.64 52.41
CA GLU C 104 0.96 43.66 51.85
C GLU C 104 0.90 43.18 50.40
N LEU C 105 2.00 43.29 49.62
CA LEU C 105 2.03 42.89 48.21
C LEU C 105 1.73 41.40 48.01
N ALA C 106 2.02 40.54 48.99
CA ALA C 106 1.72 39.11 48.91
C ALA C 106 0.21 38.84 48.77
N LYS C 107 -0.64 39.75 49.26
CA LYS C 107 -2.11 39.64 49.25
C LYS C 107 -2.77 40.28 48.03
N GLU C 108 -2.00 40.88 47.12
CA GLU C 108 -2.55 41.64 45.99
C GLU C 108 -2.96 40.76 44.79
N PRO C 109 -4.18 40.89 44.26
CA PRO C 109 -4.54 40.39 42.94
C PRO C 109 -4.14 41.37 41.81
N ALA C 110 -3.98 40.85 40.60
CA ALA C 110 -3.99 41.63 39.37
C ALA C 110 -5.45 41.99 38.98
N LEU C 111 -5.64 43.05 38.19
CA LEU C 111 -6.89 43.82 38.19
C LEU C 111 -7.58 43.98 36.83
N CYS C 112 -6.94 43.63 35.71
CA CYS C 112 -7.46 43.87 34.36
C CYS C 112 -7.72 42.56 33.62
N GLU C 113 -8.70 42.56 32.71
CA GLU C 113 -9.51 41.40 32.31
C GLU C 113 -8.79 40.05 32.12
N PRO C 114 -7.70 39.94 31.34
CA PRO C 114 -7.06 38.63 31.16
C PRO C 114 -6.48 38.06 32.45
N PHE C 115 -6.03 38.89 33.39
CA PHE C 115 -5.31 38.47 34.59
C PHE C 115 -6.04 38.73 35.91
N VAL C 116 -7.33 39.09 35.89
CA VAL C 116 -8.11 39.41 37.10
C VAL C 116 -7.97 38.33 38.16
N GLY C 117 -7.62 38.73 39.39
CA GLY C 117 -7.54 37.83 40.54
C GLY C 117 -6.25 37.02 40.64
N GLN C 118 -5.38 37.06 39.64
CA GLN C 118 -4.08 36.40 39.72
C GLN C 118 -3.21 37.06 40.79
N THR C 119 -2.69 36.29 41.72
CA THR C 119 -1.78 36.75 42.77
C THR C 119 -0.35 36.33 42.46
N ALA C 120 0.64 36.87 43.18
CA ALA C 120 2.01 36.40 43.08
C ALA C 120 2.14 34.92 43.48
N LEU C 121 1.25 34.39 44.34
CA LEU C 121 1.22 32.98 44.70
C LEU C 121 0.88 32.08 43.51
N HIS C 122 -0.13 32.44 42.70
CA HIS C 122 -0.45 31.72 41.45
C HIS C 122 0.76 31.60 40.53
N ILE C 123 1.52 32.70 40.38
CA ILE C 123 2.70 32.76 39.52
C ILE C 123 3.85 31.92 40.08
N ALA C 124 4.14 32.04 41.38
CA ALA C 124 5.18 31.27 42.05
C ALA C 124 4.93 29.76 41.97
N VAL C 125 3.67 29.35 42.11
CA VAL C 125 3.22 27.96 41.98
C VAL C 125 3.43 27.43 40.57
N MET C 126 3.08 28.19 39.53
CA MET C 126 3.37 27.83 38.14
C MET C 126 4.87 27.70 37.88
N ASN C 127 5.68 28.62 38.39
CA ASN C 127 7.14 28.53 38.31
C ASN C 127 7.77 27.48 39.25
N GLN C 128 6.98 26.71 40.00
CA GLN C 128 7.43 25.69 40.96
C GLN C 128 8.44 26.19 42.00
N ASN C 129 8.46 27.49 42.29
CA ASN C 129 9.41 28.05 43.23
C ASN C 129 8.90 27.83 44.67
N LEU C 130 9.25 26.69 45.25
CA LEU C 130 8.82 26.28 46.58
C LEU C 130 9.24 27.28 47.67
N ASN C 131 10.45 27.84 47.57
CA ASN C 131 10.92 28.87 48.49
C ASN C 131 10.15 30.18 48.39
N LEU C 132 9.79 30.63 47.17
CA LEU C 132 8.91 31.78 46.99
C LEU C 132 7.48 31.50 47.48
N VAL C 133 6.96 30.30 47.24
CA VAL C 133 5.65 29.88 47.78
C VAL C 133 5.67 29.90 49.31
N ARG C 134 6.70 29.36 49.97
CA ARG C 134 6.88 29.50 51.43
C ARG C 134 6.96 30.97 51.86
N ALA C 135 7.74 31.81 51.18
CA ALA C 135 7.90 33.23 51.52
C ALA C 135 6.59 34.05 51.39
N LEU C 136 5.73 33.72 50.42
CA LEU C 136 4.42 34.34 50.23
C LEU C 136 3.40 33.84 51.26
N LEU C 137 3.37 32.54 51.55
CA LEU C 137 2.47 31.97 52.57
C LEU C 137 2.84 32.44 53.98
N ALA C 138 4.13 32.58 54.28
CA ALA C 138 4.63 33.19 55.53
C ALA C 138 4.17 34.65 55.73
N ARG C 139 3.70 35.31 54.66
CA ARG C 139 3.16 36.69 54.66
C ARG C 139 1.67 36.76 54.35
N GLY C 140 0.97 35.63 54.45
CA GLY C 140 -0.48 35.58 54.34
C GLY C 140 -1.05 35.73 52.93
N ALA C 141 -0.29 35.39 51.88
CA ALA C 141 -0.87 35.19 50.55
C ALA C 141 -2.03 34.18 50.62
N SER C 142 -3.19 34.51 50.05
CA SER C 142 -4.39 33.69 50.21
C SER C 142 -4.34 32.41 49.34
N VAL C 143 -4.36 31.25 49.99
CA VAL C 143 -4.47 29.93 49.34
C VAL C 143 -5.81 29.72 48.62
N SER C 144 -6.84 30.53 48.91
CA SER C 144 -8.18 30.45 48.32
C SER C 144 -8.45 31.53 47.25
N ALA C 145 -7.43 32.30 46.85
CA ALA C 145 -7.56 33.32 45.81
C ALA C 145 -7.92 32.72 44.44
N ARG C 146 -8.86 33.33 43.71
CA ARG C 146 -9.31 32.86 42.40
C ARG C 146 -8.76 33.73 41.26
N ALA C 147 -8.01 33.12 40.36
CA ALA C 147 -7.57 33.70 39.10
C ALA C 147 -8.75 33.74 38.11
N THR C 148 -9.72 34.62 38.35
CA THR C 148 -10.97 34.79 37.60
C THR C 148 -10.79 35.21 36.14
N GLY C 149 -9.66 35.82 35.77
CA GLY C 149 -9.43 36.44 34.47
C GLY C 149 -9.50 35.52 33.25
N ALA C 150 -9.66 36.12 32.07
CA ALA C 150 -9.85 35.40 30.81
C ALA C 150 -8.67 34.48 30.40
N ALA C 151 -7.45 34.72 30.89
CA ALA C 151 -6.29 33.88 30.62
C ALA C 151 -6.32 32.52 31.31
N PHE C 152 -7.22 32.32 32.28
CA PHE C 152 -7.31 31.10 33.09
C PHE C 152 -8.53 30.24 32.77
N ARG C 153 -9.38 30.72 31.88
CA ARG C 153 -10.62 29.98 31.55
C ARG C 153 -10.33 28.86 30.54
N ARG C 154 -11.07 27.77 30.61
CA ARG C 154 -10.90 26.68 29.63
C ARG C 154 -11.38 27.25 28.30
N SER C 155 -10.49 27.33 27.33
CA SER C 155 -10.79 27.92 26.02
C SER C 155 -9.72 27.54 24.99
N PRO C 156 -10.04 27.53 23.68
CA PRO C 156 -9.04 27.37 22.63
C PRO C 156 -8.04 28.54 22.58
N HIS C 157 -8.39 29.71 23.13
CA HIS C 157 -7.50 30.87 23.30
C HIS C 157 -6.33 30.61 24.24
N ASN C 158 -6.48 29.71 25.22
CA ASN C 158 -5.49 29.46 26.27
C ASN C 158 -4.83 28.10 26.07
N LEU C 159 -3.50 28.06 26.09
CA LEU C 159 -2.72 26.83 25.88
C LEU C 159 -2.78 25.84 27.06
N ILE C 160 -3.16 26.31 28.25
CA ILE C 160 -3.34 25.50 29.46
C ILE C 160 -4.66 25.85 30.13
N TYR C 161 -5.14 24.92 30.96
CA TYR C 161 -6.25 25.14 31.87
C TYR C 161 -5.97 24.44 33.19
N TYR C 162 -5.64 25.24 34.21
CA TYR C 162 -5.34 24.78 35.57
C TYR C 162 -6.44 25.18 36.58
N GLY C 163 -7.63 25.56 36.11
CA GLY C 163 -8.66 26.15 36.95
C GLY C 163 -8.29 27.54 37.45
N GLU C 164 -8.64 27.88 38.70
CA GLU C 164 -8.50 29.24 39.23
C GLU C 164 -7.74 29.33 40.56
N HIS C 165 -7.44 28.22 41.22
CA HIS C 165 -6.91 28.21 42.60
C HIS C 165 -5.45 27.76 42.64
N PRO C 166 -4.62 28.27 43.57
CA PRO C 166 -3.23 27.84 43.72
C PRO C 166 -3.04 26.33 43.86
N LEU C 167 -3.97 25.64 44.54
CA LEU C 167 -3.91 24.18 44.68
C LEU C 167 -4.11 23.44 43.35
N SER C 168 -5.04 23.89 42.52
CA SER C 168 -5.23 23.36 41.16
C SER C 168 -4.02 23.61 40.28
N PHE C 169 -3.41 24.80 40.39
CA PHE C 169 -2.17 25.12 39.67
C PHE C 169 -1.06 24.16 40.11
N ALA C 170 -0.84 24.01 41.41
CA ALA C 170 0.20 23.12 41.94
C ALA C 170 0.00 21.66 41.52
N ALA C 171 -1.24 21.17 41.51
CA ALA C 171 -1.58 19.83 41.06
C ALA C 171 -1.33 19.63 39.56
N CYS C 172 -1.74 20.56 38.69
CA CYS C 172 -1.54 20.43 37.24
C CYS C 172 -0.08 20.56 36.83
N VAL C 173 0.64 21.45 37.50
CA VAL C 173 2.10 21.63 37.41
C VAL C 173 2.85 20.38 37.92
N GLY C 174 2.21 19.53 38.71
CA GLY C 174 2.74 18.25 39.16
C GLY C 174 3.62 18.33 40.41
N SER C 175 3.51 19.41 41.19
CA SER C 175 4.33 19.61 42.38
C SER C 175 3.63 19.05 43.62
N GLU C 176 3.95 17.81 43.97
CA GLU C 176 3.49 17.16 45.20
C GLU C 176 3.81 18.01 46.43
N GLU C 177 5.03 18.55 46.52
CA GLU C 177 5.47 19.28 47.70
C GLU C 177 4.75 20.63 47.85
N ILE C 178 4.53 21.37 46.76
CA ILE C 178 3.71 22.59 46.80
C ILE C 178 2.24 22.23 47.10
N VAL C 179 1.69 21.13 46.57
CA VAL C 179 0.34 20.69 46.93
C VAL C 179 0.22 20.40 48.42
N ARG C 180 1.14 19.63 49.00
CA ARG C 180 1.08 19.39 50.46
C ARG C 180 1.19 20.72 51.21
N LEU C 181 2.17 21.55 50.86
CA LEU C 181 2.36 22.85 51.52
C LEU C 181 1.10 23.73 51.48
N LEU C 182 0.38 23.77 50.35
CA LEU C 182 -0.87 24.51 50.22
C LEU C 182 -2.00 23.87 51.05
N ILE C 183 -2.10 22.55 51.09
CA ILE C 183 -3.05 21.84 51.96
C ILE C 183 -2.74 22.12 53.44
N GLU C 184 -1.47 22.11 53.85
CA GLU C 184 -1.03 22.46 55.20
C GLU C 184 -1.36 23.92 55.59
N HIS C 185 -1.40 24.84 54.62
CA HIS C 185 -1.90 26.22 54.81
C HIS C 185 -3.42 26.36 54.59
N GLY C 186 -4.15 25.25 54.41
CA GLY C 186 -5.61 25.22 54.42
C GLY C 186 -6.27 25.52 53.07
N ALA C 187 -5.60 25.25 51.95
CA ALA C 187 -6.23 25.30 50.63
C ALA C 187 -7.42 24.34 50.55
N ASP C 188 -8.61 24.85 50.23
CA ASP C 188 -9.82 24.03 50.16
C ASP C 188 -9.76 23.08 48.95
N ILE C 189 -9.58 21.79 49.19
CA ILE C 189 -9.50 20.78 48.14
C ILE C 189 -10.82 20.58 47.39
N ARG C 190 -11.96 20.98 47.98
CA ARG C 190 -13.28 20.94 47.35
C ARG C 190 -13.56 22.17 46.48
N ALA C 191 -12.68 23.16 46.42
CA ALA C 191 -12.93 24.41 45.73
C ALA C 191 -13.23 24.21 44.23
N GLN C 192 -14.22 24.92 43.71
CA GLN C 192 -14.68 24.83 42.32
C GLN C 192 -14.46 26.15 41.60
N ASP C 193 -14.06 26.09 40.33
CA ASP C 193 -13.88 27.28 39.49
C ASP C 193 -15.16 27.70 38.75
N SER C 194 -15.06 28.63 37.79
CA SER C 194 -16.20 29.13 37.02
C SER C 194 -16.89 28.09 36.11
N LEU C 195 -16.28 26.94 35.84
CA LEU C 195 -16.91 25.80 35.17
C LEU C 195 -17.47 24.77 36.17
N GLY C 196 -17.33 25.03 37.47
CA GLY C 196 -17.69 24.10 38.53
C GLY C 196 -16.66 22.99 38.73
N ASN C 197 -15.52 23.05 38.05
CA ASN C 197 -14.53 21.99 38.11
C ASN C 197 -13.74 22.07 39.43
N THR C 198 -13.67 20.94 40.13
CA THR C 198 -12.73 20.72 41.25
C THR C 198 -11.36 20.34 40.71
N VAL C 199 -10.33 20.36 41.55
CA VAL C 199 -8.98 19.93 41.17
C VAL C 199 -8.95 18.52 40.57
N LEU C 200 -9.85 17.62 40.96
CA LEU C 200 -9.96 16.28 40.35
C LEU C 200 -10.43 16.36 38.89
N HIS C 201 -11.47 17.14 38.59
CA HIS C 201 -11.90 17.38 37.20
C HIS C 201 -10.78 18.00 36.37
N ILE C 202 -10.07 18.96 36.94
CA ILE C 202 -9.00 19.67 36.26
C ILE C 202 -7.83 18.71 35.96
N LEU C 203 -7.50 17.78 36.86
CA LEU C 203 -6.47 16.77 36.60
C LEU C 203 -6.83 15.78 35.49
N ILE C 204 -8.10 15.45 35.30
CA ILE C 204 -8.56 14.62 34.17
C ILE C 204 -8.32 15.31 32.83
N LEU C 205 -8.31 16.64 32.81
CA LEU C 205 -8.14 17.44 31.60
C LEU C 205 -6.69 17.68 31.18
N GLN C 206 -5.70 17.27 31.99
CA GLN C 206 -4.28 17.51 31.71
C GLN C 206 -3.65 16.48 30.74
N PRO C 207 -2.64 16.85 29.94
CA PRO C 207 -1.93 15.91 29.06
C PRO C 207 -1.02 14.90 29.76
N ASN C 208 -0.47 15.23 30.94
CA ASN C 208 0.53 14.42 31.66
C ASN C 208 -0.08 13.26 32.47
N LYS C 209 -0.92 12.44 31.84
CA LYS C 209 -1.89 11.52 32.47
C LYS C 209 -1.34 10.64 33.60
N THR C 210 -0.13 10.12 33.49
CA THR C 210 0.49 9.28 34.54
C THR C 210 0.89 10.09 35.78
N PHE C 211 1.51 11.26 35.63
CA PHE C 211 1.73 12.18 36.74
C PHE C 211 0.40 12.69 37.33
N ALA C 212 -0.61 12.90 36.48
CA ALA C 212 -1.94 13.29 36.94
C ALA C 212 -2.58 12.21 37.82
N CYS C 213 -2.41 10.92 37.52
CA CYS C 213 -2.87 9.81 38.37
C CYS C 213 -2.16 9.79 39.73
N GLN C 214 -0.85 10.03 39.76
CA GLN C 214 -0.09 10.15 41.01
C GLN C 214 -0.62 11.31 41.86
N MET C 215 -0.87 12.47 41.24
CA MET C 215 -1.50 13.61 41.91
C MET C 215 -2.92 13.32 42.39
N TYR C 216 -3.71 12.56 41.63
CA TYR C 216 -5.08 12.22 41.96
C TYR C 216 -5.15 11.39 43.25
N ASN C 217 -4.26 10.41 43.43
CA ASN C 217 -4.14 9.68 44.70
C ASN C 217 -3.76 10.58 45.89
N LEU C 218 -2.82 11.51 45.69
CA LEU C 218 -2.44 12.45 46.74
C LEU C 218 -3.63 13.30 47.19
N LEU C 219 -4.39 13.84 46.25
CA LEU C 219 -5.55 14.66 46.55
C LEU C 219 -6.71 13.86 47.16
N LEU C 220 -6.98 12.63 46.68
CA LEU C 220 -7.95 11.74 47.34
C LEU C 220 -7.54 11.41 48.78
N SER C 221 -6.24 11.35 49.10
CA SER C 221 -5.77 11.09 50.46
C SER C 221 -6.16 12.19 51.47
N TYR C 222 -6.55 13.37 51.01
CA TYR C 222 -6.86 14.48 51.94
C TYR C 222 -8.37 14.65 52.06
N ASP C 223 -9.12 13.71 51.51
CA ASP C 223 -10.60 13.81 51.55
C ASP C 223 -11.09 12.91 52.67
N GLU C 224 -10.17 12.43 53.52
CA GLU C 224 -10.54 11.54 54.65
C GLU C 224 -11.08 10.23 54.08
N GLN C 230 -20.96 12.63 49.23
CA GLN C 230 -20.10 13.43 50.12
C GLN C 230 -18.66 13.52 49.59
N SER C 231 -18.13 12.47 48.97
CA SER C 231 -16.75 12.46 48.44
C SER C 231 -16.54 13.50 47.32
N LEU C 232 -15.32 13.99 47.22
CA LEU C 232 -14.88 14.85 46.14
C LEU C 232 -15.00 14.17 44.75
N GLU C 233 -14.93 12.85 44.67
CA GLU C 233 -15.21 12.09 43.44
C GLU C 233 -16.66 12.18 42.97
N LEU C 234 -17.60 12.61 43.82
CA LEU C 234 -19.03 12.68 43.51
C LEU C 234 -19.50 14.11 43.20
N VAL C 235 -18.66 15.13 43.42
CA VAL C 235 -18.99 16.53 43.14
C VAL C 235 -19.13 16.74 41.63
N PRO C 236 -20.28 17.19 41.12
CA PRO C 236 -20.45 17.49 39.70
C PRO C 236 -19.93 18.90 39.33
N ASN C 237 -19.41 19.07 38.12
CA ASN C 237 -19.18 20.39 37.54
C ASN C 237 -20.49 20.99 36.98
N HIS C 238 -20.45 22.16 36.35
CA HIS C 238 -21.67 22.80 35.83
C HIS C 238 -22.29 22.11 34.62
N GLN C 239 -21.55 21.22 33.94
CA GLN C 239 -22.11 20.31 32.93
C GLN C 239 -22.89 19.14 33.57
N GLY C 240 -22.83 18.99 34.89
CA GLY C 240 -23.40 17.87 35.63
C GLY C 240 -22.50 16.65 35.74
N LEU C 241 -21.22 16.75 35.37
CA LEU C 241 -20.30 15.61 35.28
C LEU C 241 -19.48 15.50 36.57
N THR C 242 -19.44 14.32 37.16
CA THR C 242 -18.42 13.94 38.15
C THR C 242 -17.07 13.74 37.45
N PRO C 243 -15.95 13.71 38.18
CA PRO C 243 -14.63 13.37 37.62
C PRO C 243 -14.66 12.06 36.81
N PHE C 244 -15.34 11.03 37.31
CA PHE C 244 -15.50 9.77 36.60
C PHE C 244 -16.21 9.92 35.24
N LYS C 245 -17.32 10.66 35.17
CA LYS C 245 -18.01 10.92 33.89
C LYS C 245 -17.17 11.77 32.96
N LEU C 246 -16.45 12.76 33.47
CA LEU C 246 -15.54 13.58 32.70
C LEU C 246 -14.38 12.76 32.10
N ALA C 247 -13.83 11.78 32.82
CA ALA C 247 -12.80 10.89 32.27
C ALA C 247 -13.32 10.06 31.08
N GLY C 248 -14.60 9.67 31.11
CA GLY C 248 -15.27 9.04 29.98
C GLY C 248 -15.48 9.98 28.80
N VAL C 249 -16.05 11.16 29.04
CA VAL C 249 -16.33 12.17 28.00
C VAL C 249 -15.06 12.63 27.29
N GLU C 250 -13.98 12.86 28.04
CA GLU C 250 -12.70 13.33 27.52
C GLU C 250 -11.83 12.22 26.94
N GLY C 251 -12.25 10.97 27.05
CA GLY C 251 -11.48 9.82 26.56
C GLY C 251 -10.17 9.59 27.29
N ASN C 252 -10.05 9.99 28.56
CA ASN C 252 -8.85 9.80 29.34
C ASN C 252 -8.77 8.34 29.85
N THR C 253 -8.32 7.43 28.99
CA THR C 253 -8.29 5.99 29.29
C THR C 253 -7.32 5.65 30.43
N VAL C 254 -6.24 6.41 30.56
CA VAL C 254 -5.25 6.25 31.64
C VAL C 254 -5.84 6.62 33.00
N MET C 255 -6.58 7.71 33.10
CA MET C 255 -7.30 8.07 34.33
C MET C 255 -8.50 7.16 34.57
N PHE C 256 -9.21 6.71 33.53
CA PHE C 256 -10.33 5.77 33.66
C PHE C 256 -9.88 4.44 34.26
N GLN C 257 -8.81 3.82 33.72
CA GLN C 257 -8.31 2.57 34.26
C GLN C 257 -7.68 2.74 35.67
N HIS C 258 -7.16 3.92 36.00
CA HIS C 258 -6.78 4.28 37.35
C HIS C 258 -7.98 4.39 38.31
N LEU C 259 -9.05 5.09 37.92
CA LEU C 259 -10.30 5.19 38.70
C LEU C 259 -10.98 3.84 38.91
N MET C 260 -10.82 2.90 37.97
CA MET C 260 -11.27 1.53 38.12
C MET C 260 -10.54 0.73 39.21
N GLN C 261 -9.31 1.09 39.62
CA GLN C 261 -8.59 0.33 40.66
C GLN C 261 -9.26 0.43 42.05
N LYS C 262 -10.00 1.51 42.32
CA LYS C 262 -10.83 1.65 43.53
C LYS C 262 -12.27 1.15 43.37
N ARG C 263 -12.59 0.56 42.22
CA ARG C 263 -13.97 0.07 41.90
C ARG C 263 -13.94 -1.42 41.52
N LYS C 264 -12.81 -2.10 41.63
CA LYS C 264 -12.65 -3.55 41.41
C LYS C 264 -12.23 -4.27 42.69
N HIS C 265 -12.68 -5.50 42.84
CA HIS C 265 -12.31 -6.42 43.91
C HIS C 265 -11.82 -7.74 43.31
N VAL C 266 -10.60 -8.18 43.64
CA VAL C 266 -10.12 -9.51 43.21
C VAL C 266 -10.74 -10.57 44.11
N GLN C 267 -11.61 -11.41 43.57
CA GLN C 267 -12.27 -12.47 44.31
C GLN C 267 -11.29 -13.60 44.65
N TRP C 268 -10.51 -14.05 43.67
CA TRP C 268 -9.51 -15.09 43.80
C TRP C 268 -8.52 -15.04 42.64
N THR C 269 -7.35 -15.61 42.85
CA THR C 269 -6.36 -15.96 41.82
C THR C 269 -5.97 -17.41 42.03
N CYS C 270 -5.91 -18.20 40.97
CA CYS C 270 -5.56 -19.62 41.01
C CYS C 270 -4.69 -19.93 39.79
N GLY C 271 -3.39 -20.15 40.00
CA GLY C 271 -2.44 -20.31 38.91
C GLY C 271 -2.46 -19.12 37.92
N PRO C 272 -2.72 -19.34 36.63
CA PRO C 272 -2.78 -18.27 35.63
C PRO C 272 -4.10 -17.50 35.62
N LEU C 273 -5.11 -17.89 36.40
CA LEU C 273 -6.45 -17.33 36.35
C LEU C 273 -6.73 -16.41 37.52
N THR C 274 -7.40 -15.29 37.26
CA THR C 274 -7.97 -14.41 38.28
C THR C 274 -9.44 -14.17 38.00
N SER C 275 -10.27 -14.14 39.03
CA SER C 275 -11.64 -13.64 38.96
C SER C 275 -11.72 -12.31 39.68
N THR C 276 -12.21 -11.28 39.01
CA THR C 276 -12.38 -9.93 39.56
C THR C 276 -13.83 -9.50 39.43
N LEU C 277 -14.29 -8.71 40.37
CA LEU C 277 -15.63 -8.17 40.41
C LEU C 277 -15.54 -6.65 40.30
N TYR C 278 -16.18 -6.06 39.29
CA TYR C 278 -16.16 -4.63 39.02
C TYR C 278 -17.49 -4.00 39.37
N ASP C 279 -17.47 -2.91 40.11
CA ASP C 279 -18.66 -2.15 40.48
C ASP C 279 -19.21 -1.37 39.28
N LEU C 280 -20.42 -1.69 38.85
CA LEU C 280 -21.04 -1.09 37.69
C LEU C 280 -21.70 0.27 37.96
N THR C 281 -21.77 0.75 39.21
CA THR C 281 -22.62 1.88 39.60
C THR C 281 -22.42 3.13 38.75
N GLU C 282 -21.17 3.56 38.56
CA GLU C 282 -20.85 4.76 37.78
C GLU C 282 -20.74 4.54 36.27
N ILE C 283 -20.72 3.29 35.79
CA ILE C 283 -20.72 2.95 34.35
C ILE C 283 -22.15 2.76 33.85
N ASP C 284 -22.90 1.86 34.46
CA ASP C 284 -24.24 1.48 33.99
C ASP C 284 -25.29 2.57 34.28
N SER C 285 -25.06 3.41 35.29
CA SER C 285 -25.77 4.69 35.53
C SER C 285 -27.29 4.57 35.67
N TRP C 286 -27.78 3.60 36.45
CA TRP C 286 -29.19 3.25 36.53
C TRP C 286 -30.11 4.41 36.94
N GLY C 287 -31.24 4.55 36.25
CA GLY C 287 -32.28 5.54 36.55
C GLY C 287 -31.94 6.98 36.16
N GLU C 288 -30.73 7.26 35.69
CA GLU C 288 -30.29 8.60 35.31
C GLU C 288 -30.73 8.98 33.89
N GLU C 289 -31.05 10.25 33.66
CA GLU C 289 -31.54 10.75 32.36
C GLU C 289 -30.45 10.81 31.28
N LEU C 290 -29.18 10.83 31.68
CA LEU C 290 -28.00 10.91 30.83
C LEU C 290 -26.86 10.08 31.45
N SER C 291 -26.71 8.84 30.97
CA SER C 291 -25.79 7.85 31.52
C SER C 291 -24.32 8.12 31.14
N PHE C 292 -23.38 7.49 31.85
CA PHE C 292 -21.97 7.45 31.46
C PHE C 292 -21.78 6.90 30.04
N LEU C 293 -22.41 5.79 29.67
CA LEU C 293 -22.25 5.22 28.34
C LEU C 293 -22.80 6.14 27.25
N GLU C 294 -23.91 6.84 27.50
CA GLU C 294 -24.43 7.85 26.57
C GLU C 294 -23.50 9.05 26.42
N LEU C 295 -22.93 9.55 27.52
CA LEU C 295 -21.94 10.61 27.52
C LEU C 295 -20.68 10.23 26.75
N VAL C 296 -20.24 8.98 26.81
CA VAL C 296 -19.10 8.49 26.03
C VAL C 296 -19.44 8.38 24.54
N VAL C 297 -20.53 7.68 24.15
CA VAL C 297 -20.85 7.52 22.70
C VAL C 297 -21.27 8.81 22.02
N SER C 298 -21.82 9.78 22.75
CA SER C 298 -22.21 11.08 22.19
C SER C 298 -21.14 12.16 22.29
N SER C 299 -19.99 11.90 22.93
CA SER C 299 -18.88 12.85 23.05
C SER C 299 -18.28 13.21 21.68
N LYS C 300 -17.94 14.48 21.48
CA LYS C 300 -17.23 14.98 20.29
C LYS C 300 -15.73 14.66 20.28
N LYS C 301 -15.15 14.29 21.41
CA LYS C 301 -13.74 13.91 21.53
C LYS C 301 -13.52 12.57 20.85
N ARG C 302 -12.58 12.45 19.91
CA ARG C 302 -12.34 11.17 19.18
C ARG C 302 -11.78 10.13 20.13
N GLU C 303 -11.11 10.55 21.19
CA GLU C 303 -10.56 9.66 22.20
C GLU C 303 -11.63 9.00 23.07
N ALA C 304 -12.85 9.56 23.18
CA ALA C 304 -13.90 9.02 24.03
C ALA C 304 -14.25 7.58 23.67
N ARG C 305 -14.27 7.24 22.37
CA ARG C 305 -14.55 5.87 21.92
C ARG C 305 -13.54 4.83 22.41
N GLN C 306 -12.34 5.24 22.82
CA GLN C 306 -11.36 4.33 23.41
C GLN C 306 -11.77 3.85 24.81
N ILE C 307 -12.57 4.61 25.56
CA ILE C 307 -13.12 4.20 26.86
C ILE C 307 -13.98 2.95 26.72
N LEU C 308 -14.67 2.79 25.59
CA LEU C 308 -15.52 1.65 25.30
C LEU C 308 -14.75 0.33 25.09
N GLU C 309 -13.44 0.40 24.88
CA GLU C 309 -12.55 -0.74 24.75
C GLU C 309 -11.89 -1.15 26.09
N GLN C 310 -12.20 -0.40 27.16
CA GLN C 310 -11.69 -0.78 28.50
C GLN C 310 -12.40 -2.07 28.91
N THR C 311 -11.74 -2.90 29.73
CA THR C 311 -12.33 -4.23 30.09
C THR C 311 -13.74 -4.06 30.66
N PRO C 312 -14.00 -3.19 31.66
CA PRO C 312 -15.33 -3.10 32.28
C PRO C 312 -16.38 -2.65 31.26
N VAL C 313 -16.16 -1.50 30.62
CA VAL C 313 -17.16 -0.95 29.65
C VAL C 313 -17.35 -1.94 28.49
N LYS C 314 -16.24 -2.41 27.90
CA LYS C 314 -16.33 -3.31 26.73
C LYS C 314 -17.11 -4.57 27.10
N GLU C 315 -16.80 -5.26 28.19
CA GLU C 315 -17.48 -6.52 28.57
C GLU C 315 -18.94 -6.28 28.98
N LEU C 316 -19.28 -5.14 29.54
CA LEU C 316 -20.70 -4.83 29.83
C LEU C 316 -21.46 -4.60 28.53
N VAL C 317 -20.91 -3.79 27.63
CA VAL C 317 -21.60 -3.44 26.37
C VAL C 317 -21.61 -4.63 25.41
N SER C 318 -20.59 -5.48 25.42
CA SER C 318 -20.58 -6.74 24.69
C SER C 318 -21.66 -7.70 25.18
N PHE C 319 -21.84 -7.87 26.49
CA PHE C 319 -22.95 -8.66 27.05
C PHE C 319 -24.31 -8.09 26.63
N LYS C 320 -24.51 -6.79 26.78
CA LYS C 320 -25.76 -6.10 26.40
C LYS C 320 -26.09 -6.30 24.92
N TRP C 321 -25.10 -6.18 24.04
CA TRP C 321 -25.27 -6.42 22.61
C TRP C 321 -25.57 -7.88 22.29
N LYS C 322 -24.80 -8.84 22.82
CA LYS C 322 -25.06 -10.27 22.64
C LYS C 322 -26.46 -10.69 23.05
N LYS C 323 -26.90 -10.34 24.27
CA LYS C 323 -28.14 -10.87 24.83
C LYS C 323 -29.40 -10.13 24.41
N TYR C 324 -29.34 -8.82 24.22
CA TYR C 324 -30.53 -7.99 23.95
C TYR C 324 -30.39 -7.14 22.70
N GLY C 325 -29.27 -6.44 22.53
CA GLY C 325 -29.08 -5.49 21.44
C GLY C 325 -29.18 -6.11 20.05
N ARG C 326 -28.43 -7.17 19.76
CA ARG C 326 -28.46 -7.74 18.40
C ARG C 326 -29.84 -8.35 18.15
N PRO C 327 -30.41 -9.22 19.01
CA PRO C 327 -31.76 -9.77 18.77
C PRO C 327 -32.81 -8.71 18.46
N TYR C 328 -32.90 -7.66 19.27
CA TYR C 328 -33.88 -6.60 19.07
C TYR C 328 -33.57 -5.73 17.86
N PHE C 329 -32.31 -5.46 17.55
CA PHE C 329 -31.94 -4.72 16.35
C PHE C 329 -32.24 -5.50 15.07
N CYS C 330 -32.08 -6.82 15.05
CA CYS C 330 -32.53 -7.68 13.94
C CYS C 330 -34.05 -7.68 13.77
N VAL C 331 -34.83 -7.65 14.85
CA VAL C 331 -36.29 -7.50 14.78
C VAL C 331 -36.68 -6.14 14.22
N LEU C 332 -36.06 -5.05 14.67
CA LEU C 332 -36.32 -3.71 14.14
C LEU C 332 -35.90 -3.56 12.68
N ALA C 333 -34.79 -4.17 12.26
CA ALA C 333 -34.37 -4.22 10.87
C ALA C 333 -35.42 -4.94 10.01
N SER C 334 -35.91 -6.08 10.48
CA SER C 334 -36.95 -6.87 9.81
C SER C 334 -38.26 -6.10 9.68
N LEU C 335 -38.76 -5.50 10.76
CA LEU C 335 -39.97 -4.69 10.74
C LEU C 335 -39.84 -3.46 9.85
N TYR C 336 -38.71 -2.76 9.86
CA TYR C 336 -38.47 -1.63 8.97
C TYR C 336 -38.41 -2.02 7.49
N ILE C 337 -37.79 -3.16 7.15
CA ILE C 337 -37.78 -3.69 5.79
C ILE C 337 -39.20 -4.08 5.33
N LEU C 338 -39.99 -4.75 6.16
CA LEU C 338 -41.39 -5.05 5.85
C LEU C 338 -42.22 -3.78 5.64
N TYR C 339 -42.02 -2.76 6.47
CA TYR C 339 -42.63 -1.45 6.30
C TYR C 339 -42.23 -0.79 4.96
N MET C 340 -40.97 -0.86 4.55
CA MET C 340 -40.53 -0.37 3.26
C MET C 340 -41.08 -1.16 2.07
N ILE C 341 -41.22 -2.48 2.18
CA ILE C 341 -41.89 -3.30 1.17
C ILE C 341 -43.38 -2.93 1.06
N CYS C 342 -44.06 -2.66 2.18
CA CYS C 342 -45.42 -2.14 2.19
C CYS C 342 -45.53 -0.79 1.49
N PHE C 343 -44.71 0.19 1.85
CA PHE C 343 -44.68 1.49 1.18
C PHE C 343 -44.37 1.39 -0.31
N THR C 344 -43.40 0.55 -0.69
CA THR C 344 -43.05 0.31 -2.09
C THR C 344 -44.24 -0.25 -2.84
N THR C 345 -44.94 -1.23 -2.28
CA THR C 345 -46.16 -1.80 -2.87
C THR C 345 -47.26 -0.76 -3.06
N CYS C 346 -47.44 0.17 -2.12
CA CYS C 346 -48.39 1.29 -2.27
C CYS C 346 -48.02 2.24 -3.42
N CYS C 347 -46.73 2.39 -3.71
CA CYS C 347 -46.24 3.12 -4.88
C CYS C 347 -46.42 2.33 -6.18
N ILE C 348 -46.21 1.01 -6.19
CA ILE C 348 -46.46 0.18 -7.38
C ILE C 348 -47.94 0.21 -7.76
N TYR C 349 -48.84 0.14 -6.78
CA TYR C 349 -50.29 0.16 -6.98
C TYR C 349 -50.94 1.56 -6.88
N ARG C 350 -50.13 2.62 -6.94
CA ARG C 350 -50.54 4.03 -6.95
C ARG C 350 -51.68 4.31 -7.95
N PRO C 351 -52.73 5.05 -7.58
CA PRO C 351 -53.97 5.13 -8.36
C PRO C 351 -53.86 6.01 -9.63
N LEU C 352 -53.80 5.38 -10.80
CA LEU C 352 -53.67 6.06 -12.10
C LEU C 352 -54.81 5.67 -13.06
N LYS C 353 -55.20 6.59 -13.95
CA LYS C 353 -56.22 6.42 -14.99
C LYS C 353 -55.74 6.93 -16.34
N LEU C 354 -56.40 6.55 -17.43
CA LEU C 354 -56.15 7.11 -18.76
C LEU C 354 -56.31 8.63 -18.75
N ARG C 355 -55.35 9.33 -19.34
CA ARG C 355 -55.35 10.79 -19.48
C ARG C 355 -56.60 11.27 -20.25
N ASP C 356 -57.28 12.28 -19.72
CA ASP C 356 -58.47 12.88 -20.34
C ASP C 356 -58.11 13.86 -21.47
N ASP C 357 -57.03 14.62 -21.29
CA ASP C 357 -56.33 15.44 -22.29
C ASP C 357 -55.75 14.60 -23.45
N ASN C 358 -55.37 15.25 -24.55
CA ASN C 358 -54.82 14.62 -25.77
C ASN C 358 -53.31 14.87 -25.93
N ARG C 359 -52.62 13.85 -26.47
CA ARG C 359 -51.18 14.01 -26.78
C ARG C 359 -51.12 14.66 -28.16
N THR C 360 -51.38 15.96 -28.22
CA THR C 360 -51.34 16.79 -29.45
C THR C 360 -49.91 17.12 -29.88
N ASP C 361 -48.98 17.28 -28.95
CA ASP C 361 -47.55 17.42 -29.21
C ASP C 361 -46.93 16.05 -29.55
N PRO C 362 -46.27 15.84 -30.71
CA PRO C 362 -45.66 14.56 -31.03
C PRO C 362 -44.54 14.12 -30.07
N ARG C 363 -43.94 15.04 -29.30
CA ARG C 363 -42.91 14.72 -28.29
C ARG C 363 -43.48 14.33 -26.93
N ASP C 364 -44.79 14.45 -26.72
CA ASP C 364 -45.47 14.10 -25.47
C ASP C 364 -45.81 12.60 -25.40
N ILE C 365 -45.30 11.91 -24.37
CA ILE C 365 -45.48 10.47 -24.13
C ILE C 365 -46.35 10.16 -22.92
N THR C 366 -46.95 11.13 -22.23
CA THR C 366 -47.78 10.86 -21.07
C THR C 366 -49.15 10.31 -21.47
N ILE C 367 -49.47 9.09 -21.06
CA ILE C 367 -50.71 8.37 -21.39
C ILE C 367 -51.63 8.16 -20.18
N LEU C 368 -51.09 8.08 -18.97
CA LEU C 368 -51.87 8.01 -17.73
C LEU C 368 -51.71 9.30 -16.91
N GLN C 369 -52.56 9.41 -15.90
CA GLN C 369 -52.76 10.58 -15.05
C GLN C 369 -53.17 10.12 -13.65
N GLN C 370 -52.96 10.93 -12.60
CA GLN C 370 -53.50 10.63 -11.27
C GLN C 370 -55.03 10.54 -11.28
N LYS C 371 -55.58 9.52 -10.62
CA LYS C 371 -57.00 9.54 -10.21
C LYS C 371 -57.22 10.65 -9.17
N LEU C 372 -58.38 11.29 -9.18
CA LEU C 372 -58.82 12.15 -8.08
C LEU C 372 -59.20 11.27 -6.88
N LEU C 373 -59.13 11.80 -5.67
CA LEU C 373 -59.44 11.10 -4.41
C LEU C 373 -60.80 10.40 -4.45
N GLN C 374 -61.83 11.09 -4.96
CA GLN C 374 -63.19 10.59 -5.09
C GLN C 374 -63.37 9.42 -6.09
N GLU C 375 -62.37 9.08 -6.88
CA GLU C 375 -62.34 7.92 -7.79
C GLU C 375 -61.17 6.96 -7.51
N ALA C 376 -60.27 7.30 -6.58
CA ALA C 376 -59.11 6.49 -6.20
C ALA C 376 -59.41 5.33 -5.24
N TYR C 377 -60.60 5.30 -4.62
CA TYR C 377 -60.98 4.28 -3.62
C TYR C 377 -62.35 3.69 -3.95
N VAL C 378 -62.36 2.68 -4.83
CA VAL C 378 -63.60 2.09 -5.38
C VAL C 378 -63.57 0.56 -5.32
N THR C 379 -62.49 -0.05 -5.79
CA THR C 379 -62.33 -1.52 -5.86
C THR C 379 -61.84 -2.12 -4.54
N HIS C 380 -61.96 -3.43 -4.38
CA HIS C 380 -61.36 -4.14 -3.25
C HIS C 380 -59.84 -3.97 -3.20
N GLN C 381 -59.17 -3.94 -4.36
CA GLN C 381 -57.75 -3.65 -4.48
C GLN C 381 -57.38 -2.24 -4.00
N ASP C 382 -58.23 -1.23 -4.21
CA ASP C 382 -58.02 0.09 -3.63
C ASP C 382 -58.15 0.08 -2.10
N ASN C 383 -59.08 -0.70 -1.54
CA ASN C 383 -59.22 -0.82 -0.09
C ASN C 383 -58.04 -1.59 0.53
N ILE C 384 -57.54 -2.64 -0.13
CA ILE C 384 -56.29 -3.31 0.27
C ILE C 384 -55.12 -2.33 0.24
N ARG C 385 -55.07 -1.43 -0.74
CA ARG C 385 -53.99 -0.42 -0.79
C ARG C 385 -54.20 0.64 0.28
N LEU C 386 -55.43 1.04 0.58
CA LEU C 386 -55.70 1.98 1.66
C LEU C 386 -55.14 1.47 3.00
N VAL C 387 -55.24 0.17 3.28
CA VAL C 387 -54.61 -0.42 4.48
C VAL C 387 -53.09 -0.25 4.43
N GLY C 388 -52.44 -0.53 3.30
CA GLY C 388 -51.00 -0.29 3.13
C GLY C 388 -50.59 1.19 3.19
N GLU C 389 -51.42 2.10 2.69
CA GLU C 389 -51.20 3.54 2.77
C GLU C 389 -51.38 4.07 4.20
N LEU C 390 -52.35 3.57 4.96
CA LEU C 390 -52.53 3.88 6.38
C LEU C 390 -51.40 3.33 7.24
N VAL C 391 -50.90 2.13 6.96
CA VAL C 391 -49.66 1.60 7.56
C VAL C 391 -48.47 2.50 7.23
N THR C 392 -48.34 2.93 5.97
CA THR C 392 -47.27 3.83 5.52
C THR C 392 -47.27 5.15 6.29
N VAL C 393 -48.42 5.82 6.39
CA VAL C 393 -48.60 7.06 7.15
C VAL C 393 -48.39 6.84 8.65
N THR C 394 -48.86 5.73 9.23
CA THR C 394 -48.66 5.42 10.65
C THR C 394 -47.18 5.27 10.98
N GLY C 395 -46.42 4.53 10.19
CA GLY C 395 -44.97 4.43 10.37
C GLY C 395 -44.24 5.75 10.14
N ALA C 396 -44.71 6.63 9.26
CA ALA C 396 -44.15 7.96 9.11
C ALA C 396 -44.37 8.84 10.35
N VAL C 397 -45.56 8.78 10.95
CA VAL C 397 -45.84 9.43 12.24
C VAL C 397 -44.97 8.82 13.35
N ILE C 398 -44.87 7.50 13.46
CA ILE C 398 -44.02 6.83 14.45
C ILE C 398 -42.55 7.23 14.31
N ILE C 399 -42.01 7.30 13.09
CA ILE C 399 -40.64 7.80 12.86
C ILE C 399 -40.47 9.17 13.48
N LEU C 400 -41.37 10.12 13.26
CA LEU C 400 -41.24 11.45 13.85
C LEU C 400 -41.39 11.42 15.38
N LEU C 401 -42.29 10.61 15.93
CA LEU C 401 -42.42 10.46 17.39
C LEU C 401 -41.18 9.85 18.04
N LEU C 402 -40.46 8.97 17.36
CA LEU C 402 -39.19 8.40 17.84
C LEU C 402 -38.00 9.35 17.63
N GLU C 403 -37.93 10.05 16.50
CA GLU C 403 -36.80 10.91 16.11
C GLU C 403 -36.80 12.27 16.80
N ILE C 404 -37.89 13.02 16.73
CA ILE C 404 -37.89 14.45 17.08
C ILE C 404 -37.50 14.71 18.55
N PRO C 405 -37.98 13.95 19.55
CA PRO C 405 -37.52 14.12 20.93
C PRO C 405 -36.01 13.92 21.13
N ASP C 406 -35.37 13.04 20.35
CA ASP C 406 -33.92 12.82 20.49
C ASP C 406 -33.08 13.97 19.90
N ILE C 407 -33.61 14.72 18.93
CA ILE C 407 -33.01 15.99 18.51
C ILE C 407 -32.91 16.94 19.71
N PHE C 408 -33.97 17.03 20.52
CA PHE C 408 -34.02 17.93 21.67
C PHE C 408 -33.10 17.47 22.81
N ARG C 409 -33.05 16.17 23.12
CA ARG C 409 -32.14 15.63 24.14
C ARG C 409 -30.67 15.87 23.79
N VAL C 410 -30.27 15.51 22.58
CA VAL C 410 -28.87 15.49 22.17
C VAL C 410 -28.39 16.88 21.69
N GLY C 411 -29.30 17.69 21.16
CA GLY C 411 -29.01 18.93 20.43
C GLY C 411 -28.74 18.64 18.95
N ALA C 412 -29.36 19.40 18.04
CA ALA C 412 -29.44 19.03 16.63
C ALA C 412 -28.07 18.82 15.96
N SER C 413 -27.10 19.69 16.20
CA SER C 413 -25.77 19.59 15.60
C SER C 413 -24.98 18.36 16.04
N ARG C 414 -25.14 17.94 17.30
CA ARG C 414 -24.58 16.66 17.79
C ARG C 414 -25.37 15.47 17.27
N TYR C 415 -26.71 15.55 17.24
CA TYR C 415 -27.59 14.48 16.77
C TYR C 415 -27.36 14.13 15.29
N PHE C 416 -27.43 15.12 14.39
CA PHE C 416 -27.21 14.94 12.96
C PHE C 416 -25.74 14.89 12.54
N GLY C 417 -24.82 15.45 13.33
CA GLY C 417 -23.40 15.49 13.00
C GLY C 417 -22.63 14.21 13.33
N GLN C 418 -22.97 13.53 14.42
CA GLN C 418 -22.21 12.36 14.88
C GLN C 418 -22.50 11.09 14.08
N THR C 419 -21.48 10.53 13.43
CA THR C 419 -21.48 9.22 12.77
C THR C 419 -21.89 8.11 13.74
N ILE C 420 -21.31 8.11 14.95
CA ILE C 420 -21.54 7.08 15.97
C ILE C 420 -23.02 6.94 16.35
N LEU C 421 -23.73 8.06 16.49
CA LEU C 421 -25.15 8.06 16.86
C LEU C 421 -26.09 7.69 15.70
N GLY C 422 -25.64 7.79 14.44
CA GLY C 422 -26.48 7.59 13.25
C GLY C 422 -26.83 8.86 12.48
N GLY C 423 -26.09 9.96 12.68
CA GLY C 423 -26.41 11.30 12.22
C GLY C 423 -27.00 11.45 10.81
N PRO C 424 -26.31 11.06 9.73
CA PRO C 424 -26.86 11.16 8.38
C PRO C 424 -28.12 10.33 8.15
N PHE C 425 -28.26 9.18 8.80
CA PHE C 425 -29.47 8.37 8.73
C PHE C 425 -30.67 9.02 9.42
N HIS C 426 -30.45 9.76 10.51
CA HIS C 426 -31.50 10.56 11.15
C HIS C 426 -32.00 11.68 10.26
N VAL C 427 -31.12 12.33 9.51
CA VAL C 427 -31.52 13.33 8.50
C VAL C 427 -32.43 12.71 7.45
N ILE C 428 -32.02 11.60 6.83
CA ILE C 428 -32.79 11.02 5.72
C ILE C 428 -34.07 10.30 6.20
N ILE C 429 -34.13 9.71 7.39
CA ILE C 429 -35.36 9.10 7.91
C ILE C 429 -36.42 10.15 8.28
N ILE C 430 -36.03 11.31 8.81
CA ILE C 430 -36.94 12.43 9.03
C ILE C 430 -37.39 13.04 7.70
N THR C 431 -36.49 13.13 6.72
CA THR C 431 -36.84 13.61 5.38
C THR C 431 -37.83 12.66 4.71
N TYR C 432 -37.61 11.35 4.78
CA TYR C 432 -38.55 10.32 4.33
C TYR C 432 -39.93 10.49 4.97
N ALA C 433 -40.02 10.56 6.30
CA ALA C 433 -41.31 10.72 6.98
C ALA C 433 -42.02 12.02 6.60
N SER C 434 -41.27 13.11 6.42
CA SER C 434 -41.80 14.39 5.94
C SER C 434 -42.37 14.30 4.52
N LEU C 435 -41.68 13.62 3.59
CA LEU C 435 -42.14 13.41 2.22
C LEU C 435 -43.37 12.50 2.14
N VAL C 436 -43.47 11.49 3.01
CA VAL C 436 -44.67 10.64 3.13
C VAL C 436 -45.86 11.46 3.58
N LEU C 437 -45.73 12.27 4.63
CA LEU C 437 -46.84 13.09 5.13
C LEU C 437 -47.22 14.20 4.17
N LEU C 438 -46.26 14.79 3.46
CA LEU C 438 -46.53 15.70 2.33
C LEU C 438 -47.35 15.00 1.24
N THR C 439 -46.98 13.78 0.85
CA THR C 439 -47.71 13.01 -0.16
C THR C 439 -49.14 12.71 0.28
N MET C 440 -49.38 12.40 1.55
CA MET C 440 -50.72 12.23 2.10
C MET C 440 -51.55 13.53 1.97
N VAL C 441 -50.98 14.69 2.28
CA VAL C 441 -51.65 15.98 2.07
C VAL C 441 -51.96 16.20 0.59
N MET C 442 -51.04 15.89 -0.32
CA MET C 442 -51.28 15.94 -1.78
C MET C 442 -52.41 15.02 -2.22
N ARG C 443 -52.45 13.78 -1.74
CA ARG C 443 -53.51 12.80 -2.03
C ARG C 443 -54.88 13.31 -1.58
N LEU C 444 -54.97 13.84 -0.37
CA LEU C 444 -56.23 14.35 0.20
C LEU C 444 -56.71 15.64 -0.48
N THR C 445 -55.83 16.39 -1.14
CA THR C 445 -56.13 17.68 -1.78
C THR C 445 -56.19 17.63 -3.31
N ASN C 446 -56.17 16.43 -3.92
CA ASN C 446 -56.13 16.23 -5.38
C ASN C 446 -54.96 16.94 -6.08
N MET C 447 -53.84 17.13 -5.38
CA MET C 447 -52.69 17.83 -5.91
C MET C 447 -51.90 16.95 -6.88
N ASN C 448 -51.67 17.43 -8.10
CA ASN C 448 -50.90 16.69 -9.10
C ASN C 448 -49.39 16.69 -8.76
N GLY C 449 -48.69 15.64 -9.16
CA GLY C 449 -47.24 15.53 -9.00
C GLY C 449 -46.79 14.73 -7.78
N GLU C 450 -47.59 13.77 -7.29
CA GLU C 450 -47.19 12.87 -6.20
C GLU C 450 -45.93 12.06 -6.51
N VAL C 451 -45.62 11.85 -7.80
CA VAL C 451 -44.38 11.22 -8.29
C VAL C 451 -43.15 11.86 -7.67
N VAL C 452 -43.13 13.18 -7.50
CA VAL C 452 -41.97 13.92 -7.03
C VAL C 452 -41.61 13.53 -5.60
N PRO C 453 -42.45 13.77 -4.57
CA PRO C 453 -42.13 13.34 -3.21
C PRO C 453 -42.05 11.82 -3.06
N LEU C 454 -42.84 11.03 -3.79
CA LEU C 454 -42.75 9.57 -3.73
C LEU C 454 -41.42 9.04 -4.27
N SER C 455 -40.88 9.59 -5.35
CA SER C 455 -39.59 9.16 -5.88
C SER C 455 -38.45 9.45 -4.92
N PHE C 456 -38.45 10.63 -4.31
CA PHE C 456 -37.51 10.94 -3.23
C PHE C 456 -37.73 10.01 -2.03
N ALA C 457 -38.96 9.79 -1.58
CA ALA C 457 -39.25 8.93 -0.44
C ALA C 457 -38.86 7.47 -0.69
N LEU C 458 -39.02 6.93 -1.90
CA LEU C 458 -38.58 5.58 -2.24
C LEU C 458 -37.06 5.45 -2.16
N VAL C 459 -36.31 6.42 -2.68
CA VAL C 459 -34.85 6.43 -2.57
C VAL C 459 -34.40 6.60 -1.12
N LEU C 460 -34.88 7.61 -0.39
CA LEU C 460 -34.45 7.87 0.98
C LEU C 460 -34.93 6.82 1.98
N GLY C 461 -36.13 6.29 1.79
CA GLY C 461 -36.68 5.21 2.57
C GLY C 461 -35.86 3.94 2.42
N TRP C 462 -35.56 3.52 1.19
CA TRP C 462 -34.69 2.35 0.99
C TRP C 462 -33.25 2.62 1.39
N CYS C 463 -32.63 3.74 1.06
CA CYS C 463 -31.26 4.02 1.51
C CYS C 463 -31.14 4.06 3.03
N SER C 464 -32.17 4.48 3.76
CA SER C 464 -32.19 4.40 5.23
C SER C 464 -32.20 2.98 5.81
N VAL C 465 -32.50 1.94 5.03
CA VAL C 465 -32.28 0.54 5.46
C VAL C 465 -30.81 0.27 5.75
N MET C 466 -29.88 1.02 5.13
CA MET C 466 -28.45 0.94 5.46
C MET C 466 -28.13 1.40 6.88
N TYR C 467 -29.05 2.03 7.61
CA TYR C 467 -28.91 2.28 9.03
C TYR C 467 -28.65 0.99 9.80
N PHE C 468 -29.37 -0.08 9.47
CA PHE C 468 -29.28 -1.37 10.14
C PHE C 468 -28.03 -2.16 9.80
N ALA C 469 -27.24 -1.74 8.81
CA ALA C 469 -25.95 -2.33 8.51
C ALA C 469 -25.00 -2.30 9.71
N ARG C 470 -25.20 -1.36 10.65
CA ARG C 470 -24.34 -1.22 11.84
C ARG C 470 -24.43 -2.44 12.75
N GLY C 471 -25.51 -3.20 12.69
CA GLY C 471 -25.71 -4.39 13.51
C GLY C 471 -24.84 -5.58 13.12
N PHE C 472 -24.17 -5.53 11.97
CA PHE C 472 -23.48 -6.66 11.37
C PHE C 472 -22.03 -6.29 11.11
N GLN C 473 -21.08 -7.15 11.46
CA GLN C 473 -19.66 -6.92 11.19
C GLN C 473 -19.35 -6.91 9.70
N MET C 474 -20.09 -7.68 8.90
CA MET C 474 -19.95 -7.72 7.45
C MET C 474 -20.28 -6.38 6.76
N LEU C 475 -21.29 -5.66 7.26
CA LEU C 475 -21.88 -4.49 6.58
C LEU C 475 -21.56 -3.17 7.25
N GLY C 476 -21.36 -3.15 8.57
CA GLY C 476 -21.23 -1.94 9.37
C GLY C 476 -20.00 -1.12 9.03
N PRO C 477 -18.78 -1.68 9.04
CA PRO C 477 -17.57 -0.96 8.65
C PRO C 477 -17.61 -0.48 7.20
N PHE C 478 -18.16 -1.27 6.28
CA PHE C 478 -18.36 -0.86 4.89
C PHE C 478 -19.33 0.31 4.74
N THR C 479 -20.41 0.35 5.52
CA THR C 479 -21.32 1.50 5.54
C THR C 479 -20.69 2.77 6.09
N ILE C 480 -19.71 2.66 6.99
CA ILE C 480 -18.87 3.80 7.41
C ILE C 480 -17.92 4.24 6.29
N MET C 481 -17.30 3.33 5.53
CA MET C 481 -16.55 3.73 4.33
C MET C 481 -17.41 4.47 3.32
N ILE C 482 -18.62 4.00 3.03
CA ILE C 482 -19.53 4.72 2.14
C ILE C 482 -19.69 6.17 2.59
N GLN C 483 -19.98 6.42 3.87
CA GLN C 483 -20.11 7.75 4.43
C GLN C 483 -18.84 8.59 4.36
N LYS C 484 -17.68 8.02 4.74
CA LYS C 484 -16.40 8.73 4.70
C LYS C 484 -15.95 9.04 3.27
N MET C 485 -16.31 8.22 2.30
CA MET C 485 -16.09 8.51 0.88
C MET C 485 -17.06 9.53 0.31
N ILE C 486 -18.33 9.56 0.72
CA ILE C 486 -19.28 10.61 0.28
C ILE C 486 -18.83 11.98 0.77
N PHE C 487 -18.54 12.12 2.07
CA PHE C 487 -18.16 13.42 2.64
C PHE C 487 -16.73 13.86 2.31
N GLY C 488 -15.86 12.93 1.92
CA GLY C 488 -14.48 13.18 1.53
C GLY C 488 -14.28 13.18 0.03
N ASP C 489 -13.86 12.05 -0.52
CA ASP C 489 -13.42 11.95 -1.92
C ASP C 489 -14.50 12.29 -2.94
N LEU C 490 -15.74 11.87 -2.73
CA LEU C 490 -16.84 12.19 -3.65
C LEU C 490 -17.12 13.69 -3.69
N MET C 491 -17.10 14.37 -2.54
CA MET C 491 -17.25 15.82 -2.47
C MET C 491 -16.19 16.56 -3.29
N ARG C 492 -14.92 16.28 -3.04
CA ARG C 492 -13.81 16.92 -3.77
C ARG C 492 -13.93 16.65 -5.26
N PHE C 493 -14.25 15.42 -5.63
CA PHE C 493 -14.40 15.04 -7.03
C PHE C 493 -15.55 15.80 -7.69
N CYS C 494 -16.74 15.81 -7.10
CA CYS C 494 -17.91 16.47 -7.69
C CYS C 494 -17.70 17.96 -7.88
N TRP C 495 -16.93 18.64 -7.03
CA TRP C 495 -16.58 20.04 -7.24
C TRP C 495 -15.76 20.28 -8.52
N LEU C 496 -14.72 19.50 -8.78
CA LEU C 496 -13.90 19.70 -9.97
C LEU C 496 -14.54 19.08 -11.22
N MET C 497 -15.21 17.94 -11.09
CA MET C 497 -16.07 17.35 -12.11
C MET C 497 -17.12 18.33 -12.62
N ALA C 498 -17.81 19.09 -11.76
CA ALA C 498 -18.79 20.08 -12.16
C ALA C 498 -18.19 21.21 -13.02
N VAL C 499 -17.02 21.70 -12.65
CA VAL C 499 -16.26 22.69 -13.43
C VAL C 499 -15.88 22.16 -14.82
N VAL C 500 -15.44 20.91 -14.92
CA VAL C 500 -15.14 20.25 -16.20
C VAL C 500 -16.41 20.06 -17.05
N ILE C 501 -17.52 19.65 -16.45
CA ILE C 501 -18.81 19.50 -17.14
C ILE C 501 -19.32 20.84 -17.66
N LEU C 502 -19.21 21.93 -16.91
CA LEU C 502 -19.63 23.26 -17.38
C LEU C 502 -18.84 23.72 -18.61
N GLY C 503 -17.53 23.54 -18.62
CA GLY C 503 -16.71 23.86 -19.79
C GLY C 503 -17.11 23.06 -21.02
N PHE C 504 -17.11 21.74 -20.88
CA PHE C 504 -17.38 20.86 -22.00
C PHE C 504 -18.83 20.84 -22.47
N ALA C 505 -19.82 20.93 -21.59
CA ALA C 505 -21.23 21.03 -21.99
C ALA C 505 -21.48 22.28 -22.81
N SER C 506 -20.86 23.40 -22.44
CA SER C 506 -20.99 24.65 -23.17
C SER C 506 -20.31 24.57 -24.53
N ALA C 507 -19.12 23.99 -24.63
CA ALA C 507 -18.45 23.76 -25.91
C ALA C 507 -19.23 22.80 -26.83
N PHE C 508 -19.75 21.68 -26.32
CA PHE C 508 -20.60 20.77 -27.07
C PHE C 508 -21.90 21.42 -27.51
N HIS C 509 -22.57 22.17 -26.64
CA HIS C 509 -23.80 22.87 -26.98
C HIS C 509 -23.57 23.86 -28.12
N ILE C 510 -22.58 24.74 -28.04
CA ILE C 510 -22.35 25.68 -29.13
C ILE C 510 -21.83 25.03 -30.41
N THR C 511 -21.15 23.90 -30.32
CA THR C 511 -20.77 23.08 -31.47
C THR C 511 -21.99 22.56 -32.22
N PHE C 512 -23.05 22.17 -31.53
CA PHE C 512 -24.27 21.65 -32.15
C PHE C 512 -25.38 22.67 -32.41
N GLN C 513 -25.28 23.90 -31.93
CA GLN C 513 -26.29 24.95 -32.16
C GLN C 513 -26.66 25.13 -33.64
N THR C 514 -25.69 25.04 -34.54
CA THR C 514 -25.89 25.22 -35.99
C THR C 514 -26.42 23.99 -36.72
N GLU C 515 -26.46 22.83 -36.07
CA GLU C 515 -26.76 21.54 -36.67
C GLU C 515 -28.18 21.08 -36.35
N ASP C 516 -28.73 20.21 -37.19
CA ASP C 516 -30.09 19.68 -37.07
C ASP C 516 -30.27 18.79 -35.83
N PRO C 517 -31.12 19.16 -34.84
CA PRO C 517 -31.27 18.40 -33.61
C PRO C 517 -31.75 16.96 -33.80
N ASN C 518 -32.39 16.66 -34.93
CA ASN C 518 -32.91 15.32 -35.20
C ASN C 518 -31.82 14.32 -35.59
N ASN C 519 -30.64 14.80 -35.99
CA ASN C 519 -29.51 13.94 -36.36
C ASN C 519 -28.54 13.66 -35.20
N LEU C 520 -28.45 14.54 -34.20
CA LEU C 520 -27.72 14.31 -32.95
C LEU C 520 -28.38 15.11 -31.82
N GLY C 521 -29.06 14.41 -30.91
CA GLY C 521 -29.95 15.01 -29.91
C GLY C 521 -29.31 15.39 -28.59
N GLU C 522 -28.14 14.83 -28.26
CA GLU C 522 -27.49 14.90 -26.95
C GLU C 522 -27.23 16.34 -26.46
N PHE C 523 -26.97 17.27 -27.37
CA PHE C 523 -26.57 18.64 -27.03
C PHE C 523 -27.54 19.68 -27.60
N SER C 524 -28.78 19.28 -27.86
CA SER C 524 -29.79 20.06 -28.61
C SER C 524 -30.31 21.30 -27.87
N ASP C 525 -30.29 21.32 -26.53
CA ASP C 525 -30.43 22.52 -25.70
C ASP C 525 -29.44 22.47 -24.53
N TYR C 526 -29.24 23.58 -23.83
CA TYR C 526 -28.20 23.65 -22.81
C TYR C 526 -28.43 22.72 -21.60
N PRO C 527 -29.65 22.55 -21.06
CA PRO C 527 -29.92 21.56 -20.03
C PRO C 527 -29.65 20.12 -20.50
N THR C 528 -30.04 19.74 -21.72
CA THR C 528 -29.70 18.44 -22.28
C THR C 528 -28.19 18.31 -22.46
N ALA C 529 -27.49 19.34 -22.92
CA ALA C 529 -26.06 19.30 -23.06
C ALA C 529 -25.33 19.09 -21.73
N LEU C 530 -25.77 19.72 -20.65
CA LEU C 530 -25.26 19.48 -19.30
C LEU C 530 -25.47 18.03 -18.88
N PHE C 531 -26.69 17.53 -19.00
CA PHE C 531 -27.03 16.17 -18.58
C PHE C 531 -26.30 15.12 -19.41
N SER C 532 -26.24 15.28 -20.73
CA SER C 532 -25.46 14.42 -21.61
C SER C 532 -23.98 14.50 -21.29
N THR C 533 -23.40 15.68 -21.05
CA THR C 533 -21.99 15.78 -20.66
C THR C 533 -21.72 15.11 -19.32
N PHE C 534 -22.62 15.22 -18.35
CA PHE C 534 -22.55 14.51 -17.10
C PHE C 534 -22.60 12.98 -17.29
N GLU C 535 -23.51 12.45 -18.11
CA GLU C 535 -23.58 11.03 -18.42
C GLU C 535 -22.38 10.53 -19.26
N LEU C 536 -21.87 11.36 -20.16
CA LEU C 536 -20.66 11.08 -20.93
C LEU C 536 -19.40 11.10 -20.06
N PHE C 537 -19.32 11.99 -19.06
CA PHE C 537 -18.23 12.02 -18.09
C PHE C 537 -18.14 10.68 -17.37
N LEU C 538 -19.30 10.20 -16.92
CA LEU C 538 -19.41 8.95 -16.15
C LEU C 538 -19.45 7.74 -17.06
N THR C 539 -19.46 7.94 -18.36
CA THR C 539 -19.48 6.85 -19.37
C THR C 539 -20.74 6.00 -19.23
N ILE C 540 -21.89 6.62 -18.95
CA ILE C 540 -23.15 5.89 -18.72
C ILE C 540 -24.02 6.03 -19.97
N ILE C 541 -23.62 6.89 -20.91
CA ILE C 541 -24.29 7.00 -22.23
C ILE C 541 -23.16 6.91 -23.24
N ASP C 542 -23.41 6.35 -24.42
CA ASP C 542 -22.33 6.17 -25.42
C ASP C 542 -21.98 7.50 -26.06
N GLY C 543 -20.75 7.65 -26.49
CA GLY C 543 -20.28 8.88 -27.12
C GLY C 543 -21.11 9.13 -28.33
N PRO C 544 -21.66 10.33 -28.59
CA PRO C 544 -22.61 10.42 -29.68
C PRO C 544 -21.92 10.33 -31.03
N ALA C 545 -22.53 9.57 -31.92
CA ALA C 545 -22.04 9.30 -33.25
C ALA C 545 -23.22 9.09 -34.19
N ASN C 546 -23.04 9.45 -35.45
CA ASN C 546 -24.01 9.20 -36.50
C ASN C 546 -23.25 9.14 -37.84
N TYR C 547 -22.80 7.95 -38.23
CA TYR C 547 -21.95 7.78 -39.41
C TYR C 547 -22.68 8.06 -40.73
N SER C 548 -24.01 8.20 -40.71
CA SER C 548 -24.82 8.58 -41.87
C SER C 548 -24.78 10.09 -42.19
N VAL C 549 -24.14 10.93 -41.36
CA VAL C 549 -24.03 12.38 -41.54
C VAL C 549 -22.62 12.88 -41.18
N ASP C 550 -22.28 14.08 -41.64
CA ASP C 550 -21.08 14.80 -41.24
C ASP C 550 -21.32 15.58 -39.95
N LEU C 551 -20.77 15.12 -38.84
CA LEU C 551 -20.70 15.89 -37.60
C LEU C 551 -19.68 17.03 -37.74
N PRO C 552 -19.84 18.15 -37.03
CA PRO C 552 -18.85 19.22 -37.04
C PRO C 552 -17.49 18.72 -36.53
N PHE C 553 -16.40 19.12 -37.19
CA PHE C 553 -15.04 18.68 -36.87
C PHE C 553 -14.63 19.08 -35.45
N MET C 554 -15.19 20.20 -34.97
CA MET C 554 -14.98 20.72 -33.61
C MET C 554 -15.54 19.79 -32.54
N TYR C 555 -16.53 18.96 -32.85
CA TYR C 555 -17.02 17.92 -31.94
C TYR C 555 -15.97 16.85 -31.71
N CYS C 556 -15.34 16.32 -32.75
CA CYS C 556 -14.32 15.27 -32.61
C CYS C 556 -13.12 15.77 -31.79
N ILE C 557 -12.67 17.00 -32.02
CA ILE C 557 -11.58 17.64 -31.26
C ILE C 557 -11.98 17.80 -29.79
N THR C 558 -13.15 18.38 -29.52
CA THR C 558 -13.65 18.62 -28.16
C THR C 558 -13.90 17.31 -27.42
N TYR C 559 -14.51 16.33 -28.07
CA TYR C 559 -14.80 15.03 -27.48
C TYR C 559 -13.54 14.21 -27.22
N ALA C 560 -12.49 14.32 -28.04
CA ALA C 560 -11.21 13.68 -27.74
C ALA C 560 -10.56 14.26 -26.48
N ALA C 561 -10.53 15.60 -26.33
CA ALA C 561 -10.03 16.23 -25.11
C ALA C 561 -10.87 15.88 -23.89
N PHE C 562 -12.20 15.87 -24.02
CA PHE C 562 -13.11 15.46 -22.96
C PHE C 562 -12.91 14.00 -22.56
N ALA C 563 -12.81 13.09 -23.51
CA ALA C 563 -12.58 11.69 -23.25
C ALA C 563 -11.28 11.43 -22.49
N ILE C 564 -10.19 12.12 -22.84
CA ILE C 564 -8.91 12.06 -22.13
C ILE C 564 -9.02 12.67 -20.72
N ILE C 565 -9.62 13.85 -20.56
CA ILE C 565 -9.66 14.56 -19.27
C ILE C 565 -10.68 13.93 -18.32
N ALA C 566 -11.92 13.76 -18.74
CA ALA C 566 -12.98 13.21 -17.91
C ALA C 566 -12.82 11.70 -17.73
N THR C 567 -12.83 10.92 -18.78
CA THR C 567 -12.90 9.45 -18.57
C THR C 567 -11.53 8.81 -18.32
N LEU C 568 -10.51 9.09 -19.11
CA LEU C 568 -9.24 8.39 -18.85
C LEU C 568 -8.65 8.91 -17.56
N LEU C 569 -8.51 10.22 -17.40
CA LEU C 569 -7.79 10.71 -16.22
C LEU C 569 -8.67 10.84 -14.99
N MET C 570 -9.69 11.68 -14.99
CA MET C 570 -10.41 11.98 -13.73
C MET C 570 -11.24 10.84 -13.19
N LEU C 571 -11.93 10.11 -14.05
CA LEU C 571 -12.74 8.99 -13.58
C LEU C 571 -11.89 7.85 -13.01
N ASN C 572 -10.69 7.62 -13.54
CA ASN C 572 -9.75 6.63 -13.01
C ASN C 572 -8.93 7.16 -11.83
N LEU C 573 -8.60 8.45 -11.82
CA LEU C 573 -8.00 9.11 -10.66
C LEU C 573 -8.92 9.09 -9.45
N PHE C 574 -10.25 9.11 -9.63
CA PHE C 574 -11.19 8.89 -8.54
C PHE C 574 -11.00 7.53 -7.87
N ILE C 575 -10.90 6.45 -8.65
CA ILE C 575 -10.58 5.11 -8.15
C ILE C 575 -9.26 5.11 -7.40
N ALA C 576 -8.22 5.73 -7.96
CA ALA C 576 -6.91 5.82 -7.33
C ALA C 576 -6.95 6.55 -5.99
N MET C 577 -7.60 7.72 -5.89
CA MET C 577 -7.66 8.44 -4.63
C MET C 577 -8.56 7.77 -3.60
N MET C 578 -9.65 7.11 -4.02
CA MET C 578 -10.42 6.24 -3.15
C MET C 578 -9.59 5.08 -2.62
N GLY C 579 -8.84 4.38 -3.47
CA GLY C 579 -7.95 3.30 -3.04
C GLY C 579 -6.93 3.78 -2.02
N ASP C 580 -6.39 4.98 -2.21
CA ASP C 580 -5.42 5.60 -1.33
C ASP C 580 -6.02 6.14 -0.01
N THR C 581 -7.28 6.55 0.00
CA THR C 581 -8.04 6.85 1.22
C THR C 581 -8.39 5.59 1.98
N HIS C 582 -8.81 4.54 1.28
CA HIS C 582 -9.34 3.32 1.87
C HIS C 582 -8.35 2.69 2.86
N TRP C 583 -7.09 2.51 2.48
CA TRP C 583 -6.11 1.87 3.35
C TRP C 583 -5.77 2.71 4.58
N ARG C 584 -5.83 4.05 4.48
CA ARG C 584 -5.58 4.98 5.59
C ARG C 584 -6.73 5.03 6.60
N VAL C 585 -7.95 5.03 6.09
CA VAL C 585 -9.18 5.12 6.88
C VAL C 585 -9.56 3.80 7.53
N ALA C 586 -9.10 2.65 7.03
CA ALA C 586 -9.52 1.32 7.46
C ALA C 586 -9.45 1.06 8.98
N GLN C 587 -8.43 1.57 9.69
CA GLN C 587 -8.36 1.38 11.13
C GLN C 587 -9.42 2.20 11.88
N GLU C 588 -9.59 3.48 11.53
CA GLU C 588 -10.66 4.32 12.08
C GLU C 588 -12.05 3.79 11.73
N ARG C 589 -12.27 3.29 10.53
CA ARG C 589 -13.53 2.66 10.11
C ARG C 589 -13.96 1.54 11.07
N ASP C 590 -13.05 0.70 11.51
CA ASP C 590 -13.32 -0.37 12.46
C ASP C 590 -13.59 0.14 13.87
N GLU C 591 -12.83 1.12 14.35
CA GLU C 591 -13.04 1.78 15.64
C GLU C 591 -14.39 2.49 15.71
N LEU C 592 -14.78 3.17 14.63
CA LEU C 592 -16.10 3.78 14.49
C LEU C 592 -17.21 2.74 14.44
N TRP C 593 -17.02 1.59 13.79
CA TRP C 593 -18.04 0.55 13.78
C TRP C 593 -18.25 -0.05 15.17
N ARG C 594 -17.19 -0.41 15.85
CA ARG C 594 -17.28 -0.91 17.24
C ARG C 594 -17.97 0.12 18.14
N ALA C 595 -17.70 1.41 18.01
CA ALA C 595 -18.43 2.46 18.74
C ALA C 595 -19.90 2.62 18.32
N GLN C 596 -20.26 2.45 17.04
CA GLN C 596 -21.65 2.43 16.57
C GLN C 596 -22.46 1.29 17.17
N VAL C 597 -21.87 0.11 17.37
CA VAL C 597 -22.53 -1.02 18.03
C VAL C 597 -22.88 -0.65 19.48
N VAL C 598 -21.97 0.00 20.20
CA VAL C 598 -22.22 0.46 21.56
C VAL C 598 -23.28 1.55 21.59
N ALA C 599 -23.21 2.54 20.70
CA ALA C 599 -24.22 3.58 20.60
C ALA C 599 -25.62 3.02 20.28
N THR C 600 -25.70 2.00 19.44
CA THR C 600 -26.96 1.29 19.15
C THR C 600 -27.49 0.62 20.40
N THR C 601 -26.64 -0.08 21.15
CA THR C 601 -26.97 -0.75 22.40
C THR C 601 -27.52 0.23 23.44
N VAL C 602 -26.85 1.37 23.61
CA VAL C 602 -27.22 2.46 24.52
C VAL C 602 -28.54 3.10 24.11
N MET C 603 -28.76 3.34 22.82
CA MET C 603 -30.00 3.86 22.26
C MET C 603 -31.17 2.89 22.46
N LEU C 604 -31.00 1.61 22.15
CA LEU C 604 -32.06 0.61 22.30
C LEU C 604 -32.46 0.44 23.77
N GLU C 605 -31.51 0.33 24.69
CA GLU C 605 -31.83 0.20 26.11
C GLU C 605 -32.55 1.43 26.66
N ARG C 606 -32.18 2.63 26.20
CA ARG C 606 -32.84 3.90 26.56
C ARG C 606 -34.27 3.98 26.04
N LYS C 607 -34.50 3.66 24.77
CA LYS C 607 -35.78 3.88 24.08
C LYS C 607 -36.78 2.74 24.25
N MET C 608 -36.35 1.48 24.31
CA MET C 608 -37.25 0.34 24.45
C MET C 608 -37.86 0.22 25.85
N PRO C 609 -39.01 -0.48 26.01
CA PRO C 609 -39.57 -0.79 27.32
C PRO C 609 -38.60 -1.52 28.24
N ARG C 610 -38.52 -1.12 29.51
CA ARG C 610 -37.55 -1.68 30.46
C ARG C 610 -37.76 -3.17 30.75
N PHE C 611 -38.96 -3.72 30.60
CA PHE C 611 -39.17 -5.16 30.76
C PHE C 611 -38.43 -6.01 29.71
N LEU C 612 -38.05 -5.43 28.57
CA LEU C 612 -37.23 -6.09 27.55
C LEU C 612 -35.72 -5.99 27.83
N TRP C 613 -35.31 -5.12 28.75
CA TRP C 613 -33.91 -4.83 29.09
C TRP C 613 -33.65 -5.00 30.59
N PRO C 614 -33.60 -6.24 31.11
CA PRO C 614 -33.21 -6.51 32.49
C PRO C 614 -31.88 -5.86 32.88
N ARG C 615 -31.79 -5.34 34.10
CA ARG C 615 -30.59 -4.65 34.59
C ARG C 615 -29.35 -5.54 34.44
N SER C 616 -28.28 -4.98 33.88
CA SER C 616 -27.08 -5.73 33.52
C SER C 616 -26.17 -6.01 34.70
N GLY C 617 -25.43 -7.12 34.62
CA GLY C 617 -24.54 -7.55 35.68
C GLY C 617 -25.25 -8.33 36.78
N ILE C 618 -24.62 -8.33 37.94
CA ILE C 618 -24.87 -9.20 39.10
C ILE C 618 -25.40 -8.34 40.24
N CYS C 619 -26.59 -8.64 40.75
CA CYS C 619 -27.15 -7.93 41.89
C CYS C 619 -26.43 -8.29 43.19
N GLY C 620 -25.79 -7.33 43.84
CA GLY C 620 -25.06 -7.54 45.09
C GLY C 620 -25.95 -7.92 46.28
N TYR C 621 -27.22 -7.52 46.27
CA TYR C 621 -28.16 -7.80 47.36
C TYR C 621 -28.41 -9.31 47.54
N GLU C 622 -28.32 -10.09 46.45
CA GLU C 622 -28.45 -11.55 46.50
C GLU C 622 -27.30 -12.24 47.27
N TYR C 623 -26.19 -11.54 47.51
CA TYR C 623 -24.95 -12.09 48.06
C TYR C 623 -24.40 -11.32 49.28
N GLY C 624 -25.21 -10.45 49.88
CA GLY C 624 -24.83 -9.65 51.04
C GLY C 624 -23.89 -8.47 50.74
N LEU C 625 -23.74 -8.08 49.48
CA LEU C 625 -22.87 -6.98 49.02
C LEU C 625 -23.57 -5.60 48.98
N GLY C 626 -24.84 -5.56 49.34
CA GLY C 626 -25.52 -4.26 49.34
C GLY C 626 -26.36 -4.03 48.11
N ASP C 627 -26.60 -2.77 47.78
CA ASP C 627 -27.50 -2.43 46.65
C ASP C 627 -26.69 -2.24 45.37
N ARG C 628 -25.42 -2.61 45.39
CA ARG C 628 -24.61 -2.35 44.19
C ARG C 628 -24.73 -3.49 43.20
N TRP C 629 -24.53 -3.19 41.94
CA TRP C 629 -24.50 -4.18 40.87
C TRP C 629 -23.09 -4.29 40.29
N PHE C 630 -22.71 -5.48 39.84
CA PHE C 630 -21.34 -5.79 39.47
C PHE C 630 -21.22 -6.51 38.14
N LEU C 631 -20.04 -6.46 37.53
CA LEU C 631 -19.65 -7.35 36.46
C LEU C 631 -18.49 -8.21 36.93
N ARG C 632 -18.59 -9.53 36.78
CA ARG C 632 -17.45 -10.42 37.12
C ARG C 632 -16.68 -10.72 35.85
N VAL C 633 -15.41 -10.38 35.84
CA VAL C 633 -14.51 -10.65 34.73
C VAL C 633 -13.45 -11.63 35.22
N GLU C 634 -13.38 -12.78 34.57
CA GLU C 634 -12.34 -13.79 34.81
C GLU C 634 -11.34 -13.76 33.66
N ASN C 635 -10.05 -13.71 33.98
CA ASN C 635 -9.00 -13.47 33.00
C ASN C 635 -7.77 -14.33 33.26
N HIS C 636 -7.02 -14.56 32.18
CA HIS C 636 -5.78 -15.33 32.15
C HIS C 636 -4.58 -14.39 32.08
N HIS C 637 -3.55 -14.63 32.87
CA HIS C 637 -2.34 -13.80 32.95
C HIS C 637 -1.06 -14.63 33.12
N ASP D 28 33.26 18.53 -24.46
CA ASP D 28 32.42 18.89 -23.30
C ASP D 28 33.31 19.21 -22.10
N TRP D 29 32.71 19.69 -20.99
CA TRP D 29 33.49 20.03 -19.80
C TRP D 29 34.14 18.80 -19.17
N GLU D 30 33.48 17.63 -19.18
CA GLU D 30 34.01 16.41 -18.58
C GLU D 30 35.33 15.98 -19.22
N GLN D 31 35.38 15.85 -20.55
CA GLN D 31 36.57 15.38 -21.23
C GLN D 31 37.71 16.41 -21.18
N TYR D 32 37.40 17.70 -21.10
CA TYR D 32 38.39 18.75 -20.85
C TYR D 32 38.96 18.68 -19.43
N ARG D 33 38.12 18.63 -18.40
CA ARG D 33 38.61 18.51 -16.99
C ARG D 33 39.40 17.23 -16.83
N ASP D 34 38.92 16.11 -17.38
CA ASP D 34 39.70 14.88 -17.37
C ASP D 34 41.07 15.07 -18.00
N ARG D 35 41.18 15.64 -19.21
CA ARG D 35 42.46 15.92 -19.85
C ARG D 35 43.37 16.82 -19.00
N VAL D 36 42.85 17.87 -18.40
CA VAL D 36 43.58 18.75 -17.47
C VAL D 36 44.20 17.95 -16.33
N ASN D 37 43.45 17.02 -15.74
CA ASN D 37 43.94 16.14 -14.69
C ASN D 37 45.00 15.15 -15.18
N MET D 38 44.85 14.61 -16.39
CA MET D 38 45.86 13.73 -16.99
C MET D 38 47.17 14.46 -17.27
N LEU D 39 47.11 15.65 -17.88
CA LEU D 39 48.27 16.48 -18.17
C LEU D 39 48.99 16.90 -16.89
N GLN D 40 48.25 17.27 -15.84
CA GLN D 40 48.80 17.60 -14.53
C GLN D 40 49.62 16.45 -13.96
N GLN D 41 49.09 15.23 -13.97
CA GLN D 41 49.82 14.05 -13.47
C GLN D 41 51.03 13.71 -14.35
N GLU D 42 50.92 13.81 -15.67
CA GLU D 42 52.05 13.61 -16.57
C GLU D 42 53.17 14.62 -16.34
N ARG D 43 52.86 15.92 -16.25
CA ARG D 43 53.85 16.96 -16.01
C ARG D 43 54.55 16.82 -14.65
N ILE D 44 53.87 16.26 -13.64
CA ILE D 44 54.50 15.86 -12.40
C ILE D 44 55.47 14.69 -12.65
N ARG D 45 55.05 13.59 -13.30
CA ARG D 45 55.93 12.45 -13.62
C ARG D 45 57.17 12.84 -14.42
N ASP D 46 57.00 13.73 -15.39
CA ASP D 46 58.05 14.19 -16.31
C ASP D 46 59.02 15.23 -15.70
N SER D 47 58.73 15.80 -14.53
CA SER D 47 59.57 16.84 -13.91
C SER D 47 60.10 16.36 -12.56
N PRO D 48 61.42 16.11 -12.39
CA PRO D 48 61.93 15.45 -11.20
C PRO D 48 61.66 16.20 -9.89
N LEU D 49 61.62 17.55 -9.91
CA LEU D 49 61.30 18.35 -8.73
C LEU D 49 59.84 18.18 -8.29
N LEU D 50 58.89 18.22 -9.22
CA LEU D 50 57.47 18.01 -8.93
C LEU D 50 57.21 16.57 -8.50
N GLN D 51 57.86 15.61 -9.15
CA GLN D 51 57.78 14.20 -8.77
C GLN D 51 58.27 13.98 -7.33
N ALA D 52 59.37 14.64 -6.94
CA ALA D 52 59.89 14.58 -5.58
C ALA D 52 58.99 15.31 -4.57
N ALA D 53 58.40 16.43 -4.96
CA ALA D 53 57.40 17.15 -4.16
C ALA D 53 56.14 16.30 -3.93
N LYS D 54 55.75 15.44 -4.88
CA LYS D 54 54.66 14.47 -4.75
C LYS D 54 55.03 13.26 -3.88
N GLU D 55 56.21 12.67 -4.06
CA GLU D 55 56.64 11.50 -3.30
C GLU D 55 57.12 11.79 -1.86
N ASN D 56 57.54 13.03 -1.57
CA ASN D 56 58.18 13.43 -0.31
C ASN D 56 59.56 12.76 -0.08
N ASP D 57 60.26 12.30 -1.12
CA ASP D 57 61.63 11.78 -0.99
C ASP D 57 62.65 12.92 -0.86
N LEU D 58 62.82 13.34 0.39
CA LEU D 58 63.68 14.45 0.78
C LEU D 58 65.12 14.27 0.32
N ARG D 59 65.57 13.02 0.23
CA ARG D 59 66.90 12.74 -0.31
C ARG D 59 67.05 13.40 -1.68
N LEU D 60 66.28 12.93 -2.66
CA LEU D 60 66.36 13.47 -4.02
C LEU D 60 66.05 14.96 -4.05
N LEU D 61 65.06 15.41 -3.26
CA LEU D 61 64.65 16.81 -3.25
C LEU D 61 65.80 17.73 -2.78
N LYS D 62 66.59 17.32 -1.78
CA LYS D 62 67.83 18.02 -1.37
C LYS D 62 68.85 18.11 -2.51
N ILE D 63 69.14 16.99 -3.20
CA ILE D 63 70.08 16.96 -4.33
C ILE D 63 69.62 17.90 -5.45
N LEU D 64 68.32 17.91 -5.78
CA LEU D 64 67.76 18.80 -6.80
C LEU D 64 67.87 20.27 -6.40
N LEU D 65 67.49 20.62 -5.17
CA LEU D 65 67.48 22.01 -4.68
C LEU D 65 68.87 22.56 -4.36
N LEU D 66 69.85 21.70 -4.10
CA LEU D 66 71.26 22.09 -3.93
C LEU D 66 71.84 22.75 -5.19
N ASN D 67 71.39 22.33 -6.39
CA ASN D 67 71.62 23.01 -7.66
C ASN D 67 70.55 22.66 -8.71
N ASP D 71 65.77 24.32 -11.31
CA ASP D 71 64.91 25.50 -11.44
C ASP D 71 63.71 25.44 -10.48
N PHE D 72 63.65 26.32 -9.49
CA PHE D 72 62.55 26.36 -8.51
C PHE D 72 61.22 26.82 -9.12
N GLN D 73 61.25 27.58 -10.21
CA GLN D 73 60.08 28.10 -10.93
C GLN D 73 59.53 27.10 -11.97
N GLN D 74 59.88 25.81 -11.89
CA GLN D 74 59.22 24.75 -12.65
C GLN D 74 57.70 24.79 -12.44
N ARG D 75 56.97 24.72 -13.54
CA ARG D 75 55.49 24.78 -13.46
C ARG D 75 54.83 23.55 -14.08
N GLY D 76 53.91 22.89 -13.37
CA GLY D 76 53.10 21.79 -13.88
C GLY D 76 52.14 22.23 -15.00
N ALA D 77 51.19 21.37 -15.37
CA ALA D 77 50.33 21.59 -16.54
C ALA D 77 49.40 22.82 -16.42
N VAL D 78 49.09 23.27 -15.20
CA VAL D 78 48.15 24.37 -14.94
C VAL D 78 48.83 25.61 -14.36
N GLY D 79 50.16 25.71 -14.48
CA GLY D 79 50.94 26.80 -13.92
C GLY D 79 51.21 26.68 -12.43
N GLU D 80 50.91 25.54 -11.81
CA GLU D 80 51.17 25.25 -10.41
C GLU D 80 52.66 24.99 -10.16
N THR D 81 53.19 25.40 -9.01
CA THR D 81 54.62 25.20 -8.67
C THR D 81 54.87 23.85 -7.99
N ALA D 82 56.12 23.49 -7.75
CA ALA D 82 56.46 22.35 -6.90
C ALA D 82 55.87 22.48 -5.48
N LEU D 83 55.71 23.70 -4.95
CA LEU D 83 55.10 23.92 -3.64
C LEU D 83 53.59 23.71 -3.64
N HIS D 84 52.89 23.97 -4.74
CA HIS D 84 51.50 23.54 -4.91
C HIS D 84 51.41 22.01 -4.92
N VAL D 85 52.31 21.34 -5.62
CA VAL D 85 52.37 19.86 -5.66
C VAL D 85 52.63 19.30 -4.26
N ALA D 86 53.58 19.86 -3.51
CA ALA D 86 53.83 19.46 -2.13
C ALA D 86 52.60 19.69 -1.23
N ALA D 87 51.91 20.82 -1.37
CA ALA D 87 50.68 21.09 -0.62
C ALA D 87 49.53 20.14 -0.98
N LEU D 88 49.38 19.77 -2.26
CA LEU D 88 48.34 18.86 -2.75
C LEU D 88 48.48 17.46 -2.14
N TYR D 89 49.70 16.93 -2.16
CA TYR D 89 50.03 15.64 -1.55
C TYR D 89 50.28 15.72 -0.04
N ASP D 90 50.05 16.88 0.57
CA ASP D 90 50.09 17.11 2.01
C ASP D 90 51.48 16.89 2.64
N ASN D 91 52.53 17.08 1.83
CA ASN D 91 53.93 16.80 2.13
C ASN D 91 54.61 18.00 2.77
N LEU D 92 54.40 18.20 4.07
CA LEU D 92 54.94 19.32 4.83
C LEU D 92 56.47 19.38 4.80
N GLU D 93 57.16 18.24 4.84
CA GLU D 93 58.63 18.21 4.79
C GLU D 93 59.14 18.67 3.43
N ALA D 94 58.61 18.14 2.32
CA ALA D 94 58.93 18.65 0.99
C ALA D 94 58.57 20.13 0.83
N ALA D 95 57.42 20.57 1.34
CA ALA D 95 56.99 21.95 1.26
C ALA D 95 57.95 22.90 2.01
N THR D 96 58.34 22.56 3.23
CA THR D 96 59.30 23.36 4.00
C THR D 96 60.69 23.33 3.37
N LEU D 97 61.16 22.19 2.85
CA LEU D 97 62.41 22.11 2.10
C LEU D 97 62.39 22.96 0.81
N LEU D 98 61.29 22.95 0.06
CA LEU D 98 61.08 23.82 -1.11
C LEU D 98 61.06 25.30 -0.72
N MET D 99 60.35 25.66 0.34
CA MET D 99 60.28 27.04 0.82
C MET D 99 61.63 27.54 1.37
N GLU D 100 62.42 26.69 2.02
CA GLU D 100 63.78 27.05 2.45
C GLU D 100 64.71 27.32 1.27
N ALA D 101 64.54 26.61 0.15
CA ALA D 101 65.31 26.85 -1.08
C ALA D 101 64.78 28.04 -1.90
N ALA D 102 63.47 28.29 -1.89
CA ALA D 102 62.81 29.32 -2.68
C ALA D 102 61.58 29.90 -1.96
N PRO D 103 61.77 30.83 -1.00
CA PRO D 103 60.67 31.39 -0.20
C PRO D 103 59.58 32.06 -1.03
N GLU D 104 59.92 32.59 -2.20
CA GLU D 104 59.00 33.25 -3.13
C GLU D 104 57.85 32.34 -3.59
N LEU D 105 58.03 31.01 -3.57
CA LEU D 105 57.00 30.07 -4.03
C LEU D 105 55.70 30.15 -3.21
N ALA D 106 55.77 30.57 -1.94
CA ALA D 106 54.58 30.74 -1.11
C ALA D 106 53.61 31.79 -1.67
N LYS D 107 54.10 32.76 -2.44
CA LYS D 107 53.34 33.86 -3.05
C LYS D 107 52.83 33.57 -4.47
N GLU D 108 53.11 32.40 -5.02
CA GLU D 108 52.78 32.06 -6.42
C GLU D 108 51.34 31.59 -6.61
N PRO D 109 50.57 32.18 -7.54
CA PRO D 109 49.33 31.59 -8.05
C PRO D 109 49.60 30.55 -9.16
N ALA D 110 48.67 29.62 -9.36
CA ALA D 110 48.53 28.83 -10.58
C ALA D 110 47.90 29.68 -11.71
N LEU D 111 48.13 29.31 -12.97
CA LEU D 111 48.09 30.26 -14.10
C LEU D 111 47.15 29.89 -15.26
N CYS D 112 46.60 28.67 -15.30
CA CYS D 112 45.79 28.18 -16.43
C CYS D 112 44.34 27.89 -16.01
N GLU D 113 43.41 28.05 -16.95
CA GLU D 113 42.00 28.39 -16.69
C GLU D 113 41.29 27.71 -15.51
N PRO D 114 41.30 26.38 -15.34
CA PRO D 114 40.58 25.77 -14.22
C PRO D 114 41.15 26.19 -12.86
N PHE D 115 42.45 26.46 -12.75
CA PHE D 115 43.14 26.70 -11.47
C PHE D 115 43.69 28.12 -11.29
N VAL D 116 43.32 29.07 -12.16
CA VAL D 116 43.84 30.46 -12.09
C VAL D 116 43.72 31.05 -10.68
N GLY D 117 44.81 31.58 -10.16
CA GLY D 117 44.85 32.27 -8.88
C GLY D 117 44.95 31.37 -7.65
N GLN D 118 44.83 30.05 -7.81
CA GLN D 118 45.02 29.11 -6.71
C GLN D 118 46.46 29.16 -6.21
N THR D 119 46.68 29.39 -4.93
CA THR D 119 47.99 29.37 -4.29
C THR D 119 48.19 28.09 -3.49
N ALA D 120 49.41 27.82 -3.05
CA ALA D 120 49.68 26.70 -2.13
C ALA D 120 48.91 26.86 -0.81
N LEU D 121 48.59 28.10 -0.39
CA LEU D 121 47.78 28.36 0.80
C LEU D 121 46.35 27.84 0.65
N HIS D 122 45.69 28.07 -0.50
CA HIS D 122 44.37 27.50 -0.79
C HIS D 122 44.35 25.97 -0.65
N ILE D 123 45.40 25.31 -1.16
CA ILE D 123 45.52 23.85 -1.12
C ILE D 123 45.78 23.35 0.31
N ALA D 124 46.70 23.97 1.04
CA ALA D 124 47.00 23.62 2.43
C ALA D 124 45.78 23.76 3.34
N VAL D 125 44.98 24.81 3.14
CA VAL D 125 43.74 25.06 3.86
C VAL D 125 42.69 23.97 3.57
N MET D 126 42.50 23.56 2.31
CA MET D 126 41.64 22.43 1.97
C MET D 126 42.10 21.12 2.60
N ASN D 127 43.41 20.85 2.60
CA ASN D 127 43.98 19.69 3.28
C ASN D 127 44.04 19.83 4.82
N GLN D 128 43.54 20.92 5.40
CA GLN D 128 43.55 21.20 6.85
C GLN D 128 44.93 21.11 7.51
N ASN D 129 46.01 21.30 6.75
CA ASN D 129 47.36 21.19 7.28
C ASN D 129 47.73 22.51 7.96
N LEU D 130 47.41 22.62 9.25
CA LEU D 130 47.64 23.82 10.06
C LEU D 130 49.12 24.22 10.10
N ASN D 131 50.02 23.24 10.21
CA ASN D 131 51.47 23.50 10.19
C ASN D 131 51.97 24.00 8.84
N LEU D 132 51.46 23.49 7.72
CA LEU D 132 51.76 24.04 6.39
C LEU D 132 51.16 25.43 6.19
N VAL D 133 49.95 25.68 6.68
CA VAL D 133 49.33 27.01 6.67
C VAL D 133 50.18 28.00 7.47
N ARG D 134 50.64 27.65 8.68
CA ARG D 134 51.60 28.46 9.44
C ARG D 134 52.90 28.70 8.66
N ALA D 135 53.48 27.65 8.06
CA ALA D 135 54.74 27.76 7.30
C ALA D 135 54.64 28.66 6.06
N LEU D 136 53.49 28.68 5.38
CA LEU D 136 53.20 29.55 4.23
C LEU D 136 52.93 31.00 4.67
N LEU D 137 52.16 31.21 5.74
CA LEU D 137 51.89 32.55 6.27
C LEU D 137 53.16 33.21 6.86
N ALA D 138 54.02 32.43 7.52
CA ALA D 138 55.34 32.86 7.96
C ALA D 138 56.26 33.35 6.83
N ARG D 139 55.94 33.00 5.57
CA ARG D 139 56.65 33.41 4.34
C ARG D 139 55.84 34.33 3.44
N GLY D 140 54.77 34.94 3.98
CA GLY D 140 54.00 35.96 3.29
C GLY D 140 53.08 35.46 2.18
N ALA D 141 52.63 34.20 2.21
CA ALA D 141 51.50 33.77 1.38
C ALA D 141 50.29 34.69 1.60
N SER D 142 49.68 35.19 0.54
CA SER D 142 48.62 36.20 0.65
C SER D 142 47.29 35.61 1.13
N VAL D 143 46.81 36.03 2.30
CA VAL D 143 45.48 35.69 2.83
C VAL D 143 44.32 36.24 1.98
N SER D 144 44.57 37.21 1.10
CA SER D 144 43.57 37.83 0.22
C SER D 144 43.63 37.34 -1.23
N ALA D 145 44.42 36.31 -1.53
CA ALA D 145 44.52 35.73 -2.87
C ALA D 145 43.19 35.10 -3.33
N ARG D 146 42.85 35.29 -4.62
CA ARG D 146 41.55 34.81 -5.13
C ARG D 146 41.66 33.71 -6.17
N ALA D 147 41.23 32.50 -5.84
CA ALA D 147 41.16 31.36 -6.71
C ALA D 147 40.11 31.59 -7.81
N THR D 148 40.41 32.49 -8.74
CA THR D 148 39.53 32.95 -9.84
C THR D 148 39.12 31.85 -10.84
N GLY D 149 39.88 30.76 -10.94
CA GLY D 149 39.72 29.73 -11.98
C GLY D 149 38.39 28.98 -12.00
N ALA D 150 38.10 28.33 -13.13
CA ALA D 150 36.82 27.66 -13.37
C ALA D 150 36.51 26.49 -12.40
N ALA D 151 37.51 25.89 -11.75
CA ALA D 151 37.32 24.83 -10.77
C ALA D 151 36.72 25.31 -9.43
N PHE D 152 36.68 26.62 -9.19
CA PHE D 152 36.22 27.21 -7.93
C PHE D 152 34.87 27.93 -8.05
N ARG D 153 34.33 27.99 -9.25
CA ARG D 153 33.06 28.71 -9.47
C ARG D 153 31.88 27.84 -9.07
N ARG D 154 30.79 28.44 -8.60
CA ARG D 154 29.58 27.67 -8.27
C ARG D 154 29.05 27.16 -9.60
N SER D 155 28.99 25.85 -9.76
CA SER D 155 28.56 25.22 -11.01
C SER D 155 28.24 23.74 -10.80
N PRO D 156 27.38 23.13 -11.64
CA PRO D 156 27.17 21.68 -11.62
C PRO D 156 28.43 20.89 -12.03
N HIS D 157 29.37 21.52 -12.73
CA HIS D 157 30.69 20.97 -13.06
C HIS D 157 31.57 20.69 -11.83
N ASN D 158 31.40 21.44 -10.75
CA ASN D 158 32.25 21.38 -9.56
C ASN D 158 31.50 20.74 -8.39
N LEU D 159 32.11 19.75 -7.74
CA LEU D 159 31.49 19.02 -6.62
C LEU D 159 31.41 19.84 -5.32
N ILE D 160 32.18 20.91 -5.19
CA ILE D 160 32.19 21.83 -4.05
C ILE D 160 32.19 23.28 -4.54
N TYR D 161 31.75 24.17 -3.67
CA TYR D 161 31.88 25.61 -3.85
C TYR D 161 32.24 26.27 -2.52
N TYR D 162 33.49 26.69 -2.38
CA TYR D 162 34.05 27.35 -1.20
C TYR D 162 34.36 28.83 -1.47
N GLY D 163 33.82 29.43 -2.52
CA GLY D 163 34.20 30.76 -2.98
C GLY D 163 35.62 30.80 -3.53
N GLU D 164 36.36 31.89 -3.27
CA GLU D 164 37.67 32.14 -3.88
C GLU D 164 38.81 32.42 -2.90
N HIS D 165 38.53 32.64 -1.61
CA HIS D 165 39.50 33.13 -0.63
C HIS D 165 39.89 32.04 0.37
N PRO D 166 41.14 32.03 0.89
CA PRO D 166 41.56 31.07 1.90
C PRO D 166 40.66 31.03 3.14
N LEU D 167 40.11 32.16 3.58
CA LEU D 167 39.20 32.22 4.72
C LEU D 167 37.87 31.49 4.44
N SER D 168 37.31 31.65 3.25
CA SER D 168 36.12 30.90 2.83
C SER D 168 36.39 29.42 2.74
N PHE D 169 37.56 29.02 2.23
CA PHE D 169 37.97 27.62 2.17
C PHE D 169 38.05 27.06 3.60
N ALA D 170 38.74 27.75 4.51
CA ALA D 170 38.90 27.32 5.90
C ALA D 170 37.55 27.18 6.62
N ALA D 171 36.63 28.12 6.39
CA ALA D 171 35.29 28.07 6.96
C ALA D 171 34.46 26.90 6.42
N CYS D 172 34.45 26.65 5.11
CA CYS D 172 33.67 25.55 4.52
C CYS D 172 34.22 24.17 4.88
N VAL D 173 35.54 24.07 4.92
CA VAL D 173 36.30 22.91 5.41
C VAL D 173 36.06 22.67 6.91
N GLY D 174 35.59 23.67 7.66
CA GLY D 174 35.17 23.56 9.05
C GLY D 174 36.31 23.71 10.06
N SER D 175 37.44 24.31 9.66
CA SER D 175 38.60 24.46 10.53
C SER D 175 38.55 25.80 11.25
N GLU D 176 38.03 25.79 12.48
CA GLU D 176 38.01 26.95 13.37
C GLU D 176 39.42 27.51 13.58
N GLU D 177 40.41 26.65 13.79
CA GLU D 177 41.76 27.08 14.10
C GLU D 177 42.47 27.72 12.90
N ILE D 178 42.29 27.19 11.69
CA ILE D 178 42.78 27.83 10.46
C ILE D 178 42.01 29.13 10.20
N VAL D 179 40.70 29.21 10.46
CA VAL D 179 39.94 30.46 10.34
C VAL D 179 40.50 31.52 11.30
N ARG D 180 40.69 31.21 12.57
CA ARG D 180 41.29 32.20 13.49
C ARG D 180 42.67 32.61 12.98
N LEU D 181 43.53 31.65 12.66
CA LEU D 181 44.88 31.93 12.16
C LEU D 181 44.89 32.87 10.95
N LEU D 182 43.97 32.67 9.99
CA LEU D 182 43.83 33.54 8.82
C LEU D 182 43.31 34.93 9.19
N ILE D 183 42.35 35.03 10.12
CA ILE D 183 41.88 36.32 10.65
C ILE D 183 43.02 37.05 11.38
N GLU D 184 43.82 36.35 12.18
CA GLU D 184 45.01 36.91 12.85
C GLU D 184 46.09 37.41 11.87
N HIS D 185 46.19 36.81 10.67
CA HIS D 185 47.02 37.32 9.58
C HIS D 185 46.29 38.33 8.66
N GLY D 186 45.09 38.76 9.02
CA GLY D 186 44.38 39.86 8.37
C GLY D 186 43.55 39.49 7.15
N ALA D 187 43.08 38.24 7.04
CA ALA D 187 42.11 37.86 6.02
C ALA D 187 40.84 38.71 6.12
N ASP D 188 40.47 39.40 5.04
CA ASP D 188 39.28 40.26 5.04
C ASP D 188 37.99 39.44 5.08
N ILE D 189 37.31 39.45 6.22
CA ILE D 189 36.07 38.70 6.42
C ILE D 189 34.90 39.20 5.55
N ARG D 190 34.98 40.45 5.07
CA ARG D 190 33.99 41.04 4.15
C ARG D 190 34.25 40.69 2.68
N ALA D 191 35.33 39.98 2.36
CA ALA D 191 35.71 39.72 0.97
C ALA D 191 34.62 38.97 0.19
N GLN D 192 34.39 39.39 -1.04
CA GLN D 192 33.37 38.82 -1.93
C GLN D 192 34.00 38.18 -3.15
N ASP D 193 33.46 37.05 -3.60
CA ASP D 193 33.92 36.36 -4.80
C ASP D 193 33.22 36.85 -6.10
N SER D 194 33.40 36.15 -7.22
CA SER D 194 32.80 36.52 -8.51
C SER D 194 31.27 36.44 -8.57
N LEU D 195 30.59 35.80 -7.60
CA LEU D 195 29.14 35.83 -7.44
C LEU D 195 28.70 36.91 -6.44
N GLY D 196 29.64 37.65 -5.85
CA GLY D 196 29.40 38.62 -4.79
C GLY D 196 29.20 37.96 -3.44
N ASN D 197 29.41 36.66 -3.31
CA ASN D 197 29.17 35.95 -2.07
C ASN D 197 30.30 36.22 -1.08
N THR D 198 29.92 36.61 0.14
CA THR D 198 30.80 36.64 1.31
C THR D 198 30.89 35.24 1.93
N VAL D 199 31.85 35.02 2.84
CA VAL D 199 31.96 33.75 3.56
C VAL D 199 30.65 33.33 4.26
N LEU D 200 29.81 34.26 4.70
CA LEU D 200 28.51 33.95 5.28
C LEU D 200 27.55 33.34 4.23
N HIS D 201 27.44 33.94 3.04
CA HIS D 201 26.67 33.36 1.93
C HIS D 201 27.17 31.97 1.56
N ILE D 202 28.50 31.80 1.50
CA ILE D 202 29.13 30.55 1.13
C ILE D 202 28.84 29.47 2.19
N LEU D 203 28.83 29.79 3.48
CA LEU D 203 28.45 28.85 4.54
C LEU D 203 26.99 28.40 4.48
N ILE D 204 26.07 29.23 4.04
CA ILE D 204 24.66 28.84 3.82
C ILE D 204 24.53 27.79 2.72
N LEU D 205 25.46 27.77 1.77
CA LEU D 205 25.45 26.85 0.62
C LEU D 205 26.07 25.47 0.91
N GLN D 206 26.69 25.26 2.08
CA GLN D 206 27.37 24.00 2.40
C GLN D 206 26.41 22.89 2.91
N PRO D 207 26.72 21.60 2.69
CA PRO D 207 25.92 20.49 3.21
C PRO D 207 26.01 20.25 4.73
N ASN D 208 27.13 20.60 5.36
CA ASN D 208 27.42 20.33 6.79
C ASN D 208 26.76 21.32 7.76
N LYS D 209 25.44 21.53 7.63
CA LYS D 209 24.69 22.68 8.17
C LYS D 209 24.93 23.00 9.65
N THR D 210 25.08 22.01 10.53
CA THR D 210 25.35 22.23 11.96
C THR D 210 26.76 22.74 12.23
N PHE D 211 27.80 22.17 11.59
CA PHE D 211 29.15 22.73 11.64
C PHE D 211 29.20 24.11 10.97
N ALA D 212 28.41 24.33 9.91
CA ALA D 212 28.32 25.64 9.27
C ALA D 212 27.73 26.70 10.21
N CYS D 213 26.74 26.36 11.04
CA CYS D 213 26.20 27.27 12.07
C CYS D 213 27.25 27.63 13.14
N GLN D 214 28.05 26.66 13.59
CA GLN D 214 29.17 26.90 14.51
C GLN D 214 30.20 27.86 13.90
N MET D 215 30.56 27.64 12.63
CA MET D 215 31.43 28.56 11.88
C MET D 215 30.81 29.96 11.70
N TYR D 216 29.50 30.04 11.46
CA TYR D 216 28.79 31.30 11.25
C TYR D 216 28.87 32.20 12.50
N ASN D 217 28.71 31.64 13.71
CA ASN D 217 28.94 32.38 14.96
C ASN D 217 30.38 32.87 15.12
N LEU D 218 31.37 32.04 14.79
CA LEU D 218 32.77 32.43 14.85
C LEU D 218 33.05 33.62 13.94
N LEU D 219 32.56 33.58 12.70
CA LEU D 219 32.76 34.66 11.74
C LEU D 219 31.99 35.93 12.11
N LEU D 220 30.75 35.83 12.61
CA LEU D 220 30.03 36.98 13.15
C LEU D 220 30.76 37.61 14.34
N SER D 221 31.49 36.85 15.14
CA SER D 221 32.27 37.37 16.26
C SER D 221 33.39 38.34 15.84
N TYR D 222 33.80 38.33 14.58
CA TYR D 222 34.93 39.18 14.14
C TYR D 222 34.41 40.39 13.38
N ASP D 223 33.09 40.60 13.43
CA ASP D 223 32.51 41.74 12.70
C ASP D 223 32.25 42.85 13.72
N GLU D 224 32.79 42.71 14.91
CA GLU D 224 32.60 43.72 15.99
C GLU D 224 31.12 43.76 16.37
N GLN D 230 25.60 48.07 7.57
CA GLN D 230 27.02 48.00 7.86
C GLN D 230 27.48 46.57 8.17
N SER D 231 26.66 45.75 8.83
CA SER D 231 27.01 44.37 9.18
C SER D 231 27.24 43.48 7.96
N LEU D 232 28.10 42.49 8.11
CA LEU D 232 28.33 41.45 7.12
C LEU D 232 27.05 40.63 6.81
N GLU D 233 26.10 40.53 7.75
CA GLU D 233 24.78 39.93 7.51
C GLU D 233 23.91 40.72 6.52
N LEU D 234 24.23 41.99 6.25
CA LEU D 234 23.45 42.87 5.37
C LEU D 234 24.06 43.03 3.98
N VAL D 235 25.27 42.53 3.75
CA VAL D 235 25.97 42.60 2.45
C VAL D 235 25.23 41.72 1.43
N PRO D 236 24.73 42.26 0.31
CA PRO D 236 24.10 41.46 -0.73
C PRO D 236 25.12 40.83 -1.69
N ASN D 237 24.84 39.64 -2.22
CA ASN D 237 25.57 39.09 -3.36
C ASN D 237 25.08 39.71 -4.69
N HIS D 238 25.57 39.27 -5.85
CA HIS D 238 25.17 39.86 -7.14
C HIS D 238 23.74 39.54 -7.56
N GLN D 239 23.10 38.54 -6.96
CA GLN D 239 21.66 38.29 -7.09
C GLN D 239 20.81 39.30 -6.28
N GLY D 240 21.44 40.12 -5.44
CA GLY D 240 20.79 41.04 -4.52
C GLY D 240 20.41 40.42 -3.17
N LEU D 241 20.89 39.21 -2.86
CA LEU D 241 20.48 38.45 -1.67
C LEU D 241 21.47 38.68 -0.53
N THR D 242 20.98 39.03 0.64
CA THR D 242 21.71 38.90 1.90
C THR D 242 21.84 37.42 2.29
N PRO D 243 22.74 37.05 3.21
CA PRO D 243 22.80 35.69 3.76
C PRO D 243 21.45 35.18 4.25
N PHE D 244 20.67 36.02 4.94
CA PHE D 244 19.33 35.67 5.38
C PHE D 244 18.37 35.32 4.24
N LYS D 245 18.33 36.11 3.16
CA LYS D 245 17.51 35.80 1.98
C LYS D 245 17.99 34.56 1.26
N LEU D 246 19.31 34.35 1.16
CA LEU D 246 19.89 33.16 0.58
C LEU D 246 19.53 31.89 1.37
N ALA D 247 19.49 31.94 2.71
CA ALA D 247 19.04 30.80 3.52
C ALA D 247 17.58 30.41 3.24
N GLY D 248 16.72 31.39 2.94
CA GLY D 248 15.35 31.16 2.50
C GLY D 248 15.27 30.56 1.10
N VAL D 249 15.97 31.15 0.12
CA VAL D 249 15.99 30.68 -1.27
C VAL D 249 16.53 29.25 -1.39
N GLU D 250 17.60 28.93 -0.68
CA GLU D 250 18.25 27.63 -0.69
C GLU D 250 17.56 26.59 0.19
N GLY D 251 16.54 26.97 0.96
CA GLY D 251 15.84 26.07 1.86
C GLY D 251 16.67 25.55 3.02
N ASN D 252 17.70 26.30 3.45
CA ASN D 252 18.55 25.89 4.56
C ASN D 252 17.83 26.17 5.89
N THR D 253 16.93 25.26 6.30
CA THR D 253 16.11 25.43 7.50
C THR D 253 16.93 25.44 8.79
N VAL D 254 18.05 24.71 8.82
CA VAL D 254 18.98 24.67 9.95
C VAL D 254 19.70 26.01 10.14
N MET D 255 20.16 26.63 9.07
CA MET D 255 20.73 27.98 9.14
C MET D 255 19.68 29.05 9.37
N PHE D 256 18.47 28.90 8.82
CA PHE D 256 17.36 29.83 9.04
C PHE D 256 16.95 29.88 10.51
N GLN D 257 16.74 28.72 11.16
CA GLN D 257 16.38 28.69 12.58
C GLN D 257 17.54 29.14 13.47
N HIS D 258 18.80 28.96 13.06
CA HIS D 258 19.96 29.56 13.70
C HIS D 258 19.99 31.10 13.57
N LEU D 259 19.77 31.65 12.38
CA LEU D 259 19.68 33.09 12.14
C LEU D 259 18.52 33.75 12.91
N MET D 260 17.44 33.02 13.16
CA MET D 260 16.34 33.46 14.02
C MET D 260 16.72 33.61 15.50
N GLN D 261 17.75 32.95 16.03
CA GLN D 261 18.13 33.08 17.44
C GLN D 261 18.63 34.49 17.80
N LYS D 262 19.18 35.24 16.84
CA LYS D 262 19.55 36.66 17.00
C LYS D 262 18.44 37.64 16.60
N ARG D 263 17.25 37.12 16.26
CA ARG D 263 16.10 37.97 15.83
C ARG D 263 14.85 37.69 16.69
N LYS D 264 14.97 36.91 17.75
CA LYS D 264 13.91 36.64 18.75
C LYS D 264 14.30 37.16 20.13
N HIS D 265 13.29 37.59 20.89
CA HIS D 265 13.40 38.02 22.28
C HIS D 265 12.38 37.24 23.12
N VAL D 266 12.82 36.54 24.17
CA VAL D 266 11.89 35.89 25.10
C VAL D 266 11.34 36.95 26.06
N GLN D 267 10.04 37.24 25.96
CA GLN D 267 9.39 38.22 26.83
C GLN D 267 9.25 37.71 28.25
N TRP D 268 8.76 36.48 28.41
CA TRP D 268 8.58 35.80 29.68
C TRP D 268 8.44 34.29 29.47
N THR D 269 8.70 33.54 30.53
CA THR D 269 8.37 32.13 30.69
C THR D 269 7.64 31.97 32.02
N CYS D 270 6.55 31.22 32.04
CA CYS D 270 5.74 30.97 33.23
C CYS D 270 5.26 29.53 33.21
N GLY D 271 5.83 28.68 34.06
CA GLY D 271 5.58 27.24 34.04
C GLY D 271 5.87 26.62 32.65
N PRO D 272 4.90 25.97 32.00
CA PRO D 272 5.09 25.37 30.69
C PRO D 272 5.00 26.35 29.52
N LEU D 273 4.67 27.63 29.76
CA LEU D 273 4.41 28.62 28.72
C LEU D 273 5.57 29.60 28.55
N THR D 274 5.89 29.94 27.31
CA THR D 274 6.79 31.03 26.98
C THR D 274 6.12 31.96 25.98
N SER D 275 6.31 33.27 26.12
CA SER D 275 5.99 34.25 25.09
C SER D 275 7.27 34.79 24.50
N THR D 276 7.40 34.72 23.18
CA THR D 276 8.56 35.20 22.43
C THR D 276 8.11 36.22 21.40
N LEU D 277 8.97 37.19 21.12
CA LEU D 277 8.74 38.24 20.14
C LEU D 277 9.79 38.09 19.04
N TYR D 278 9.36 37.91 17.80
CA TYR D 278 10.22 37.73 16.64
C TYR D 278 10.23 38.97 15.77
N ASP D 279 11.41 39.44 15.39
CA ASP D 279 11.59 40.58 14.50
C ASP D 279 11.24 40.20 13.06
N LEU D 280 10.20 40.84 12.51
CA LEU D 280 9.72 40.56 11.17
C LEU D 280 10.50 41.24 10.04
N THR D 281 11.48 42.11 10.35
CA THR D 281 12.08 43.01 9.36
C THR D 281 12.59 42.30 8.11
N GLU D 282 13.38 41.24 8.27
CA GLU D 282 13.96 40.48 7.15
C GLU D 282 13.03 39.41 6.56
N ILE D 283 11.91 39.08 7.19
CA ILE D 283 10.91 38.14 6.67
C ILE D 283 9.82 38.89 5.87
N ASP D 284 9.16 39.86 6.50
CA ASP D 284 8.03 40.56 5.92
C ASP D 284 8.45 41.55 4.81
N SER D 285 9.70 42.04 4.86
CA SER D 285 10.39 42.74 3.75
C SER D 285 9.66 43.98 3.21
N TRP D 286 9.19 44.84 4.09
CA TRP D 286 8.32 45.97 3.74
C TRP D 286 8.94 46.94 2.71
N GLY D 287 8.13 47.34 1.72
CA GLY D 287 8.49 48.33 0.70
C GLY D 287 9.47 47.82 -0.37
N GLU D 288 9.97 46.60 -0.27
CA GLU D 288 10.91 46.02 -1.24
C GLU D 288 10.20 45.42 -2.46
N GLU D 289 10.82 45.51 -3.64
CA GLU D 289 10.24 45.04 -4.90
C GLU D 289 10.21 43.51 -5.03
N LEU D 290 11.04 42.81 -4.24
CA LEU D 290 11.18 41.35 -4.20
C LEU D 290 11.46 40.89 -2.77
N SER D 291 10.42 40.48 -2.07
CA SER D 291 10.44 40.12 -0.65
C SER D 291 11.11 38.77 -0.37
N PHE D 292 11.50 38.53 0.88
CA PHE D 292 11.91 37.20 1.35
C PHE D 292 10.86 36.13 1.07
N LEU D 293 9.59 36.36 1.39
CA LEU D 293 8.53 35.36 1.16
C LEU D 293 8.35 35.08 -0.34
N GLU D 294 8.44 36.07 -1.22
CA GLU D 294 8.41 35.86 -2.65
C GLU D 294 9.61 35.07 -3.17
N LEU D 295 10.82 35.36 -2.67
CA LEU D 295 12.03 34.61 -2.98
C LEU D 295 11.93 33.15 -2.53
N VAL D 296 11.28 32.86 -1.41
CA VAL D 296 11.05 31.49 -0.96
C VAL D 296 10.01 30.77 -1.83
N VAL D 297 8.81 31.32 -2.05
CA VAL D 297 7.76 30.63 -2.83
C VAL D 297 8.11 30.50 -4.31
N SER D 298 8.93 31.39 -4.87
CA SER D 298 9.35 31.33 -6.27
C SER D 298 10.67 30.59 -6.50
N SER D 299 11.36 30.14 -5.44
CA SER D 299 12.61 29.38 -5.56
C SER D 299 12.41 28.03 -6.26
N LYS D 300 13.35 27.64 -7.13
CA LYS D 300 13.39 26.33 -7.79
C LYS D 300 13.85 25.19 -6.87
N LYS D 301 14.49 25.49 -5.74
CA LYS D 301 14.94 24.50 -4.75
C LYS D 301 13.73 23.87 -4.06
N ARG D 302 13.59 22.56 -4.05
CA ARG D 302 12.40 21.90 -3.43
C ARG D 302 12.44 22.09 -1.91
N GLU D 303 13.62 22.28 -1.35
CA GLU D 303 13.81 22.52 0.08
C GLU D 303 13.32 23.90 0.52
N ALA D 304 13.20 24.89 -0.38
CA ALA D 304 12.79 26.24 -0.02
C ALA D 304 11.41 26.27 0.65
N ARG D 305 10.47 25.44 0.20
CA ARG D 305 9.14 25.35 0.80
C ARG D 305 9.14 24.91 2.27
N GLN D 306 10.20 24.26 2.75
CA GLN D 306 10.34 23.91 4.16
C GLN D 306 10.57 25.13 5.06
N ILE D 307 11.13 26.23 4.54
CA ILE D 307 11.29 27.49 5.28
C ILE D 307 9.93 28.05 5.71
N LEU D 308 8.89 27.83 4.90
CA LEU D 308 7.53 28.28 5.16
C LEU D 308 6.87 27.57 6.34
N GLU D 309 7.41 26.43 6.78
CA GLU D 309 6.95 25.68 7.94
C GLU D 309 7.69 26.06 9.23
N GLN D 310 8.65 26.98 9.13
CA GLN D 310 9.35 27.48 10.35
C GLN D 310 8.33 28.28 11.17
N THR D 311 8.50 28.32 12.50
CA THR D 311 7.49 29.00 13.36
C THR D 311 7.26 30.44 12.90
N PRO D 312 8.29 31.29 12.69
CA PRO D 312 8.05 32.69 12.34
C PRO D 312 7.33 32.83 11.00
N VAL D 313 7.88 32.23 9.94
CA VAL D 313 7.29 32.37 8.58
C VAL D 313 5.89 31.75 8.58
N LYS D 314 5.76 30.53 9.11
CA LYS D 314 4.45 29.83 9.09
C LYS D 314 3.40 30.66 9.83
N GLU D 315 3.66 31.13 11.04
CA GLU D 315 2.65 31.90 11.84
C GLU D 315 2.36 33.26 11.21
N LEU D 316 3.31 33.89 10.53
CA LEU D 316 3.02 35.17 9.82
C LEU D 316 2.11 34.88 8.61
N VAL D 317 2.47 33.87 7.81
CA VAL D 317 1.71 33.58 6.59
C VAL D 317 0.36 32.95 6.91
N SER D 318 0.24 32.19 8.00
CA SER D 318 -1.03 31.69 8.50
C SER D 318 -1.95 32.83 8.96
N PHE D 319 -1.45 33.82 9.68
CA PHE D 319 -2.21 35.02 10.04
C PHE D 319 -2.69 35.79 8.80
N LYS D 320 -1.78 36.04 7.85
CA LYS D 320 -2.09 36.73 6.59
C LYS D 320 -3.17 36.02 5.80
N TRP D 321 -3.09 34.69 5.69
CA TRP D 321 -4.11 33.90 5.02
C TRP D 321 -5.46 33.91 5.76
N LYS D 322 -5.48 33.67 7.08
CA LYS D 322 -6.71 33.74 7.89
C LYS D 322 -7.43 35.07 7.76
N LYS D 323 -6.74 36.20 7.95
CA LYS D 323 -7.39 37.51 8.07
C LYS D 323 -7.69 38.18 6.74
N TYR D 324 -6.84 38.01 5.72
CA TYR D 324 -6.96 38.73 4.45
C TYR D 324 -6.97 37.82 3.23
N GLY D 325 -6.04 36.86 3.16
CA GLY D 325 -5.88 36.00 2.00
C GLY D 325 -7.11 35.18 1.66
N ARG D 326 -7.66 34.42 2.60
CA ARG D 326 -8.81 33.54 2.27
C ARG D 326 -10.01 34.43 1.94
N PRO D 327 -10.43 35.43 2.74
CA PRO D 327 -11.57 36.27 2.41
C PRO D 327 -11.49 36.88 1.00
N TYR D 328 -10.35 37.47 0.65
CA TYR D 328 -10.17 38.08 -0.67
C TYR D 328 -10.08 37.06 -1.79
N PHE D 329 -9.46 35.91 -1.57
CA PHE D 329 -9.41 34.85 -2.56
C PHE D 329 -10.80 34.23 -2.84
N CYS D 330 -11.66 34.11 -1.82
CA CYS D 330 -13.06 33.72 -2.00
C CYS D 330 -13.87 34.76 -2.79
N VAL D 331 -13.63 36.04 -2.59
CA VAL D 331 -14.25 37.10 -3.41
C VAL D 331 -13.77 37.03 -4.85
N LEU D 332 -12.48 36.87 -5.11
CA LEU D 332 -11.95 36.73 -6.46
C LEU D 332 -12.42 35.44 -7.16
N ALA D 333 -12.56 34.33 -6.43
CA ALA D 333 -13.16 33.11 -6.94
C ALA D 333 -14.61 33.33 -7.37
N SER D 334 -15.40 34.02 -6.53
CA SER D 334 -16.80 34.35 -6.81
C SER D 334 -16.93 35.26 -8.03
N LEU D 335 -16.16 36.35 -8.11
CA LEU D 335 -16.16 37.26 -9.25
C LEU D 335 -15.72 36.57 -10.54
N TYR D 336 -14.70 35.72 -10.51
CA TYR D 336 -14.27 34.98 -11.68
C TYR D 336 -15.32 33.96 -12.15
N ILE D 337 -16.00 33.27 -11.25
CA ILE D 337 -17.11 32.37 -11.59
C ILE D 337 -18.29 33.14 -12.19
N LEU D 338 -18.68 34.28 -11.64
CA LEU D 338 -19.72 35.13 -12.23
C LEU D 338 -19.33 35.63 -13.63
N TYR D 339 -18.07 36.01 -13.82
CA TYR D 339 -17.53 36.36 -15.13
C TYR D 339 -17.60 35.20 -16.14
N MET D 340 -17.28 33.98 -15.72
CA MET D 340 -17.43 32.79 -16.56
C MET D 340 -18.88 32.43 -16.87
N ILE D 341 -19.81 32.61 -15.94
CA ILE D 341 -21.25 32.46 -16.20
C ILE D 341 -21.74 33.50 -17.20
N CYS D 342 -21.27 34.75 -17.11
CA CYS D 342 -21.53 35.80 -18.09
C CYS D 342 -21.01 35.41 -19.48
N PHE D 343 -19.75 35.03 -19.61
CA PHE D 343 -19.18 34.59 -20.88
C PHE D 343 -19.91 33.36 -21.46
N THR D 344 -20.25 32.38 -20.62
CA THR D 344 -21.01 31.21 -21.03
C THR D 344 -22.36 31.62 -21.58
N THR D 345 -23.08 32.51 -20.90
CA THR D 345 -24.36 33.04 -21.37
C THR D 345 -24.24 33.75 -22.71
N CYS D 346 -23.17 34.50 -22.96
CA CYS D 346 -22.91 35.12 -24.27
C CYS D 346 -22.69 34.10 -25.39
N CYS D 347 -22.14 32.93 -25.06
CA CYS D 347 -22.03 31.81 -25.98
C CYS D 347 -23.37 31.08 -26.19
N ILE D 348 -24.20 30.92 -25.16
CA ILE D 348 -25.54 30.32 -25.31
C ILE D 348 -26.41 31.20 -26.21
N TYR D 349 -26.36 32.52 -26.05
CA TYR D 349 -27.13 33.48 -26.85
C TYR D 349 -26.40 34.04 -28.08
N ARG D 350 -25.31 33.40 -28.50
CA ARG D 350 -24.51 33.71 -29.69
C ARG D 350 -25.40 33.91 -30.95
N PRO D 351 -25.16 34.95 -31.76
CA PRO D 351 -26.10 35.37 -32.80
C PRO D 351 -26.11 34.46 -34.05
N LEU D 352 -27.16 33.64 -34.21
CA LEU D 352 -27.33 32.70 -35.31
C LEU D 352 -28.65 32.93 -36.07
N LYS D 353 -28.66 32.66 -37.37
CA LYS D 353 -29.82 32.74 -38.27
C LYS D 353 -29.96 31.49 -39.14
N LEU D 354 -31.13 31.28 -39.74
CA LEU D 354 -31.33 30.22 -40.74
C LEU D 354 -30.34 30.36 -41.89
N ARG D 355 -29.71 29.24 -42.27
CA ARG D 355 -28.76 29.15 -43.38
C ARG D 355 -29.43 29.60 -44.69
N ASP D 356 -28.76 30.47 -45.45
CA ASP D 356 -29.22 30.96 -46.75
C ASP D 356 -28.97 29.94 -47.89
N ASP D 357 -27.84 29.25 -47.83
CA ASP D 357 -27.48 28.08 -48.63
C ASP D 357 -28.42 26.87 -48.39
N ASN D 358 -28.38 25.86 -49.26
CA ASN D 358 -29.22 24.65 -49.20
C ASN D 358 -28.43 23.40 -48.77
N ARG D 359 -29.11 22.53 -48.02
CA ARG D 359 -28.49 21.24 -47.64
C ARG D 359 -28.75 20.29 -48.81
N THR D 360 -28.00 20.45 -49.90
CA THR D 360 -28.06 19.62 -51.11
C THR D 360 -27.39 18.25 -50.94
N ASP D 361 -26.34 18.16 -50.12
CA ASP D 361 -25.71 16.90 -49.71
C ASP D 361 -26.58 16.22 -48.63
N PRO D 362 -27.03 14.96 -48.79
CA PRO D 362 -27.82 14.27 -47.77
C PRO D 362 -27.09 14.06 -46.43
N ARG D 363 -25.75 14.12 -46.40
CA ARG D 363 -24.94 13.99 -45.17
C ARG D 363 -24.75 15.32 -44.43
N ASP D 364 -25.17 16.45 -45.00
CA ASP D 364 -25.06 17.77 -44.40
C ASP D 364 -26.23 18.07 -43.44
N ILE D 365 -25.92 18.35 -42.18
CA ILE D 365 -26.88 18.65 -41.11
C ILE D 365 -26.87 20.10 -40.63
N THR D 366 -26.09 21.00 -41.25
CA THR D 366 -26.04 22.40 -40.81
C THR D 366 -27.29 23.16 -41.26
N ILE D 367 -28.06 23.67 -40.31
CA ILE D 367 -29.32 24.40 -40.54
C ILE D 367 -29.26 25.88 -40.16
N LEU D 368 -28.40 26.26 -39.22
CA LEU D 368 -28.14 27.67 -38.87
C LEU D 368 -26.74 28.09 -39.28
N GLN D 369 -26.50 29.39 -39.20
CA GLN D 369 -25.32 30.09 -39.69
C GLN D 369 -25.07 31.33 -38.80
N GLN D 370 -23.86 31.85 -38.73
CA GLN D 370 -23.59 33.12 -38.05
C GLN D 370 -24.38 34.27 -38.69
N LYS D 371 -24.99 35.13 -37.87
CA LYS D 371 -25.41 36.46 -38.31
C LYS D 371 -24.19 37.31 -38.64
N LEU D 372 -24.29 38.18 -39.65
CA LEU D 372 -23.30 39.23 -39.87
C LEU D 372 -23.44 40.32 -38.79
N LEU D 373 -22.38 41.05 -38.48
CA LEU D 373 -22.35 42.11 -37.47
C LEU D 373 -23.49 43.12 -37.61
N GLN D 374 -23.77 43.56 -38.83
CA GLN D 374 -24.83 44.51 -39.18
C GLN D 374 -26.26 43.99 -38.96
N GLU D 375 -26.46 42.70 -38.68
CA GLU D 375 -27.75 42.08 -38.32
C GLU D 375 -27.72 41.39 -36.95
N ALA D 376 -26.56 41.30 -36.28
CA ALA D 376 -26.38 40.67 -34.98
C ALA D 376 -26.83 41.53 -33.78
N TYR D 377 -27.07 42.84 -33.97
CA TYR D 377 -27.43 43.77 -32.89
C TYR D 377 -28.66 44.60 -33.27
N VAL D 378 -29.84 44.04 -33.01
CA VAL D 378 -31.14 44.61 -33.46
C VAL D 378 -32.16 44.61 -32.33
N THR D 379 -32.34 43.49 -31.64
CA THR D 379 -33.32 43.32 -30.56
C THR D 379 -32.80 43.81 -29.21
N HIS D 380 -33.69 44.00 -28.24
CA HIS D 380 -33.30 44.30 -26.86
C HIS D 380 -32.44 43.17 -26.26
N GLN D 381 -32.73 41.91 -26.59
CA GLN D 381 -31.94 40.75 -26.21
C GLN D 381 -30.52 40.79 -26.79
N ASP D 382 -30.32 41.30 -28.01
CA ASP D 382 -28.98 41.52 -28.54
C ASP D 382 -28.23 42.62 -27.80
N ASN D 383 -28.90 43.69 -27.36
CA ASN D 383 -28.28 44.74 -26.57
C ASN D 383 -27.93 44.26 -25.15
N ILE D 384 -28.79 43.44 -24.52
CA ILE D 384 -28.46 42.75 -23.25
C ILE D 384 -27.24 41.86 -23.43
N ARG D 385 -27.13 41.18 -24.58
CA ARG D 385 -25.94 40.33 -24.84
C ARG D 385 -24.71 41.19 -25.12
N LEU D 386 -24.86 42.31 -25.81
CA LEU D 386 -23.72 43.23 -26.02
C LEU D 386 -23.10 43.68 -24.70
N VAL D 387 -23.90 43.94 -23.66
CA VAL D 387 -23.38 44.24 -22.32
C VAL D 387 -22.57 43.07 -21.76
N GLY D 388 -23.07 41.83 -21.87
CA GLY D 388 -22.33 40.63 -21.48
C GLY D 388 -21.07 40.36 -22.30
N GLU D 389 -21.09 40.67 -23.60
CA GLU D 389 -19.93 40.56 -24.48
C GLU D 389 -18.87 41.63 -24.18
N LEU D 390 -19.28 42.87 -23.87
CA LEU D 390 -18.36 43.92 -23.42
C LEU D 390 -17.77 43.63 -22.05
N VAL D 391 -18.52 43.05 -21.11
CA VAL D 391 -17.99 42.51 -19.86
C VAL D 391 -16.99 41.40 -20.13
N THR D 392 -17.30 40.48 -21.04
CA THR D 392 -16.41 39.38 -21.43
C THR D 392 -15.07 39.88 -21.97
N VAL D 393 -15.08 40.83 -22.91
CA VAL D 393 -13.89 41.47 -23.47
C VAL D 393 -13.14 42.28 -22.43
N THR D 394 -13.83 43.01 -21.55
CA THR D 394 -13.18 43.78 -20.48
C THR D 394 -12.42 42.89 -19.52
N GLY D 395 -13.01 41.78 -19.06
CA GLY D 395 -12.32 40.81 -18.23
C GLY D 395 -11.16 40.11 -18.95
N ALA D 396 -11.25 39.90 -20.27
CA ALA D 396 -10.12 39.37 -21.04
C ALA D 396 -8.94 40.36 -21.11
N VAL D 397 -9.22 41.65 -21.29
CA VAL D 397 -8.20 42.70 -21.19
C VAL D 397 -7.62 42.78 -19.79
N ILE D 398 -8.44 42.77 -18.73
CA ILE D 398 -7.98 42.77 -17.33
C ILE D 398 -7.09 41.56 -17.02
N ILE D 399 -7.44 40.36 -17.48
CA ILE D 399 -6.58 39.17 -17.32
C ILE D 399 -5.20 39.45 -17.89
N LEU D 400 -5.08 39.99 -19.11
CA LEU D 400 -3.76 40.28 -19.68
C LEU D 400 -3.03 41.39 -18.91
N LEU D 401 -3.71 42.44 -18.46
CA LEU D 401 -3.11 43.49 -17.63
C LEU D 401 -2.60 42.97 -16.28
N LEU D 402 -3.25 41.98 -15.68
CA LEU D 402 -2.79 41.33 -14.45
C LEU D 402 -1.69 40.29 -14.69
N GLU D 403 -1.78 39.50 -15.75
CA GLU D 403 -0.85 38.40 -16.05
C GLU D 403 0.48 38.85 -16.66
N ILE D 404 0.45 39.63 -17.73
CA ILE D 404 1.64 39.86 -18.56
C ILE D 404 2.81 40.53 -17.80
N PRO D 405 2.58 41.54 -16.93
CA PRO D 405 3.67 42.09 -16.12
C PRO D 405 4.32 41.09 -15.17
N ASP D 406 3.60 40.08 -14.67
CA ASP D 406 4.19 39.09 -13.79
C ASP D 406 5.07 38.07 -14.53
N ILE D 407 4.83 37.83 -15.82
CA ILE D 407 5.77 37.10 -16.68
C ILE D 407 7.13 37.82 -16.67
N PHE D 408 7.14 39.14 -16.78
CA PHE D 408 8.37 39.94 -16.83
C PHE D 408 9.08 39.99 -15.48
N ARG D 409 8.36 40.14 -14.37
CA ARG D 409 8.95 40.12 -13.02
C ARG D 409 9.63 38.79 -12.70
N VAL D 410 8.91 37.69 -12.92
CA VAL D 410 9.32 36.35 -12.48
C VAL D 410 10.25 35.69 -13.50
N GLY D 411 10.12 36.04 -14.79
CA GLY D 411 10.74 35.33 -15.91
C GLY D 411 9.87 34.17 -16.36
N ALA D 412 9.62 34.04 -17.67
CA ALA D 412 8.56 33.18 -18.21
C ALA D 412 8.68 31.71 -17.79
N SER D 413 9.89 31.13 -17.83
CA SER D 413 10.11 29.73 -17.48
C SER D 413 9.86 29.42 -16.00
N ARG D 414 10.16 30.37 -15.09
CA ARG D 414 9.79 30.26 -13.67
C ARG D 414 8.30 30.52 -13.46
N TYR D 415 7.72 31.49 -14.14
CA TYR D 415 6.31 31.85 -14.03
C TYR D 415 5.38 30.72 -14.47
N PHE D 416 5.55 30.19 -15.68
CA PHE D 416 4.74 29.09 -16.22
C PHE D 416 5.18 27.70 -15.73
N GLY D 417 6.42 27.52 -15.29
CA GLY D 417 6.94 26.23 -14.84
C GLY D 417 6.57 25.86 -13.41
N GLN D 418 6.53 26.82 -12.49
CA GLN D 418 6.32 26.56 -11.07
C GLN D 418 4.85 26.25 -10.73
N THR D 419 4.60 25.05 -10.20
CA THR D 419 3.31 24.61 -9.61
C THR D 419 2.87 25.56 -8.50
N ILE D 420 3.78 25.91 -7.59
CA ILE D 420 3.51 26.76 -6.42
C ILE D 420 2.93 28.11 -6.80
N LEU D 421 3.45 28.75 -7.84
CA LEU D 421 2.99 30.06 -8.30
C LEU D 421 1.67 30.01 -9.09
N GLY D 422 1.27 28.86 -9.62
CA GLY D 422 0.10 28.72 -10.49
C GLY D 422 0.42 28.46 -11.96
N GLY D 423 1.63 28.04 -12.30
CA GLY D 423 2.17 27.99 -13.65
C GLY D 423 1.26 27.52 -14.78
N PRO D 424 0.72 26.28 -14.76
CA PRO D 424 -0.20 25.82 -15.80
C PRO D 424 -1.49 26.63 -15.90
N PHE D 425 -2.01 27.15 -14.79
CA PHE D 425 -3.19 28.03 -14.81
C PHE D 425 -2.91 29.38 -15.46
N HIS D 426 -1.71 29.93 -15.31
CA HIS D 426 -1.30 31.14 -16.01
C HIS D 426 -1.22 30.93 -17.53
N VAL D 427 -0.76 29.77 -17.99
CA VAL D 427 -0.78 29.43 -19.41
C VAL D 427 -2.22 29.43 -19.94
N ILE D 428 -3.14 28.72 -19.29
CA ILE D 428 -4.50 28.58 -19.82
C ILE D 428 -5.34 29.84 -19.65
N ILE D 429 -5.14 30.66 -18.61
CA ILE D 429 -5.87 31.93 -18.47
C ILE D 429 -5.43 32.98 -19.50
N ILE D 430 -4.14 33.03 -19.87
CA ILE D 430 -3.66 33.87 -20.97
C ILE D 430 -4.17 33.35 -22.31
N THR D 431 -4.20 32.03 -22.48
CA THR D 431 -4.76 31.41 -23.70
C THR D 431 -6.25 31.72 -23.84
N TYR D 432 -7.03 31.60 -22.77
CA TYR D 432 -8.42 32.02 -22.70
C TYR D 432 -8.61 33.48 -23.12
N ALA D 433 -7.88 34.42 -22.49
CA ALA D 433 -8.01 35.83 -22.84
C ALA D 433 -7.63 36.13 -24.29
N SER D 434 -6.62 35.43 -24.83
CA SER D 434 -6.23 35.53 -26.23
C SER D 434 -7.32 35.04 -27.19
N LEU D 435 -7.98 33.90 -26.88
CA LEU D 435 -9.08 33.36 -27.68
C LEU D 435 -10.33 34.23 -27.62
N VAL D 436 -10.61 34.89 -26.49
CA VAL D 436 -11.70 35.86 -26.36
C VAL D 436 -11.45 37.07 -27.26
N LEU D 437 -10.25 37.65 -27.22
CA LEU D 437 -9.92 38.82 -28.04
C LEU D 437 -9.85 38.48 -29.52
N LEU D 438 -9.37 37.29 -29.89
CA LEU D 438 -9.46 36.75 -31.25
C LEU D 438 -10.92 36.66 -31.71
N THR D 439 -11.81 36.13 -30.87
CA THR D 439 -13.24 36.01 -31.20
C THR D 439 -13.88 37.38 -31.40
N MET D 440 -13.52 38.38 -30.61
CA MET D 440 -13.97 39.76 -30.82
C MET D 440 -13.52 40.31 -32.18
N VAL D 441 -12.27 40.08 -32.59
CA VAL D 441 -11.79 40.45 -33.93
C VAL D 441 -12.59 39.73 -35.02
N MET D 442 -12.86 38.42 -34.87
CA MET D 442 -13.72 37.67 -35.78
C MET D 442 -15.14 38.22 -35.88
N ARG D 443 -15.77 38.58 -34.75
CA ARG D 443 -17.10 39.19 -34.70
C ARG D 443 -17.15 40.51 -35.45
N LEU D 444 -16.16 41.37 -35.23
CA LEU D 444 -16.08 42.69 -35.85
C LEU D 444 -15.77 42.62 -37.35
N THR D 445 -15.19 41.52 -37.84
CA THR D 445 -14.77 41.34 -39.25
C THR D 445 -15.65 40.37 -40.04
N ASN D 446 -16.82 39.96 -39.51
CA ASN D 446 -17.73 38.98 -40.12
C ASN D 446 -17.06 37.63 -40.45
N MET D 447 -16.03 37.26 -39.71
CA MET D 447 -15.27 36.03 -39.96
C MET D 447 -16.06 34.80 -39.49
N ASN D 448 -16.27 33.83 -40.38
CA ASN D 448 -16.96 32.59 -40.03
C ASN D 448 -16.08 31.68 -39.16
N GLY D 449 -16.70 30.86 -38.30
CA GLY D 449 -16.02 29.88 -37.47
C GLY D 449 -15.71 30.35 -36.06
N GLU D 450 -16.49 31.26 -35.47
CA GLU D 450 -16.34 31.68 -34.06
C GLU D 450 -16.50 30.51 -33.08
N VAL D 451 -17.20 29.44 -33.48
CA VAL D 451 -17.32 28.18 -32.72
C VAL D 451 -15.96 27.65 -32.28
N VAL D 452 -14.94 27.75 -33.13
CA VAL D 452 -13.61 27.17 -32.86
C VAL D 452 -12.96 27.85 -31.66
N PRO D 453 -12.62 29.15 -31.67
CA PRO D 453 -12.04 29.79 -30.50
C PRO D 453 -12.99 29.82 -29.30
N LEU D 454 -14.31 29.94 -29.49
CA LEU D 454 -15.26 29.91 -28.37
C LEU D 454 -15.30 28.57 -27.68
N SER D 455 -15.24 27.44 -28.39
CA SER D 455 -15.24 26.12 -27.78
C SER D 455 -13.98 25.89 -26.95
N PHE D 456 -12.81 26.28 -27.46
CA PHE D 456 -11.58 26.29 -26.68
C PHE D 456 -11.68 27.23 -25.48
N ALA D 457 -12.17 28.46 -25.65
CA ALA D 457 -12.31 29.41 -24.57
C ALA D 457 -13.28 28.96 -23.48
N LEU D 458 -14.38 28.29 -23.81
CA LEU D 458 -15.30 27.73 -22.83
C LEU D 458 -14.65 26.63 -21.99
N VAL D 459 -13.89 25.74 -22.62
CA VAL D 459 -13.14 24.69 -21.91
C VAL D 459 -12.03 25.30 -21.05
N LEU D 460 -11.16 26.14 -21.60
CA LEU D 460 -10.03 26.71 -20.86
C LEU D 460 -10.46 27.73 -19.80
N GLY D 461 -11.49 28.51 -20.07
CA GLY D 461 -12.08 29.45 -19.14
C GLY D 461 -12.68 28.71 -17.94
N TRP D 462 -13.49 27.68 -18.15
CA TRP D 462 -14.02 26.89 -17.03
C TRP D 462 -12.94 26.06 -16.34
N CYS D 463 -12.04 25.38 -17.04
CA CYS D 463 -10.96 24.64 -16.37
C CYS D 463 -10.05 25.54 -15.54
N SER D 464 -9.85 26.80 -15.91
CA SER D 464 -9.12 27.78 -15.09
C SER D 464 -9.82 28.17 -13.78
N VAL D 465 -11.11 27.89 -13.58
CA VAL D 465 -11.76 27.99 -12.26
C VAL D 465 -11.09 27.06 -11.24
N MET D 466 -10.48 25.96 -11.67
CA MET D 466 -9.69 25.10 -10.79
C MET D 466 -8.45 25.79 -10.21
N TYR D 467 -8.05 26.96 -10.70
CA TYR D 467 -7.03 27.78 -10.05
C TYR D 467 -7.40 28.09 -8.61
N PHE D 468 -8.66 28.42 -8.35
CA PHE D 468 -9.17 28.79 -7.04
C PHE D 468 -9.32 27.60 -6.08
N ALA D 469 -9.19 26.37 -6.55
CA ALA D 469 -9.16 25.19 -5.69
C ALA D 469 -8.05 25.26 -4.65
N ARG D 470 -6.98 26.01 -4.91
CA ARG D 470 -5.84 26.16 -3.98
C ARG D 470 -6.24 26.82 -2.67
N GLY D 471 -7.33 27.58 -2.65
CA GLY D 471 -7.80 28.28 -1.46
C GLY D 471 -8.45 27.36 -0.42
N PHE D 472 -8.71 26.11 -0.77
CA PHE D 472 -9.50 25.19 0.03
C PHE D 472 -8.71 23.91 0.30
N GLN D 473 -8.69 23.43 1.54
CA GLN D 473 -8.01 22.18 1.88
C GLN D 473 -8.66 20.96 1.23
N MET D 474 -9.97 21.00 1.01
CA MET D 474 -10.71 19.94 0.32
C MET D 474 -10.30 19.75 -1.14
N LEU D 475 -10.00 20.84 -1.86
CA LEU D 475 -9.82 20.84 -3.31
C LEU D 475 -8.38 21.04 -3.76
N GLY D 476 -7.57 21.76 -2.97
CA GLY D 476 -6.23 22.18 -3.36
C GLY D 476 -5.25 21.03 -3.57
N PRO D 477 -5.07 20.11 -2.60
CA PRO D 477 -4.22 18.94 -2.76
C PRO D 477 -4.69 18.03 -3.89
N PHE D 478 -5.99 17.84 -4.07
CA PHE D 478 -6.55 17.08 -5.19
C PHE D 478 -6.26 17.73 -6.55
N THR D 479 -6.30 19.05 -6.66
CA THR D 479 -5.92 19.76 -7.88
C THR D 479 -4.43 19.63 -8.21
N ILE D 480 -3.57 19.49 -7.20
CA ILE D 480 -2.15 19.13 -7.40
C ILE D 480 -2.00 17.68 -7.88
N MET D 481 -2.75 16.70 -7.36
CA MET D 481 -2.77 15.35 -7.93
C MET D 481 -3.20 15.35 -9.38
N ILE D 482 -4.25 16.08 -9.77
CA ILE D 482 -4.66 16.19 -11.18
C ILE D 482 -3.46 16.59 -12.03
N GLN D 483 -2.75 17.65 -11.66
CA GLN D 483 -1.57 18.13 -12.38
C GLN D 483 -0.42 17.12 -12.43
N LYS D 484 -0.08 16.49 -11.30
CA LYS D 484 1.00 15.49 -11.22
C LYS D 484 0.66 14.23 -12.01
N MET D 485 -0.62 13.85 -12.11
CA MET D 485 -1.08 12.77 -12.96
C MET D 485 -1.11 13.13 -14.44
N ILE D 486 -1.46 14.36 -14.83
CA ILE D 486 -1.41 14.79 -16.23
C ILE D 486 0.03 14.76 -16.75
N PHE D 487 0.96 15.39 -16.04
CA PHE D 487 2.36 15.49 -16.48
C PHE D 487 3.15 14.19 -16.31
N GLY D 488 2.70 13.28 -15.45
CA GLY D 488 3.32 11.98 -15.21
C GLY D 488 2.59 10.85 -15.92
N ASP D 489 1.70 10.16 -15.21
CA ASP D 489 1.09 8.92 -15.68
C ASP D 489 0.26 9.06 -16.96
N LEU D 490 -0.49 10.15 -17.12
CA LEU D 490 -1.28 10.36 -18.34
C LEU D 490 -0.38 10.57 -19.56
N MET D 491 0.73 11.30 -19.42
CA MET D 491 1.72 11.47 -20.49
C MET D 491 2.28 10.13 -20.96
N ARG D 492 2.81 9.33 -20.05
CA ARG D 492 3.40 8.01 -20.39
C ARG D 492 2.34 7.13 -21.04
N PHE D 493 1.14 7.12 -20.52
CA PHE D 493 0.05 6.33 -21.05
C PHE D 493 -0.32 6.76 -22.46
N CYS D 494 -0.56 8.04 -22.71
CA CYS D 494 -0.95 8.55 -24.02
C CYS D 494 0.10 8.27 -25.10
N TRP D 495 1.39 8.25 -24.78
CA TRP D 495 2.42 7.83 -25.73
C TRP D 495 2.27 6.39 -26.20
N LEU D 496 2.07 5.42 -25.30
CA LEU D 496 1.95 4.03 -25.71
C LEU D 496 0.56 3.70 -26.23
N MET D 497 -0.48 4.29 -25.65
CA MET D 497 -1.86 4.27 -26.16
C MET D 497 -1.93 4.74 -27.61
N ALA D 498 -1.26 5.82 -28.00
CA ALA D 498 -1.23 6.30 -29.38
C ALA D 498 -0.63 5.29 -30.36
N VAL D 499 0.47 4.64 -29.99
CA VAL D 499 1.10 3.56 -30.76
C VAL D 499 0.14 2.36 -30.94
N VAL D 500 -0.58 1.96 -29.90
CA VAL D 500 -1.59 0.90 -29.99
C VAL D 500 -2.77 1.30 -30.87
N ILE D 501 -3.26 2.54 -30.76
CA ILE D 501 -4.33 3.06 -31.62
C ILE D 501 -3.91 3.11 -33.08
N LEU D 502 -2.69 3.52 -33.42
CA LEU D 502 -2.20 3.52 -34.80
C LEU D 502 -2.18 2.13 -35.42
N GLY D 503 -1.71 1.12 -34.70
CA GLY D 503 -1.73 -0.25 -35.17
C GLY D 503 -3.13 -0.75 -35.44
N PHE D 504 -3.99 -0.68 -34.44
CA PHE D 504 -5.34 -1.21 -34.51
C PHE D 504 -6.27 -0.41 -35.42
N ALA D 505 -6.21 0.92 -35.47
CA ALA D 505 -7.00 1.71 -36.40
C ALA D 505 -6.68 1.37 -37.84
N SER D 506 -5.41 1.16 -38.16
CA SER D 506 -4.99 0.76 -39.49
C SER D 506 -5.46 -0.63 -39.85
N ALA D 507 -5.37 -1.60 -38.94
CA ALA D 507 -5.90 -2.94 -39.15
C ALA D 507 -7.44 -2.95 -39.31
N PHE D 508 -8.19 -2.23 -38.48
CA PHE D 508 -9.63 -2.09 -38.63
C PHE D 508 -10.01 -1.38 -39.92
N HIS D 509 -9.33 -0.30 -40.29
CA HIS D 509 -9.60 0.41 -41.54
C HIS D 509 -9.42 -0.51 -42.75
N ILE D 510 -8.29 -1.20 -42.88
CA ILE D 510 -8.11 -2.09 -44.02
C ILE D 510 -9.01 -3.32 -44.00
N THR D 511 -9.44 -3.78 -42.83
CA THR D 511 -10.46 -4.82 -42.68
C THR D 511 -11.80 -4.40 -43.28
N PHE D 512 -12.19 -3.13 -43.12
CA PHE D 512 -13.47 -2.63 -43.62
C PHE D 512 -13.41 -1.96 -45.00
N GLN D 513 -12.24 -1.71 -45.58
CA GLN D 513 -12.10 -1.09 -46.91
C GLN D 513 -12.94 -1.78 -48.00
N THR D 514 -13.03 -3.10 -47.98
CA THR D 514 -13.77 -3.89 -48.96
C THR D 514 -15.28 -3.99 -48.71
N GLU D 515 -15.76 -3.53 -47.56
CA GLU D 515 -17.13 -3.70 -47.10
C GLU D 515 -17.95 -2.42 -47.24
N ASP D 516 -19.27 -2.55 -47.32
CA ASP D 516 -20.21 -1.44 -47.52
C ASP D 516 -20.25 -0.50 -46.29
N PRO D 517 -19.86 0.79 -46.42
CA PRO D 517 -19.79 1.72 -45.29
C PRO D 517 -21.13 1.94 -44.58
N ASN D 518 -22.25 1.71 -45.26
CA ASN D 518 -23.58 1.91 -44.70
C ASN D 518 -23.98 0.82 -43.69
N ASN D 519 -23.31 -0.33 -43.70
CA ASN D 519 -23.58 -1.43 -42.78
C ASN D 519 -22.70 -1.40 -41.51
N LEU D 520 -21.50 -0.81 -41.56
CA LEU D 520 -20.64 -0.55 -40.40
C LEU D 520 -19.79 0.70 -40.67
N GLY D 521 -20.11 1.80 -40.01
CA GLY D 521 -19.56 3.12 -40.31
C GLY D 521 -18.28 3.50 -39.58
N GLU D 522 -17.96 2.85 -38.47
CA GLU D 522 -16.89 3.20 -37.53
C GLU D 522 -15.51 3.33 -38.17
N PHE D 523 -15.21 2.54 -39.21
CA PHE D 523 -13.89 2.45 -39.82
C PHE D 523 -13.91 2.82 -41.31
N SER D 524 -14.92 3.60 -41.73
CA SER D 524 -15.24 3.87 -43.14
C SER D 524 -14.22 4.75 -43.87
N ASP D 525 -13.49 5.60 -43.16
CA ASP D 525 -12.25 6.26 -43.64
C ASP D 525 -11.20 6.27 -42.53
N TYR D 526 -9.95 6.57 -42.85
CA TYR D 526 -8.86 6.46 -41.89
C TYR D 526 -8.98 7.42 -40.69
N PRO D 527 -9.36 8.71 -40.85
CA PRO D 527 -9.64 9.58 -39.71
C PRO D 527 -10.77 9.07 -38.81
N THR D 528 -11.88 8.56 -39.37
CA THR D 528 -12.93 7.94 -38.57
C THR D 528 -12.42 6.68 -37.89
N ALA D 529 -11.62 5.84 -38.57
CA ALA D 529 -11.05 4.66 -37.94
C ALA D 529 -10.15 4.99 -36.75
N LEU D 530 -9.32 6.04 -36.83
CA LEU D 530 -8.53 6.52 -35.70
C LEU D 530 -9.41 6.96 -34.55
N PHE D 531 -10.40 7.79 -34.81
CA PHE D 531 -11.28 8.33 -33.77
C PHE D 531 -12.13 7.22 -33.13
N SER D 532 -12.70 6.33 -33.92
CA SER D 532 -13.40 5.16 -33.42
C SER D 532 -12.49 4.24 -32.62
N THR D 533 -11.27 3.98 -33.07
CA THR D 533 -10.32 3.16 -32.30
C THR D 533 -9.95 3.82 -30.98
N PHE D 534 -9.77 5.14 -30.97
CA PHE D 534 -9.57 5.91 -29.76
C PHE D 534 -10.76 5.82 -28.78
N GLU D 535 -11.99 5.96 -29.27
CA GLU D 535 -13.19 5.81 -28.45
C GLU D 535 -13.43 4.36 -27.99
N LEU D 536 -13.10 3.38 -28.82
CA LEU D 536 -13.14 1.97 -28.47
C LEU D 536 -12.07 1.59 -27.45
N PHE D 537 -10.87 2.17 -27.52
CA PHE D 537 -9.82 1.99 -26.53
C PHE D 537 -10.34 2.40 -25.16
N LEU D 538 -10.97 3.56 -25.10
CA LEU D 538 -11.48 4.14 -23.85
C LEU D 538 -12.83 3.57 -23.49
N THR D 539 -13.40 2.72 -24.32
CA THR D 539 -14.72 2.09 -24.09
C THR D 539 -15.83 3.14 -23.99
N ILE D 540 -15.78 4.17 -24.81
CA ILE D 540 -16.76 5.28 -24.75
C ILE D 540 -17.74 5.12 -25.91
N ILE D 541 -17.45 4.21 -26.84
CA ILE D 541 -18.41 3.86 -27.92
C ILE D 541 -18.48 2.33 -27.89
N ASP D 542 -19.62 1.76 -28.23
CA ASP D 542 -19.79 0.29 -28.13
C ASP D 542 -19.04 -0.39 -29.25
N GLY D 543 -18.59 -1.62 -29.03
CA GLY D 543 -17.84 -2.37 -30.04
C GLY D 543 -18.72 -2.55 -31.23
N PRO D 544 -18.26 -2.29 -32.47
CA PRO D 544 -19.23 -2.28 -33.55
C PRO D 544 -19.70 -3.69 -33.89
N ALA D 545 -21.00 -3.82 -34.10
CA ALA D 545 -21.68 -5.05 -34.39
C ALA D 545 -22.88 -4.78 -35.28
N ASN D 546 -23.22 -5.73 -36.12
CA ASN D 546 -24.42 -5.69 -36.94
C ASN D 546 -24.82 -7.13 -37.26
N TYR D 547 -25.65 -7.73 -36.42
CA TYR D 547 -26.01 -9.15 -36.55
C TYR D 547 -26.88 -9.45 -37.77
N SER D 548 -27.38 -8.43 -38.47
CA SER D 548 -28.11 -8.58 -39.74
C SER D 548 -27.21 -8.83 -40.96
N VAL D 549 -25.88 -8.75 -40.82
CA VAL D 549 -24.90 -8.96 -41.90
C VAL D 549 -23.70 -9.78 -41.43
N ASP D 550 -22.96 -10.34 -42.36
CA ASP D 550 -21.67 -10.99 -42.12
C ASP D 550 -20.54 -9.97 -42.11
N LEU D 551 -20.01 -9.66 -40.92
CA LEU D 551 -18.77 -8.89 -40.79
C LEU D 551 -17.57 -9.75 -41.20
N PRO D 552 -16.47 -9.16 -41.71
CA PRO D 552 -15.27 -9.91 -42.01
C PRO D 552 -14.70 -10.61 -40.77
N PHE D 553 -14.27 -11.87 -40.90
CA PHE D 553 -13.78 -12.70 -39.79
C PHE D 553 -12.53 -12.07 -39.14
N MET D 554 -11.75 -11.34 -39.94
CA MET D 554 -10.57 -10.62 -39.49
C MET D 554 -10.89 -9.49 -38.52
N TYR D 555 -12.11 -8.94 -38.54
CA TYR D 555 -12.57 -7.98 -37.55
C TYR D 555 -12.71 -8.62 -36.17
N CYS D 556 -13.36 -9.78 -36.06
CA CYS D 556 -13.53 -10.46 -34.78
C CYS D 556 -12.19 -10.84 -34.14
N ILE D 557 -11.23 -11.33 -34.94
CA ILE D 557 -9.87 -11.64 -34.49
C ILE D 557 -9.15 -10.38 -34.01
N THR D 558 -9.15 -9.32 -34.82
CA THR D 558 -8.47 -8.06 -34.49
C THR D 558 -9.11 -7.38 -33.28
N TYR D 559 -10.44 -7.36 -33.20
CA TYR D 559 -11.15 -6.74 -32.10
C TYR D 559 -11.01 -7.54 -30.80
N ALA D 560 -10.90 -8.87 -30.83
CA ALA D 560 -10.57 -9.63 -29.63
C ALA D 560 -9.18 -9.31 -29.08
N ALA D 561 -8.16 -9.22 -29.93
CA ALA D 561 -6.82 -8.81 -29.52
C ALA D 561 -6.81 -7.37 -28.99
N PHE D 562 -7.50 -6.45 -29.66
CA PHE D 562 -7.64 -5.08 -29.22
C PHE D 562 -8.35 -4.96 -27.88
N ALA D 563 -9.46 -5.66 -27.68
CA ALA D 563 -10.20 -5.66 -26.44
C ALA D 563 -9.35 -6.16 -25.26
N ILE D 564 -8.56 -7.21 -25.45
CA ILE D 564 -7.62 -7.70 -24.44
C ILE D 564 -6.47 -6.71 -24.18
N ILE D 565 -5.84 -6.14 -25.20
CA ILE D 565 -4.68 -5.26 -25.04
C ILE D 565 -5.09 -3.88 -24.55
N ALA D 566 -6.00 -3.21 -25.23
CA ALA D 566 -6.43 -1.86 -24.88
C ALA D 566 -7.32 -1.87 -23.64
N THR D 567 -8.45 -2.56 -23.64
CA THR D 567 -9.39 -2.37 -22.52
C THR D 567 -9.06 -3.23 -21.30
N LEU D 568 -8.81 -4.52 -21.45
CA LEU D 568 -8.58 -5.32 -20.24
C LEU D 568 -7.23 -4.93 -19.65
N LEU D 569 -6.18 -4.92 -20.43
CA LEU D 569 -4.85 -4.69 -19.83
C LEU D 569 -4.52 -3.22 -19.66
N MET D 570 -4.40 -2.46 -20.73
CA MET D 570 -3.84 -1.09 -20.61
C MET D 570 -4.75 -0.10 -19.89
N LEU D 571 -6.04 -0.14 -20.14
CA LEU D 571 -6.95 0.78 -19.46
C LEU D 571 -7.04 0.51 -17.95
N ASN D 572 -6.93 -0.76 -17.52
CA ASN D 572 -6.90 -1.13 -16.10
C ASN D 572 -5.52 -0.96 -15.49
N LEU D 573 -4.44 -1.20 -16.24
CA LEU D 573 -3.09 -0.90 -15.82
C LEU D 573 -2.87 0.59 -15.59
N PHE D 574 -3.58 1.47 -16.30
CA PHE D 574 -3.58 2.90 -16.00
C PHE D 574 -4.09 3.20 -14.59
N ILE D 575 -5.21 2.59 -14.19
CA ILE D 575 -5.74 2.69 -12.82
C ILE D 575 -4.72 2.18 -11.82
N ALA D 576 -4.10 1.02 -12.08
CA ALA D 576 -3.09 0.44 -11.21
C ALA D 576 -1.87 1.35 -11.04
N MET D 577 -1.31 1.90 -12.11
CA MET D 577 -0.14 2.78 -11.99
C MET D 577 -0.49 4.13 -11.37
N MET D 578 -1.67 4.68 -11.63
CA MET D 578 -2.18 5.83 -10.90
C MET D 578 -2.33 5.55 -9.40
N GLY D 579 -2.93 4.43 -9.01
CA GLY D 579 -3.02 4.04 -7.61
C GLY D 579 -1.66 3.93 -6.95
N ASP D 580 -0.68 3.40 -7.65
CA ASP D 580 0.68 3.24 -7.18
C ASP D 580 1.49 4.55 -7.14
N THR D 581 1.19 5.52 -8.00
CA THR D 581 1.71 6.89 -7.92
C THR D 581 1.07 7.65 -6.78
N HIS D 582 -0.24 7.50 -6.58
CA HIS D 582 -1.02 8.30 -5.65
C HIS D 582 -0.47 8.19 -4.22
N TRP D 583 -0.21 6.99 -3.72
CA TRP D 583 0.27 6.81 -2.36
C TRP D 583 1.68 7.36 -2.14
N ARG D 584 2.54 7.34 -3.18
CA ARG D 584 3.89 7.89 -3.14
C ARG D 584 3.94 9.40 -3.15
N VAL D 585 3.10 10.01 -4.00
CA VAL D 585 3.01 11.45 -4.20
C VAL D 585 2.25 12.17 -3.08
N ALA D 586 1.40 11.48 -2.32
CA ALA D 586 0.50 12.09 -1.34
C ALA D 586 1.18 13.02 -0.31
N GLN D 587 2.38 12.71 0.18
CA GLN D 587 3.07 13.60 1.10
C GLN D 587 3.54 14.89 0.43
N GLU D 588 4.18 14.80 -0.75
CA GLU D 588 4.56 15.97 -1.54
C GLU D 588 3.36 16.80 -1.98
N ARG D 589 2.25 16.17 -2.37
CA ARG D 589 1.00 16.85 -2.72
C ARG D 589 0.53 17.81 -1.61
N ASP D 590 0.61 17.39 -0.36
CA ASP D 590 0.23 18.23 0.79
C ASP D 590 1.23 19.35 1.05
N GLU D 591 2.53 19.08 0.95
CA GLU D 591 3.58 20.09 1.08
C GLU D 591 3.49 21.17 -0.01
N LEU D 592 3.21 20.76 -1.25
CA LEU D 592 2.94 21.66 -2.36
C LEU D 592 1.66 22.47 -2.15
N TRP D 593 0.60 21.90 -1.60
CA TRP D 593 -0.61 22.66 -1.32
C TRP D 593 -0.38 23.72 -0.26
N ARG D 594 0.24 23.36 0.84
CA ARG D 594 0.58 24.34 1.90
C ARG D 594 1.46 25.46 1.32
N ALA D 595 2.43 25.18 0.46
CA ALA D 595 3.21 26.20 -0.22
C ALA D 595 2.41 27.04 -1.25
N GLN D 596 1.44 26.47 -1.96
CA GLN D 596 0.53 27.22 -2.84
C GLN D 596 -0.32 28.23 -2.08
N VAL D 597 -0.78 27.90 -0.86
CA VAL D 597 -1.51 28.84 -0.01
C VAL D 597 -0.66 30.04 0.33
N VAL D 598 0.62 29.82 0.68
CA VAL D 598 1.56 30.91 0.95
C VAL D 598 1.85 31.73 -0.29
N ALA D 599 2.10 31.10 -1.43
CA ALA D 599 2.29 31.80 -2.70
C ALA D 599 1.08 32.64 -3.10
N THR D 600 -0.13 32.16 -2.85
CA THR D 600 -1.36 32.91 -3.08
C THR D 600 -1.42 34.14 -2.18
N THR D 601 -1.10 33.97 -0.90
CA THR D 601 -1.06 35.05 0.10
C THR D 601 -0.05 36.14 -0.30
N VAL D 602 1.14 35.74 -0.72
CA VAL D 602 2.22 36.63 -1.18
C VAL D 602 1.82 37.37 -2.46
N MET D 603 1.21 36.68 -3.42
CA MET D 603 0.68 37.25 -4.65
C MET D 603 -0.44 38.27 -4.39
N LEU D 604 -1.42 37.94 -3.57
CA LEU D 604 -2.53 38.84 -3.25
C LEU D 604 -2.04 40.10 -2.54
N GLU D 605 -1.18 39.98 -1.53
CA GLU D 605 -0.65 41.14 -0.83
C GLU D 605 0.16 42.06 -1.75
N ARG D 606 0.92 41.49 -2.69
CA ARG D 606 1.71 42.21 -3.69
C ARG D 606 0.83 42.96 -4.69
N LYS D 607 -0.19 42.30 -5.25
CA LYS D 607 -1.02 42.82 -6.34
C LYS D 607 -2.20 43.69 -5.90
N MET D 608 -2.83 43.39 -4.77
CA MET D 608 -3.99 44.16 -4.29
C MET D 608 -3.60 45.55 -3.75
N PRO D 609 -4.54 46.52 -3.69
CA PRO D 609 -4.32 47.80 -3.04
C PRO D 609 -3.88 47.66 -1.58
N ARG D 610 -2.87 48.43 -1.15
CA ARG D 610 -2.30 48.32 0.20
C ARG D 610 -3.28 48.66 1.32
N PHE D 611 -4.32 49.49 1.08
CA PHE D 611 -5.34 49.74 2.10
C PHE D 611 -6.15 48.48 2.49
N LEU D 612 -6.19 47.46 1.63
CA LEU D 612 -6.82 46.16 1.94
C LEU D 612 -5.89 45.22 2.70
N TRP D 613 -4.60 45.50 2.76
CA TRP D 613 -3.57 44.67 3.38
C TRP D 613 -2.74 45.45 4.42
N PRO D 614 -3.31 45.75 5.61
CA PRO D 614 -2.58 46.36 6.71
C PRO D 614 -1.29 45.61 7.05
N ARG D 615 -0.22 46.34 7.38
CA ARG D 615 1.09 45.74 7.70
C ARG D 615 0.97 44.72 8.82
N SER D 616 1.55 43.53 8.61
CA SER D 616 1.40 42.38 9.51
C SER D 616 2.25 42.48 10.75
N GLY D 617 1.79 41.87 11.83
CA GLY D 617 2.46 41.88 13.12
C GLY D 617 2.17 43.14 13.94
N ILE D 618 3.09 43.42 14.83
CA ILE D 618 2.99 44.35 15.95
C ILE D 618 3.96 45.51 15.70
N CYS D 619 3.48 46.74 15.64
CA CYS D 619 4.32 47.92 15.48
C CYS D 619 5.10 48.22 16.77
N GLY D 620 6.44 48.15 16.72
CA GLY D 620 7.29 48.43 17.87
C GLY D 620 7.26 49.88 18.35
N TYR D 621 6.94 50.84 17.49
CA TYR D 621 6.89 52.26 17.84
C TYR D 621 5.80 52.56 18.89
N GLU D 622 4.72 51.79 18.91
CA GLU D 622 3.66 51.91 19.93
C GLU D 622 4.13 51.54 21.35
N TYR D 623 5.27 50.86 21.49
CA TYR D 623 5.76 50.28 22.74
C TYR D 623 7.21 50.66 23.09
N GLY D 624 7.76 51.66 22.42
CA GLY D 624 9.14 52.13 22.64
C GLY D 624 10.24 51.24 22.07
N LEU D 625 9.90 50.29 21.18
CA LEU D 625 10.83 49.34 20.56
C LEU D 625 11.45 49.84 19.24
N GLY D 626 11.07 51.04 18.81
CA GLY D 626 11.68 51.55 17.58
C GLY D 626 10.78 51.40 16.38
N ASP D 627 11.36 51.36 15.19
CA ASP D 627 10.59 51.30 13.94
C ASP D 627 10.41 49.86 13.49
N ARG D 628 10.75 48.91 14.34
CA ARG D 628 10.67 47.51 13.89
C ARG D 628 9.27 46.95 14.14
N TRP D 629 8.90 45.98 13.33
CA TRP D 629 7.64 45.24 13.48
C TRP D 629 7.91 43.81 13.90
N PHE D 630 7.02 43.23 14.68
CA PHE D 630 7.24 41.95 15.34
C PHE D 630 6.07 40.98 15.19
N LEU D 631 6.33 39.69 15.37
CA LEU D 631 5.30 38.70 15.63
C LEU D 631 5.50 38.13 17.02
N ARG D 632 4.45 38.10 17.84
CA ARG D 632 4.54 37.45 19.17
C ARG D 632 4.01 36.04 19.05
N VAL D 633 4.83 35.08 19.39
CA VAL D 633 4.46 33.67 19.41
C VAL D 633 4.54 33.19 20.85
N GLU D 634 3.41 32.71 21.37
CA GLU D 634 3.32 32.07 22.67
C GLU D 634 3.19 30.55 22.50
N ASN D 635 4.00 29.79 23.22
CA ASN D 635 4.13 28.35 23.01
C ASN D 635 4.24 27.60 24.34
N HIS D 636 3.84 26.33 24.28
CA HIS D 636 3.86 25.36 25.37
C HIS D 636 5.06 24.41 25.20
N HIS D 637 5.79 24.15 26.27
CA HIS D 637 6.98 23.29 26.27
C HIS D 637 7.08 22.43 27.54
#